data_4W53
# 
_entry.id   4W53 
# 
_audit_conform.dict_name       mmcif_pdbx.dic 
_audit_conform.dict_version    5.379 
_audit_conform.dict_location   http://mmcif.pdb.org/dictionaries/ascii/mmcif_pdbx.dic 
# 
loop_
_database_2.database_id 
_database_2.database_code 
_database_2.pdbx_database_accession 
_database_2.pdbx_DOI 
PDB   4W53         pdb_00004w53 10.2210/pdb4w53/pdb 
WWPDB D_1000203180 ?            ?                   
# 
_pdbx_database_status.status_code                     REL 
_pdbx_database_status.status_code_sf                  REL 
_pdbx_database_status.status_code_mr                  ? 
_pdbx_database_status.entry_id                        4W53 
_pdbx_database_status.recvd_initial_deposition_date   2014-08-16 
_pdbx_database_status.SG_entry                        N 
_pdbx_database_status.deposit_site                    RCSB 
_pdbx_database_status.process_site                    RCSB 
_pdbx_database_status.status_code_cs                  ? 
_pdbx_database_status.methods_development_category    ? 
_pdbx_database_status.pdb_format_compatible           Y 
_pdbx_database_status.status_code_nmr_data            ? 
# 
loop_
_audit_author.name 
_audit_author.pdbx_ordinal 
'Merski, M.'     1 
'Shoichet, B.K.' 2 
'Eidam, O.'      3 
'Fischer, M.'    4 
# 
_citation.abstract                  ? 
_citation.abstract_id_CAS           ? 
_citation.book_id_ISBN              ? 
_citation.book_publisher            ? 
_citation.book_publisher_city       ? 
_citation.book_title                ? 
_citation.coordinate_linkage        ? 
_citation.country                   US 
_citation.database_id_Medline       ? 
_citation.details                   ? 
_citation.id                        primary 
_citation.journal_abbrev            Proc.Natl.Acad.Sci.USA 
_citation.journal_id_ASTM           PNASA6 
_citation.journal_id_CSD            0040 
_citation.journal_id_ISSN           1091-6490 
_citation.journal_full              ? 
_citation.journal_issue             ? 
_citation.journal_volume            112 
_citation.language                  ? 
_citation.page_first                5039 
_citation.page_last                 5044 
_citation.title                     'Homologous ligands accommodated by discrete conformations of a buried cavity.' 
_citation.year                      2015 
_citation.database_id_CSD           ? 
_citation.pdbx_database_id_DOI      10.1073/pnas.1500806112 
_citation.pdbx_database_id_PubMed   25847998 
_citation.unpublished_flag          ? 
# 
loop_
_citation_author.citation_id 
_citation_author.name 
_citation_author.ordinal 
_citation_author.identifier_ORCID 
primary 'Merski, M.'     1 ? 
primary 'Fischer, M.'    2 ? 
primary 'Balius, T.E.'   3 ? 
primary 'Eidam, O.'      4 ? 
primary 'Shoichet, B.K.' 5 ? 
# 
_cell.length_a           60.340 
_cell.length_b           60.340 
_cell.length_c           96.970 
_cell.angle_alpha        90.000 
_cell.angle_beta         90.000 
_cell.angle_gamma        120.000 
_cell.entry_id           4W53 
_cell.Z_PDB              6 
_cell.pdbx_unique_axis   ? 
# 
_symmetry.entry_id                         4W53 
_symmetry.cell_setting                     ? 
_symmetry.Int_Tables_number                154 
_symmetry.space_group_name_Hall            ? 
_symmetry.space_group_name_H-M             'P 32 2 1' 
_symmetry.pdbx_full_space_group_name_H-M   ? 
# 
loop_
_entity.id 
_entity.type 
_entity.src_method 
_entity.pdbx_description 
_entity.formula_weight 
_entity.pdbx_number_of_molecules 
_entity.pdbx_ec 
_entity.pdbx_mutation 
_entity.pdbx_fragment 
_entity.details 
1 polymer     man Endolysin                                             19691.541 1   3.2.1.17 L99A ? ? 
2 non-polymer syn TOLUENE                                               92.138    1   ?        ?    ? ? 
3 non-polymer syn '4-(2-HYDROXYETHYL)-1-PIPERAZINE ETHANESULFONIC ACID' 238.305   1   ?        ?    ? ? 
4 water       nat water                                                 18.015    142 ?        ?    ? ? 
# 
_entity_name_com.entity_id   1 
_entity_name_com.name        'Lysis protein,Lysozyme,Muramidase' 
# 
_entity_poly.entity_id                      1 
_entity_poly.type                           'polypeptide(L)' 
_entity_poly.nstd_linkage                   no 
_entity_poly.nstd_monomer                   no 
_entity_poly.pdbx_seq_one_letter_code       
;MNIFEMLRIDEGLRLKIYKDTEGYYTIGIGHLLTKSPSLNAAKSELDKAIGRNCNGVITKDEAEKLFNQDVDAAVRGILR
NAKLKPVYDSLDAVRRCAAINMVFQMGETGVAGFTNSLRMLQQKRWDEAAVNLAKSRWYNQTPNRAKRVITTFRTGTWDA
YKNLLEHHHHHH
;
_entity_poly.pdbx_seq_one_letter_code_can   
;MNIFEMLRIDEGLRLKIYKDTEGYYTIGIGHLLTKSPSLNAAKSELDKAIGRNCNGVITKDEAEKLFNQDVDAAVRGILR
NAKLKPVYDSLDAVRRCAAINMVFQMGETGVAGFTNSLRMLQQKRWDEAAVNLAKSRWYNQTPNRAKRVITTFRTGTWDA
YKNLLEHHHHHH
;
_entity_poly.pdbx_strand_id                 A 
_entity_poly.pdbx_target_identifier         ? 
# 
loop_
_entity_poly_seq.entity_id 
_entity_poly_seq.num 
_entity_poly_seq.mon_id 
_entity_poly_seq.hetero 
1 1   MET n 
1 2   ASN n 
1 3   ILE n 
1 4   PHE n 
1 5   GLU n 
1 6   MET n 
1 7   LEU n 
1 8   ARG n 
1 9   ILE n 
1 10  ASP n 
1 11  GLU n 
1 12  GLY n 
1 13  LEU n 
1 14  ARG n 
1 15  LEU n 
1 16  LYS n 
1 17  ILE n 
1 18  TYR n 
1 19  LYS n 
1 20  ASP n 
1 21  THR n 
1 22  GLU n 
1 23  GLY n 
1 24  TYR n 
1 25  TYR n 
1 26  THR n 
1 27  ILE n 
1 28  GLY n 
1 29  ILE n 
1 30  GLY n 
1 31  HIS n 
1 32  LEU n 
1 33  LEU n 
1 34  THR n 
1 35  LYS n 
1 36  SER n 
1 37  PRO n 
1 38  SER n 
1 39  LEU n 
1 40  ASN n 
1 41  ALA n 
1 42  ALA n 
1 43  LYS n 
1 44  SER n 
1 45  GLU n 
1 46  LEU n 
1 47  ASP n 
1 48  LYS n 
1 49  ALA n 
1 50  ILE n 
1 51  GLY n 
1 52  ARG n 
1 53  ASN n 
1 54  CYS n 
1 55  ASN n 
1 56  GLY n 
1 57  VAL n 
1 58  ILE n 
1 59  THR n 
1 60  LYS n 
1 61  ASP n 
1 62  GLU n 
1 63  ALA n 
1 64  GLU n 
1 65  LYS n 
1 66  LEU n 
1 67  PHE n 
1 68  ASN n 
1 69  GLN n 
1 70  ASP n 
1 71  VAL n 
1 72  ASP n 
1 73  ALA n 
1 74  ALA n 
1 75  VAL n 
1 76  ARG n 
1 77  GLY n 
1 78  ILE n 
1 79  LEU n 
1 80  ARG n 
1 81  ASN n 
1 82  ALA n 
1 83  LYS n 
1 84  LEU n 
1 85  LYS n 
1 86  PRO n 
1 87  VAL n 
1 88  TYR n 
1 89  ASP n 
1 90  SER n 
1 91  LEU n 
1 92  ASP n 
1 93  ALA n 
1 94  VAL n 
1 95  ARG n 
1 96  ARG n 
1 97  CYS n 
1 98  ALA n 
1 99  ALA n 
1 100 ILE n 
1 101 ASN n 
1 102 MET n 
1 103 VAL n 
1 104 PHE n 
1 105 GLN n 
1 106 MET n 
1 107 GLY n 
1 108 GLU n 
1 109 THR n 
1 110 GLY n 
1 111 VAL n 
1 112 ALA n 
1 113 GLY n 
1 114 PHE n 
1 115 THR n 
1 116 ASN n 
1 117 SER n 
1 118 LEU n 
1 119 ARG n 
1 120 MET n 
1 121 LEU n 
1 122 GLN n 
1 123 GLN n 
1 124 LYS n 
1 125 ARG n 
1 126 TRP n 
1 127 ASP n 
1 128 GLU n 
1 129 ALA n 
1 130 ALA n 
1 131 VAL n 
1 132 ASN n 
1 133 LEU n 
1 134 ALA n 
1 135 LYS n 
1 136 SER n 
1 137 ARG n 
1 138 TRP n 
1 139 TYR n 
1 140 ASN n 
1 141 GLN n 
1 142 THR n 
1 143 PRO n 
1 144 ASN n 
1 145 ARG n 
1 146 ALA n 
1 147 LYS n 
1 148 ARG n 
1 149 VAL n 
1 150 ILE n 
1 151 THR n 
1 152 THR n 
1 153 PHE n 
1 154 ARG n 
1 155 THR n 
1 156 GLY n 
1 157 THR n 
1 158 TRP n 
1 159 ASP n 
1 160 ALA n 
1 161 TYR n 
1 162 LYS n 
1 163 ASN n 
1 164 LEU n 
1 165 LEU n 
1 166 GLU n 
1 167 HIS n 
1 168 HIS n 
1 169 HIS n 
1 170 HIS n 
1 171 HIS n 
1 172 HIS n 
# 
_entity_src_gen.entity_id                          1 
_entity_src_gen.pdbx_src_id                        1 
_entity_src_gen.pdbx_alt_source_flag               sample 
_entity_src_gen.pdbx_seq_type                      'Biological sequence' 
_entity_src_gen.pdbx_beg_seq_num                   1 
_entity_src_gen.pdbx_end_seq_num                   172 
_entity_src_gen.gene_src_common_name               ? 
_entity_src_gen.gene_src_genus                     ? 
_entity_src_gen.pdbx_gene_src_gene                 ? 
_entity_src_gen.gene_src_species                   ? 
_entity_src_gen.gene_src_strain                    ? 
_entity_src_gen.gene_src_tissue                    ? 
_entity_src_gen.gene_src_tissue_fraction           ? 
_entity_src_gen.gene_src_details                   ? 
_entity_src_gen.pdbx_gene_src_fragment             ? 
_entity_src_gen.pdbx_gene_src_scientific_name      'Enterobacteria phage T4' 
_entity_src_gen.pdbx_gene_src_ncbi_taxonomy_id     10665 
_entity_src_gen.pdbx_gene_src_variant              ? 
_entity_src_gen.pdbx_gene_src_cell_line            ? 
_entity_src_gen.pdbx_gene_src_atcc                 ? 
_entity_src_gen.pdbx_gene_src_organ                ? 
_entity_src_gen.pdbx_gene_src_organelle            ? 
_entity_src_gen.pdbx_gene_src_cell                 ? 
_entity_src_gen.pdbx_gene_src_cellular_location    ? 
_entity_src_gen.host_org_common_name               ? 
_entity_src_gen.pdbx_host_org_scientific_name      'Escherichia coli' 
_entity_src_gen.pdbx_host_org_ncbi_taxonomy_id     469008 
_entity_src_gen.host_org_genus                     ? 
_entity_src_gen.pdbx_host_org_gene                 ? 
_entity_src_gen.pdbx_host_org_organ                ? 
_entity_src_gen.host_org_species                   ? 
_entity_src_gen.pdbx_host_org_tissue               ? 
_entity_src_gen.pdbx_host_org_tissue_fraction      ? 
_entity_src_gen.pdbx_host_org_strain               'BL21(DE3)' 
_entity_src_gen.pdbx_host_org_variant              ? 
_entity_src_gen.pdbx_host_org_cell_line            ? 
_entity_src_gen.pdbx_host_org_atcc                 ? 
_entity_src_gen.pdbx_host_org_culture_collection   ? 
_entity_src_gen.pdbx_host_org_cell                 ? 
_entity_src_gen.pdbx_host_org_organelle            ? 
_entity_src_gen.pdbx_host_org_cellular_location    ? 
_entity_src_gen.pdbx_host_org_vector_type          plasmid 
_entity_src_gen.pdbx_host_org_vector               ? 
_entity_src_gen.host_org_details                   ? 
_entity_src_gen.expression_system_id               ? 
_entity_src_gen.plasmid_name                       pET29 
_entity_src_gen.plasmid_details                    ? 
_entity_src_gen.pdbx_description                   ? 
# 
_struct_ref.id                         1 
_struct_ref.db_name                    UNP 
_struct_ref.db_code                    ENLYS_BPT4 
_struct_ref.pdbx_db_accession          P00720 
_struct_ref.pdbx_db_isoform            ? 
_struct_ref.entity_id                  1 
_struct_ref.pdbx_seq_one_letter_code   
;MNIFEMLRIDERLRLKIYKDTEGYYTIGIGHLLTKSPSLNAAKSELDKAIGRNCNGVITKDEAEKLFNQDVDAAVRGILR
NAKLKPVYDSLDAVRRCALINMVFQMGETGVAGFTNSLRMLQQKRWDEAAVNLAKSIWYNQTPNRAKRVITTFRTGTWDA
YKNL
;
_struct_ref.pdbx_align_begin           1 
# 
_struct_ref_seq.align_id                      1 
_struct_ref_seq.ref_id                        1 
_struct_ref_seq.pdbx_PDB_id_code              4W53 
_struct_ref_seq.pdbx_strand_id                A 
_struct_ref_seq.seq_align_beg                 1 
_struct_ref_seq.pdbx_seq_align_beg_ins_code   ? 
_struct_ref_seq.seq_align_end                 164 
_struct_ref_seq.pdbx_seq_align_end_ins_code   ? 
_struct_ref_seq.pdbx_db_accession             P00720 
_struct_ref_seq.db_align_beg                  1 
_struct_ref_seq.pdbx_db_align_beg_ins_code    ? 
_struct_ref_seq.db_align_end                  164 
_struct_ref_seq.pdbx_db_align_end_ins_code    ? 
_struct_ref_seq.pdbx_auth_seq_align_beg       1 
_struct_ref_seq.pdbx_auth_seq_align_end       164 
# 
loop_
_struct_ref_seq_dif.align_id 
_struct_ref_seq_dif.pdbx_pdb_id_code 
_struct_ref_seq_dif.mon_id 
_struct_ref_seq_dif.pdbx_pdb_strand_id 
_struct_ref_seq_dif.seq_num 
_struct_ref_seq_dif.pdbx_pdb_ins_code 
_struct_ref_seq_dif.pdbx_seq_db_name 
_struct_ref_seq_dif.pdbx_seq_db_accession_code 
_struct_ref_seq_dif.db_mon_id 
_struct_ref_seq_dif.pdbx_seq_db_seq_num 
_struct_ref_seq_dif.details 
_struct_ref_seq_dif.pdbx_auth_seq_num 
_struct_ref_seq_dif.pdbx_ordinal 
1 4W53 GLY A 12  ? UNP P00720 ARG 12  variant               12  1  
1 4W53 ALA A 99  ? UNP P00720 LEU 99  'engineered mutation' 99  2  
1 4W53 ARG A 137 ? UNP P00720 ILE 137 variant               137 3  
1 4W53 LEU A 165 ? UNP P00720 ?   ?   'expression tag'      165 4  
1 4W53 GLU A 166 ? UNP P00720 ?   ?   'expression tag'      166 5  
1 4W53 HIS A 167 ? UNP P00720 ?   ?   'expression tag'      167 6  
1 4W53 HIS A 168 ? UNP P00720 ?   ?   'expression tag'      168 7  
1 4W53 HIS A 169 ? UNP P00720 ?   ?   'expression tag'      169 8  
1 4W53 HIS A 170 ? UNP P00720 ?   ?   'expression tag'      170 9  
1 4W53 HIS A 171 ? UNP P00720 ?   ?   'expression tag'      171 10 
1 4W53 HIS A 172 ? UNP P00720 ?   ?   'expression tag'      172 11 
# 
loop_
_chem_comp.id 
_chem_comp.type 
_chem_comp.mon_nstd_flag 
_chem_comp.name 
_chem_comp.pdbx_synonyms 
_chem_comp.formula 
_chem_comp.formula_weight 
ALA 'L-peptide linking' y ALANINE                                               ?     'C3 H7 N O2'     89.093  
ARG 'L-peptide linking' y ARGININE                                              ?     'C6 H15 N4 O2 1' 175.209 
ASN 'L-peptide linking' y ASPARAGINE                                            ?     'C4 H8 N2 O3'    132.118 
ASP 'L-peptide linking' y 'ASPARTIC ACID'                                       ?     'C4 H7 N O4'     133.103 
CYS 'L-peptide linking' y CYSTEINE                                              ?     'C3 H7 N O2 S'   121.158 
EPE non-polymer         . '4-(2-HYDROXYETHYL)-1-PIPERAZINE ETHANESULFONIC ACID' HEPES 'C8 H18 N2 O4 S' 238.305 
GLN 'L-peptide linking' y GLUTAMINE                                             ?     'C5 H10 N2 O3'   146.144 
GLU 'L-peptide linking' y 'GLUTAMIC ACID'                                       ?     'C5 H9 N O4'     147.129 
GLY 'peptide linking'   y GLYCINE                                               ?     'C2 H5 N O2'     75.067  
HIS 'L-peptide linking' y HISTIDINE                                             ?     'C6 H10 N3 O2 1' 156.162 
HOH non-polymer         . WATER                                                 ?     'H2 O'           18.015  
ILE 'L-peptide linking' y ISOLEUCINE                                            ?     'C6 H13 N O2'    131.173 
LEU 'L-peptide linking' y LEUCINE                                               ?     'C6 H13 N O2'    131.173 
LYS 'L-peptide linking' y LYSINE                                                ?     'C6 H15 N2 O2 1' 147.195 
MBN non-polymer         . TOLUENE                                               ?     'C7 H8'          92.138  
MET 'L-peptide linking' y METHIONINE                                            ?     'C5 H11 N O2 S'  149.211 
PHE 'L-peptide linking' y PHENYLALANINE                                         ?     'C9 H11 N O2'    165.189 
PRO 'L-peptide linking' y PROLINE                                               ?     'C5 H9 N O2'     115.130 
SER 'L-peptide linking' y SERINE                                                ?     'C3 H7 N O3'     105.093 
THR 'L-peptide linking' y THREONINE                                             ?     'C4 H9 N O3'     119.119 
TRP 'L-peptide linking' y TRYPTOPHAN                                            ?     'C11 H12 N2 O2'  204.225 
TYR 'L-peptide linking' y TYROSINE                                              ?     'C9 H11 N O3'    181.189 
VAL 'L-peptide linking' y VALINE                                                ?     'C5 H11 N O2'    117.146 
# 
_exptl.absorpt_coefficient_mu     ? 
_exptl.absorpt_correction_T_max   ? 
_exptl.absorpt_correction_T_min   ? 
_exptl.absorpt_correction_type    ? 
_exptl.absorpt_process_details    ? 
_exptl.entry_id                   4W53 
_exptl.crystals_number            1 
_exptl.details                    ? 
_exptl.method                     'X-RAY DIFFRACTION' 
_exptl.method_details             ? 
# 
_exptl_crystal.colour                      ? 
_exptl_crystal.density_diffrn              ? 
_exptl_crystal.density_Matthews            2.59 
_exptl_crystal.density_method              ? 
_exptl_crystal.density_percent_sol         52.47 
_exptl_crystal.description                 ? 
_exptl_crystal.F_000                       ? 
_exptl_crystal.id                          1 
_exptl_crystal.preparation                 ? 
_exptl_crystal.size_max                    ? 
_exptl_crystal.size_mid                    ? 
_exptl_crystal.size_min                    ? 
_exptl_crystal.size_rad                    ? 
_exptl_crystal.colour_lustre               ? 
_exptl_crystal.colour_modifier             ? 
_exptl_crystal.colour_primary              ? 
_exptl_crystal.density_meas                ? 
_exptl_crystal.density_meas_esd            ? 
_exptl_crystal.density_meas_gt             ? 
_exptl_crystal.density_meas_lt             ? 
_exptl_crystal.density_meas_temp           ? 
_exptl_crystal.density_meas_temp_esd       ? 
_exptl_crystal.density_meas_temp_gt        ? 
_exptl_crystal.density_meas_temp_lt        ? 
_exptl_crystal.pdbx_crystal_image_url      ? 
_exptl_crystal.pdbx_crystal_image_format   ? 
_exptl_crystal.pdbx_mosaicity              ? 
_exptl_crystal.pdbx_mosaicity_esd          ? 
# 
_exptl_crystal_grow.apparatus       ? 
_exptl_crystal_grow.atmosphere      ? 
_exptl_crystal_grow.crystal_id      1 
_exptl_crystal_grow.details         ? 
_exptl_crystal_grow.method          'VAPOR DIFFUSION, HANGING DROP' 
_exptl_crystal_grow.method_ref      ? 
_exptl_crystal_grow.pH              7.5 
_exptl_crystal_grow.pressure        ? 
_exptl_crystal_grow.pressure_esd    ? 
_exptl_crystal_grow.seeding         ? 
_exptl_crystal_grow.seeding_ref     ? 
_exptl_crystal_grow.temp            277 
_exptl_crystal_grow.temp_details    ? 
_exptl_crystal_grow.temp_esd        ? 
_exptl_crystal_grow.time            ? 
_exptl_crystal_grow.pdbx_details    
'20% (w/v) PEGF-4000, 10% 2-propanol, 0.1 M HEPES, 50 mM 2-mercaptoethanol, 50 mM 2-hydroxyethyl disulfide' 
_exptl_crystal_grow.pdbx_pH_range   ? 
# 
_diffrn.ambient_environment    ? 
_diffrn.ambient_temp           100 
_diffrn.ambient_temp_details   ? 
_diffrn.ambient_temp_esd       ? 
_diffrn.crystal_id             1 
_diffrn.crystal_support        ? 
_diffrn.crystal_treatment      ? 
_diffrn.details                ? 
_diffrn.id                     1 
_diffrn.ambient_pressure       ? 
_diffrn.ambient_pressure_esd   ? 
_diffrn.ambient_pressure_gt    ? 
_diffrn.ambient_pressure_lt    ? 
_diffrn.ambient_temp_gt        ? 
_diffrn.ambient_temp_lt        ? 
# 
_diffrn_detector.details                      ? 
_diffrn_detector.detector                     CCD 
_diffrn_detector.diffrn_id                    1 
_diffrn_detector.type                         'ADSC QUANTUM 315r' 
_diffrn_detector.area_resol_mean              ? 
_diffrn_detector.dtime                        ? 
_diffrn_detector.pdbx_frames_total            ? 
_diffrn_detector.pdbx_collection_time_total   ? 
_diffrn_detector.pdbx_collection_date         2009-07-23 
# 
_diffrn_radiation.collimation                      ? 
_diffrn_radiation.diffrn_id                        1 
_diffrn_radiation.filter_edge                      ? 
_diffrn_radiation.inhomogeneity                    ? 
_diffrn_radiation.monochromator                    'two flat Si(111) crystals, mounted in a model DCM from Khozu' 
_diffrn_radiation.polarisn_norm                    ? 
_diffrn_radiation.polarisn_ratio                   ? 
_diffrn_radiation.probe                            ? 
_diffrn_radiation.type                             ? 
_diffrn_radiation.xray_symbol                      ? 
_diffrn_radiation.wavelength_id                    1 
_diffrn_radiation.pdbx_monochromatic_or_laue_m_l   M 
_diffrn_radiation.pdbx_wavelength_list             ? 
_diffrn_radiation.pdbx_wavelength                  ? 
_diffrn_radiation.pdbx_diffrn_protocol             'SINGLE WAVELENGTH' 
_diffrn_radiation.pdbx_analyzer                    ? 
_diffrn_radiation.pdbx_scattering_type             x-ray 
# 
_diffrn_radiation_wavelength.id           1 
_diffrn_radiation_wavelength.wavelength   1.116 
_diffrn_radiation_wavelength.wt           1.0 
# 
_diffrn_source.current                     ? 
_diffrn_source.details                     ? 
_diffrn_source.diffrn_id                   1 
_diffrn_source.power                       ? 
_diffrn_source.size                        ? 
_diffrn_source.source                      SYNCHROTRON 
_diffrn_source.target                      ? 
_diffrn_source.type                        'ALS BEAMLINE 8.3.1' 
_diffrn_source.voltage                     ? 
_diffrn_source.take-off_angle              ? 
_diffrn_source.pdbx_wavelength_list        1.116 
_diffrn_source.pdbx_wavelength             ? 
_diffrn_source.pdbx_synchrotron_beamline   8.3.1 
_diffrn_source.pdbx_synchrotron_site       ALS 
# 
_reflns.B_iso_Wilson_estimate            14.720 
_reflns.entry_id                         4W53 
_reflns.data_reduction_details           ? 
_reflns.data_reduction_method            ? 
_reflns.d_resolution_high                1.560 
_reflns.d_resolution_low                 50.0 
_reflns.details                          ? 
_reflns.limit_h_max                      ? 
_reflns.limit_h_min                      ? 
_reflns.limit_k_max                      ? 
_reflns.limit_k_min                      ? 
_reflns.limit_l_max                      ? 
_reflns.limit_l_min                      ? 
_reflns.number_all                       ? 
_reflns.number_obs                       33182 
_reflns.observed_criterion               ? 
_reflns.observed_criterion_F_max         ? 
_reflns.observed_criterion_F_min         ? 
_reflns.observed_criterion_I_max         ? 
_reflns.observed_criterion_I_min         ? 
_reflns.observed_criterion_sigma_F       ? 
_reflns.observed_criterion_sigma_I       -3.000 
_reflns.percent_possible_obs             99.600 
_reflns.R_free_details                   ? 
_reflns.Rmerge_F_all                     ? 
_reflns.Rmerge_F_obs                     0.076 
_reflns.Friedel_coverage                 ? 
_reflns.number_gt                        ? 
_reflns.threshold_expression             ? 
_reflns.pdbx_redundancy                  8.1 
_reflns.pdbx_Rmerge_I_obs                0.063 
_reflns.pdbx_Rmerge_I_all                ? 
_reflns.pdbx_Rsym_value                  ? 
_reflns.pdbx_netI_over_av_sigmaI         ? 
_reflns.pdbx_netI_over_sigmaI            20.320 
_reflns.pdbx_res_netI_over_av_sigmaI_2   ? 
_reflns.pdbx_res_netI_over_sigmaI_2      ? 
_reflns.pdbx_chi_squared                 0.972 
_reflns.pdbx_scaling_rejects             ? 
_reflns.pdbx_d_res_high_opt              ? 
_reflns.pdbx_d_res_low_opt               ? 
_reflns.pdbx_d_res_opt_method            ? 
_reflns.phase_calculation_details        ? 
_reflns.pdbx_Rrim_I_all                  0.067 
_reflns.pdbx_Rpim_I_all                  ? 
_reflns.pdbx_d_opt                       ? 
_reflns.pdbx_number_measured_all         243127 
_reflns.pdbx_diffrn_id                   1 
_reflns.pdbx_ordinal                     1 
_reflns.pdbx_CC_half                     ? 
_reflns.pdbx_R_split                     ? 
# 
loop_
_reflns_shell.d_res_high 
_reflns_shell.d_res_low 
_reflns_shell.meanI_over_sigI_all 
_reflns_shell.meanI_over_sigI_obs 
_reflns_shell.number_measured_all 
_reflns_shell.number_measured_obs 
_reflns_shell.number_possible 
_reflns_shell.number_unique_all 
_reflns_shell.number_unique_obs 
_reflns_shell.percent_possible_all 
_reflns_shell.percent_possible_obs 
_reflns_shell.Rmerge_F_all 
_reflns_shell.Rmerge_F_obs 
_reflns_shell.Rmerge_I_all 
_reflns_shell.Rmerge_I_obs 
_reflns_shell.meanI_over_sigI_gt 
_reflns_shell.meanI_over_uI_all 
_reflns_shell.meanI_over_uI_gt 
_reflns_shell.number_measured_gt 
_reflns_shell.number_unique_gt 
_reflns_shell.percent_possible_gt 
_reflns_shell.Rmerge_F_gt 
_reflns_shell.Rmerge_I_gt 
_reflns_shell.pdbx_redundancy 
_reflns_shell.pdbx_Rsym_value 
_reflns_shell.pdbx_chi_squared 
_reflns_shell.pdbx_netI_over_sigmaI_all 
_reflns_shell.pdbx_netI_over_sigmaI_obs 
_reflns_shell.pdbx_Rrim_I_all 
_reflns_shell.pdbx_Rpim_I_all 
_reflns_shell.pdbx_rejects 
_reflns_shell.pdbx_ordinal 
_reflns_shell.pdbx_diffrn_id 
_reflns_shell.pdbx_CC_half 
_reflns_shell.pdbx_R_split 
1.560  1.660  ? 4.470  ? 39398 4962 ? 4924 99.200  ? ? 0.391 ? 0.494 ? ? ? ? ? ? ? ? ? ? ? ? ? 0.527 ? 0 1  1 ? ? 
1.660  1.770  ? 6.930  ? 35147 4278 ? 4263 99.600  ? ? 0.229 ? 0.296 ? ? ? ? ? ? ? ? ? ? ? ? ? 0.316 ? 0 2  1 ? ? 
1.770  1.910  ? 10.480 ? 34393 4093 ? 4083 99.800  ? ? 0.147 ? 0.191 ? ? ? ? ? ? ? ? ? ? ? ? ? 0.204 ? 0 3  1 ? ? 
1.910  2.080  ? 16.850 ? 30762 3644 ? 3641 99.900  ? ? 0.081 ? 0.113 ? ? ? ? ? ? ? ? ? ? ? ? ? 0.121 ? 0 4  1 ? ? 
2.080  2.250  ? 24.320 ? 21926 2620 ? 2619 100.000 ? ? 0.052 ? 0.076 ? ? ? ? ? ? ? ? ? ? ? ? ? 0.081 ? 0 5  1 ? ? 
2.250  2.590  ? 29.840 ? 28484 3430 ? 3430 100.000 ? ? 0.039 ? 0.061 ? ? ? ? ? ? ? ? ? ? ? ? ? 0.065 ? 0 6  1 ? ? 
2.590  3.170  ? 35.930 ? 24019 2993 ? 2990 99.900  ? ? 0.030 ? 0.048 ? ? ? ? ? ? ? ? ? ? ? ? ? 0.051 ? 0 7  1 ? ? 
3.170  4.480  ? 46.620 ? 18768 2334 ? 2333 100.000 ? ? 0.018 ? 0.035 ? ? ? ? ? ? ? ? ? ? ? ? ? 0.037 ? 0 8  1 ? ? 
4.480  10.000 ? 48.080 ? 9511  1247 ? 1232 98.800  ? ? 0.016 ? 0.033 ? ? ? ? ? ? ? ? ? ? ? ? ? 0.035 ? 0 9  1 ? ? 
10.000 ?      ? 42.510 ? 719   144  ? 121  84.000  ? ? 0.020 ? 0.031 ? ? ? ? ? ? ? ? ? ? ? ? ? 0.034 ? 0 10 1 ? ? 
# 
_refine.aniso_B[1][1]                            0.2430 
_refine.aniso_B[1][2]                            -0.0000 
_refine.aniso_B[1][3]                            -0.0000 
_refine.aniso_B[2][2]                            0.2430 
_refine.aniso_B[2][3]                            0.0000 
_refine.aniso_B[3][3]                            -0.4860 
_refine.B_iso_max                                62.420 
_refine.B_iso_mean                               17.1525 
_refine.B_iso_min                                7.680 
_refine.correlation_coeff_Fo_to_Fc               ? 
_refine.correlation_coeff_Fo_to_Fc_free          ? 
_refine.details                                  ? 
_refine.diff_density_max                         ? 
_refine.diff_density_max_esd                     ? 
_refine.diff_density_min                         ? 
_refine.diff_density_min_esd                     ? 
_refine.diff_density_rms                         ? 
_refine.diff_density_rms_esd                     ? 
_refine.entry_id                                 4W53 
_refine.pdbx_refine_id                           'X-RAY DIFFRACTION' 
_refine.ls_abs_structure_details                 ? 
_refine.ls_abs_structure_Flack                   ? 
_refine.ls_abs_structure_Flack_esd               ? 
_refine.ls_abs_structure_Rogers                  ? 
_refine.ls_abs_structure_Rogers_esd              ? 
_refine.ls_d_res_high                            1.5600 
_refine.ls_d_res_low                             46.0020 
_refine.ls_extinction_coef                       ? 
_refine.ls_extinction_coef_esd                   ? 
_refine.ls_extinction_expression                 ? 
_refine.ls_extinction_method                     ? 
_refine.ls_goodness_of_fit_all                   ? 
_refine.ls_goodness_of_fit_all_esd               ? 
_refine.ls_goodness_of_fit_obs                   ? 
_refine.ls_goodness_of_fit_obs_esd               ? 
_refine.ls_hydrogen_treatment                    ? 
_refine.ls_matrix_type                           ? 
_refine.ls_number_constraints                    ? 
_refine.ls_number_parameters                     ? 
_refine.ls_number_reflns_all                     ? 
_refine.ls_number_reflns_obs                     29630 
_refine.ls_number_reflns_R_free                  1185 
_refine.ls_number_reflns_R_work                  28445 
_refine.ls_number_restraints                     ? 
_refine.ls_percent_reflns_obs                    99.6200 
_refine.ls_percent_reflns_R_free                 4.0000 
_refine.ls_R_factor_all                          ? 
_refine.ls_R_factor_obs                          0.1748 
_refine.ls_R_factor_R_free                       0.2049 
_refine.ls_R_factor_R_free_error                 ? 
_refine.ls_R_factor_R_free_error_details         ? 
_refine.ls_R_factor_R_work                       0.1736 
_refine.ls_R_Fsqd_factor_obs                     ? 
_refine.ls_R_I_factor_obs                        ? 
_refine.ls_redundancy_reflns_all                 ? 
_refine.ls_redundancy_reflns_obs                 ? 
_refine.ls_restrained_S_all                      ? 
_refine.ls_restrained_S_obs                      ? 
_refine.ls_shift_over_esd_max                    ? 
_refine.ls_shift_over_esd_mean                   ? 
_refine.ls_structure_factor_coef                 ? 
_refine.ls_weighting_details                     ? 
_refine.ls_weighting_scheme                      ? 
_refine.ls_wR_factor_all                         ? 
_refine.ls_wR_factor_obs                         ? 
_refine.ls_wR_factor_R_free                      ? 
_refine.ls_wR_factor_R_work                      ? 
_refine.occupancy_max                            ? 
_refine.occupancy_min                            ? 
_refine.solvent_model_details                    'FLAT BULK SOLVENT MODEL' 
_refine.solvent_model_param_bsol                 43.2270 
_refine.solvent_model_param_ksol                 0.3990 
_refine.ls_R_factor_gt                           ? 
_refine.ls_goodness_of_fit_gt                    ? 
_refine.ls_goodness_of_fit_ref                   ? 
_refine.ls_shift_over_su_max                     ? 
_refine.ls_shift_over_su_max_lt                  ? 
_refine.ls_shift_over_su_mean                    ? 
_refine.ls_shift_over_su_mean_lt                 ? 
_refine.pdbx_ls_sigma_I                          ? 
_refine.pdbx_ls_sigma_F                          1.990 
_refine.pdbx_ls_sigma_Fsqd                       ? 
_refine.pdbx_data_cutoff_high_absF               ? 
_refine.pdbx_data_cutoff_high_rms_absF           ? 
_refine.pdbx_data_cutoff_low_absF                ? 
_refine.pdbx_isotropic_thermal_model             ? 
_refine.pdbx_ls_cross_valid_method               'FREE R-VALUE' 
_refine.pdbx_method_to_determine_struct          'MOLECULAR REPLACEMENT' 
_refine.pdbx_starting_model                      181L 
_refine.pdbx_stereochemistry_target_values       ML 
_refine.pdbx_R_Free_selection_details            'Random selection' 
_refine.pdbx_stereochem_target_val_spec_case     ? 
_refine.pdbx_overall_ESU_R                       ? 
_refine.pdbx_overall_ESU_R_Free                  ? 
_refine.pdbx_solvent_vdw_probe_radii             1.2000 
_refine.pdbx_solvent_ion_probe_radii             ? 
_refine.pdbx_solvent_shrinkage_radii             0.9500 
_refine.pdbx_real_space_R                        ? 
_refine.pdbx_density_correlation                 ? 
_refine.pdbx_pd_number_of_powder_patterns        ? 
_refine.pdbx_pd_number_of_points                 ? 
_refine.pdbx_pd_meas_number_of_points            ? 
_refine.pdbx_pd_proc_ls_prof_R_factor            ? 
_refine.pdbx_pd_proc_ls_prof_wR_factor           ? 
_refine.pdbx_pd_Marquardt_correlation_coeff      ? 
_refine.pdbx_pd_Fsqrd_R_factor                   ? 
_refine.pdbx_pd_ls_matrix_band_width             ? 
_refine.pdbx_overall_phase_error                 18.0200 
_refine.pdbx_overall_SU_R_free_Cruickshank_DPI   ? 
_refine.pdbx_overall_SU_R_free_Blow_DPI          ? 
_refine.pdbx_overall_SU_R_Blow_DPI               ? 
_refine.pdbx_TLS_residual_ADP_flag               ? 
_refine.pdbx_diffrn_id                           1 
_refine.overall_SU_B                             ? 
_refine.overall_SU_ML                            0.3100 
_refine.overall_SU_R_Cruickshank_DPI             ? 
_refine.overall_SU_R_free                        ? 
_refine.overall_FOM_free_R_set                   ? 
_refine.overall_FOM_work_R_set                   ? 
# 
_refine_hist.cycle_id                         final 
_refine_hist.pdbx_refine_id                   'X-RAY DIFFRACTION' 
_refine_hist.d_res_high                       1.5600 
_refine_hist.d_res_low                        46.0020 
_refine_hist.pdbx_number_atoms_ligand         22 
_refine_hist.number_atoms_solvent             142 
_refine_hist.number_atoms_total               1447 
_refine_hist.pdbx_number_residues_total       164 
_refine_hist.pdbx_B_iso_mean_ligand           25.59 
_refine_hist.pdbx_B_iso_mean_solvent          27.16 
_refine_hist.pdbx_number_atoms_protein        1283 
_refine_hist.pdbx_number_atoms_nucleic_acid   0 
# 
loop_
_refine_ls_restr.pdbx_refine_id 
_refine_ls_restr.criterion 
_refine_ls_restr.dev_ideal 
_refine_ls_restr.dev_ideal_target 
_refine_ls_restr.number 
_refine_ls_restr.rejects 
_refine_ls_restr.type 
_refine_ls_restr.weight 
_refine_ls_restr.pdbx_restraint_function 
'X-RAY DIFFRACTION' ? 0.013  ? 1406 ? f_bond_d           ? ? 
'X-RAY DIFFRACTION' ? 1.406  ? 1903 ? f_angle_d          ? ? 
'X-RAY DIFFRACTION' ? 0.078  ? 210  ? f_chiral_restr     ? ? 
'X-RAY DIFFRACTION' ? 0.007  ? 244  ? f_plane_restr      ? ? 
'X-RAY DIFFRACTION' ? 13.198 ? 532  ? f_dihedral_angle_d ? ? 
# 
loop_
_refine_ls_shell.pdbx_refine_id 
_refine_ls_shell.d_res_high 
_refine_ls_shell.d_res_low 
_refine_ls_shell.number_reflns_all 
_refine_ls_shell.number_reflns_obs 
_refine_ls_shell.number_reflns_R_free 
_refine_ls_shell.number_reflns_R_work 
_refine_ls_shell.percent_reflns_obs 
_refine_ls_shell.percent_reflns_R_free 
_refine_ls_shell.R_factor_all 
_refine_ls_shell.R_factor_obs 
_refine_ls_shell.R_factor_R_free 
_refine_ls_shell.R_factor_R_free_error 
_refine_ls_shell.R_factor_R_work 
_refine_ls_shell.redundancy_reflns_all 
_refine_ls_shell.redundancy_reflns_obs 
_refine_ls_shell.wR_factor_all 
_refine_ls_shell.wR_factor_obs 
_refine_ls_shell.wR_factor_R_free 
_refine_ls_shell.wR_factor_R_work 
_refine_ls_shell.pdbx_total_number_of_bins_used 
_refine_ls_shell.pdbx_phase_error 
'X-RAY DIFFRACTION' 1.5600 1.6310  3645 . 146 3499 99.0000  . . . 0.2480 . 0.2047 . . . . . . 8 . 
'X-RAY DIFFRACTION' 1.6310 1.7170  3623 . 144 3479 100.0000 . . . 0.2560 . 0.1924 . . . . . . 8 . 
'X-RAY DIFFRACTION' 1.7170 1.8246  3647 . 146 3501 100.0000 . . . 0.2239 . 0.1815 . . . . . . 8 . 
'X-RAY DIFFRACTION' 1.8246 1.9655  3688 . 147 3541 100.0000 . . . 0.2182 . 0.1661 . . . . . . 8 . 
'X-RAY DIFFRACTION' 1.9655 2.1633  3693 . 148 3545 100.0000 . . . 0.1942 . 0.1597 . . . . . . 8 . 
'X-RAY DIFFRACTION' 2.1633 2.4763  3698 . 148 3550 100.0000 . . . 0.1829 . 0.1669 . . . . . . 8 . 
'X-RAY DIFFRACTION' 2.4763 3.1198  3748 . 150 3598 100.0000 . . . 0.2113 . 0.1842 . . . . . . 8 . 
'X-RAY DIFFRACTION' 3.1198 46.0217 3888 . 156 3732 99.0000  . . . 0.1947 . 0.1684 . . . . . . 8 . 
# 
_struct.entry_id                     4W53 
_struct.title                        'T4 Lysozyme L99A with Toluene Bound' 
_struct.pdbx_model_details           ? 
_struct.pdbx_formula_weight          ? 
_struct.pdbx_formula_weight_method   ? 
_struct.pdbx_model_type_details      ? 
_struct.pdbx_CASP_flag               ? 
# 
_struct_keywords.entry_id        4W53 
_struct_keywords.text            HYDROLASE 
_struct_keywords.pdbx_keywords   HYDROLASE 
# 
loop_
_struct_asym.id 
_struct_asym.pdbx_blank_PDB_chainid_flag 
_struct_asym.pdbx_modified 
_struct_asym.entity_id 
_struct_asym.details 
A N N 1 ? 
B N N 2 ? 
C N N 3 ? 
D N N 4 ? 
# 
loop_
_struct_conf.conf_type_id 
_struct_conf.id 
_struct_conf.pdbx_PDB_helix_id 
_struct_conf.beg_label_comp_id 
_struct_conf.beg_label_asym_id 
_struct_conf.beg_label_seq_id 
_struct_conf.pdbx_beg_PDB_ins_code 
_struct_conf.end_label_comp_id 
_struct_conf.end_label_asym_id 
_struct_conf.end_label_seq_id 
_struct_conf.pdbx_end_PDB_ins_code 
_struct_conf.beg_auth_comp_id 
_struct_conf.beg_auth_asym_id 
_struct_conf.beg_auth_seq_id 
_struct_conf.end_auth_comp_id 
_struct_conf.end_auth_asym_id 
_struct_conf.end_auth_seq_id 
_struct_conf.pdbx_PDB_helix_class 
_struct_conf.details 
_struct_conf.pdbx_PDB_helix_length 
HELX_P HELX_P1  AA1 ASN A 2   ? GLY A 12  ? ASN A 2   GLY A 12  1 ? 11 
HELX_P HELX_P2  AA2 SER A 38  ? GLY A 51  ? SER A 38  GLY A 51  1 ? 14 
HELX_P HELX_P3  AA3 THR A 59  ? ASN A 81  ? THR A 59  ASN A 81  1 ? 23 
HELX_P HELX_P4  AA4 LYS A 83  ? LEU A 91  ? LYS A 83  LEU A 91  1 ? 9  
HELX_P HELX_P5  AA5 ASP A 92  ? GLY A 107 ? ASP A 92  GLY A 107 1 ? 16 
HELX_P HELX_P6  AA6 GLY A 107 ? GLY A 113 ? GLY A 107 GLY A 113 1 ? 7  
HELX_P HELX_P7  AA7 PHE A 114 ? GLN A 123 ? PHE A 114 GLN A 123 1 ? 10 
HELX_P HELX_P8  AA8 ARG A 125 ? LYS A 135 ? ARG A 125 LYS A 135 1 ? 11 
HELX_P HELX_P9  AA9 SER A 136 ? THR A 142 ? SER A 136 THR A 142 1 ? 7  
HELX_P HELX_P10 AB1 THR A 142 ? GLY A 156 ? THR A 142 GLY A 156 1 ? 15 
# 
_struct_conf_type.id          HELX_P 
_struct_conf_type.criteria    ? 
_struct_conf_type.reference   ? 
# 
_struct_mon_prot_cis.pdbx_id                1 
_struct_mon_prot_cis.label_comp_id          LYS 
_struct_mon_prot_cis.label_seq_id           162 
_struct_mon_prot_cis.label_asym_id          A 
_struct_mon_prot_cis.label_alt_id           . 
_struct_mon_prot_cis.pdbx_PDB_ins_code      ? 
_struct_mon_prot_cis.auth_comp_id           LYS 
_struct_mon_prot_cis.auth_seq_id            162 
_struct_mon_prot_cis.auth_asym_id           A 
_struct_mon_prot_cis.pdbx_label_comp_id_2   ASN 
_struct_mon_prot_cis.pdbx_label_seq_id_2    163 
_struct_mon_prot_cis.pdbx_label_asym_id_2   A 
_struct_mon_prot_cis.pdbx_PDB_ins_code_2    ? 
_struct_mon_prot_cis.pdbx_auth_comp_id_2    ASN 
_struct_mon_prot_cis.pdbx_auth_seq_id_2     163 
_struct_mon_prot_cis.pdbx_auth_asym_id_2    A 
_struct_mon_prot_cis.pdbx_PDB_model_num     1 
_struct_mon_prot_cis.pdbx_omega_angle       -2.28 
# 
_struct_sheet.id               AA1 
_struct_sheet.type             ? 
_struct_sheet.number_strands   3 
_struct_sheet.details          ? 
# 
loop_
_struct_sheet_order.sheet_id 
_struct_sheet_order.range_id_1 
_struct_sheet_order.range_id_2 
_struct_sheet_order.offset 
_struct_sheet_order.sense 
AA1 1 2 ? anti-parallel 
AA1 2 3 ? anti-parallel 
# 
loop_
_struct_sheet_range.sheet_id 
_struct_sheet_range.id 
_struct_sheet_range.beg_label_comp_id 
_struct_sheet_range.beg_label_asym_id 
_struct_sheet_range.beg_label_seq_id 
_struct_sheet_range.pdbx_beg_PDB_ins_code 
_struct_sheet_range.end_label_comp_id 
_struct_sheet_range.end_label_asym_id 
_struct_sheet_range.end_label_seq_id 
_struct_sheet_range.pdbx_end_PDB_ins_code 
_struct_sheet_range.beg_auth_comp_id 
_struct_sheet_range.beg_auth_asym_id 
_struct_sheet_range.beg_auth_seq_id 
_struct_sheet_range.end_auth_comp_id 
_struct_sheet_range.end_auth_asym_id 
_struct_sheet_range.end_auth_seq_id 
AA1 1 ARG A 14 ? LYS A 19 ? ARG A 14 LYS A 19 
AA1 2 TYR A 25 ? GLY A 28 ? TYR A 25 GLY A 28 
AA1 3 HIS A 31 ? THR A 34 ? HIS A 31 THR A 34 
# 
loop_
_pdbx_struct_sheet_hbond.sheet_id 
_pdbx_struct_sheet_hbond.range_id_1 
_pdbx_struct_sheet_hbond.range_id_2 
_pdbx_struct_sheet_hbond.range_1_label_atom_id 
_pdbx_struct_sheet_hbond.range_1_label_comp_id 
_pdbx_struct_sheet_hbond.range_1_label_asym_id 
_pdbx_struct_sheet_hbond.range_1_label_seq_id 
_pdbx_struct_sheet_hbond.range_1_PDB_ins_code 
_pdbx_struct_sheet_hbond.range_1_auth_atom_id 
_pdbx_struct_sheet_hbond.range_1_auth_comp_id 
_pdbx_struct_sheet_hbond.range_1_auth_asym_id 
_pdbx_struct_sheet_hbond.range_1_auth_seq_id 
_pdbx_struct_sheet_hbond.range_2_label_atom_id 
_pdbx_struct_sheet_hbond.range_2_label_comp_id 
_pdbx_struct_sheet_hbond.range_2_label_asym_id 
_pdbx_struct_sheet_hbond.range_2_label_seq_id 
_pdbx_struct_sheet_hbond.range_2_PDB_ins_code 
_pdbx_struct_sheet_hbond.range_2_auth_atom_id 
_pdbx_struct_sheet_hbond.range_2_auth_comp_id 
_pdbx_struct_sheet_hbond.range_2_auth_asym_id 
_pdbx_struct_sheet_hbond.range_2_auth_seq_id 
AA1 1 2 N TYR A 18 ? N TYR A 18 O THR A 26 ? O THR A 26 
AA1 2 3 N TYR A 25 ? N TYR A 25 O LEU A 33 ? O LEU A 33 
# 
loop_
_struct_site.id 
_struct_site.pdbx_evidence_code 
_struct_site.pdbx_auth_asym_id 
_struct_site.pdbx_auth_comp_id 
_struct_site.pdbx_auth_seq_id 
_struct_site.pdbx_auth_ins_code 
_struct_site.pdbx_num_residues 
_struct_site.details 
AC1 Software A MBN 200 ? 4 'binding site for residue MBN A 200' 
AC2 Software A EPE 201 ? 7 'binding site for residue EPE A 201' 
# 
loop_
_struct_site_gen.id 
_struct_site_gen.site_id 
_struct_site_gen.pdbx_num_res 
_struct_site_gen.label_comp_id 
_struct_site_gen.label_asym_id 
_struct_site_gen.label_seq_id 
_struct_site_gen.pdbx_auth_ins_code 
_struct_site_gen.auth_comp_id 
_struct_site_gen.auth_asym_id 
_struct_site_gen.auth_seq_id 
_struct_site_gen.label_atom_id 
_struct_site_gen.label_alt_id 
_struct_site_gen.symmetry 
_struct_site_gen.details 
1  AC1 4 ALA A 99  ? ALA A 99  . ? 1_555 ? 
2  AC1 4 VAL A 111 ? VAL A 111 . ? 1_555 ? 
3  AC1 4 LEU A 118 ? LEU A 118 . ? 1_555 ? 
4  AC1 4 PHE A 153 ? PHE A 153 . ? 1_555 ? 
5  AC2 7 GLY A 30  ? GLY A 30  . ? 1_555 ? 
6  AC2 7 HIS A 31  ? HIS A 31  . ? 1_555 ? 
7  AC2 7 LEU A 32  ? LEU A 32  . ? 1_555 ? 
8  AC2 7 LYS A 35  ? LYS A 35  . ? 1_555 ? 
9  AC2 7 ASP A 70  ? ASP A 70  . ? 1_555 ? 
10 AC2 7 PHE A 104 ? PHE A 104 . ? 1_555 ? 
11 AC2 7 HOH D .   ? HOH A 439 . ? 1_555 ? 
# 
_atom_sites.entry_id                    4W53 
_atom_sites.fract_transf_matrix[1][1]   -0.00811165 
_atom_sites.fract_transf_matrix[1][2]   0.01726496 
_atom_sites.fract_transf_matrix[1][3]   -0.00152745 
_atom_sites.fract_transf_matrix[2][1]   -0.01884202 
_atom_sites.fract_transf_matrix[2][2]   0.00148758 
_atom_sites.fract_transf_matrix[2][3]   -0.00299838 
_atom_sites.fract_transf_matrix[3][1]   -0.00160926 
_atom_sites.fract_transf_matrix[3][2]   0.00014496 
_atom_sites.fract_transf_matrix[3][3]   0.01018463 
_atom_sites.fract_transf_vector[1]      -0.321001 
_atom_sites.fract_transf_vector[2]      0.221753 
_atom_sites.fract_transf_vector[3]      0.099372 
# 
loop_
_atom_type.symbol 
C 
N 
O 
S 
# 
loop_
_atom_site.group_PDB 
_atom_site.id 
_atom_site.type_symbol 
_atom_site.label_atom_id 
_atom_site.label_alt_id 
_atom_site.label_comp_id 
_atom_site.label_asym_id 
_atom_site.label_entity_id 
_atom_site.label_seq_id 
_atom_site.pdbx_PDB_ins_code 
_atom_site.Cartn_x 
_atom_site.Cartn_y 
_atom_site.Cartn_z 
_atom_site.occupancy 
_atom_site.B_iso_or_equiv 
_atom_site.pdbx_formal_charge 
_atom_site.auth_seq_id 
_atom_site.auth_comp_id 
_atom_site.auth_asym_id 
_atom_site.auth_atom_id 
_atom_site.pdbx_PDB_model_num 
ATOM   1    N N   . MET A 1 1   ? 15.418  7.803   1.631   1.00 28.48 ? 1   MET A N   1 
ATOM   2    C CA  A MET A 1 1   ? 14.062  7.294   1.521   0.50 18.42 ? 1   MET A CA  1 
ATOM   3    C CA  B MET A 1 1   ? 14.061  7.280   1.485   0.50 18.42 ? 1   MET A CA  1 
ATOM   4    C C   . MET A 1 1   ? 13.962  5.874   2.065   1.00 15.07 ? 1   MET A C   1 
ATOM   5    O O   . MET A 1 1   ? 14.891  5.065   1.962   1.00 17.13 ? 1   MET A O   1 
ATOM   6    C CB  A MET A 1 1   ? 13.600  7.358   0.064   0.50 18.04 ? 1   MET A CB  1 
ATOM   7    C CB  B MET A 1 1   ? 13.624  7.278   0.006   0.50 18.07 ? 1   MET A CB  1 
ATOM   8    C CG  A MET A 1 1   ? 12.190  6.886   -0.160  0.50 14.09 ? 1   MET A CG  1 
ATOM   9    C CG  B MET A 1 1   ? 13.318  8.650   -0.607  0.50 21.23 ? 1   MET A CG  1 
ATOM   10   S SD  A MET A 1 1   ? 10.949  8.133   0.150   0.50 21.05 ? 1   MET A SD  1 
ATOM   11   S SD  B MET A 1 1   ? 11.690  9.262   -0.146  0.50 27.49 ? 1   MET A SD  1 
ATOM   12   C CE  A MET A 1 1   ? 11.651  9.486   -0.792  0.50 25.54 ? 1   MET A CE  1 
ATOM   13   C CE  B MET A 1 1   ? 10.695  7.945   -0.842  0.50 15.69 ? 1   MET A CE  1 
ATOM   14   N N   . ASN A 1 2   ? 12.821  5.578   2.664   1.00 13.61 ? 2   ASN A N   1 
ATOM   15   C CA  . ASN A 1 2   ? 12.535  4.255   3.188   1.00 12.62 ? 2   ASN A CA  1 
ATOM   16   C C   . ASN A 1 2   ? 11.041  4.053   2.999   1.00 11.85 ? 2   ASN A C   1 
ATOM   17   O O   . ASN A 1 2   ? 10.351  4.957   2.513   1.00 11.20 ? 2   ASN A O   1 
ATOM   18   C CB  . ASN A 1 2   ? 12.930  4.155   4.680   1.00 14.22 ? 2   ASN A CB  1 
ATOM   19   C CG  . ASN A 1 2   ? 12.272  5.217   5.542   1.00 12.71 ? 2   ASN A CG  1 
ATOM   20   O OD1 . ASN A 1 2   ? 11.045  5.305   5.603   1.00 12.03 ? 2   ASN A OD1 1 
ATOM   21   N ND2 . ASN A 1 2   ? 13.078  6.021   6.230   1.00 13.46 ? 2   ASN A ND2 1 
ATOM   22   N N   . ILE A 1 3   ? 10.544  2.879   3.376   1.00 10.93 ? 3   ILE A N   1 
ATOM   23   C CA  . ILE A 1 3   ? 9.141   2.534   3.113   1.00 11.94 ? 3   ILE A CA  1 
ATOM   24   C C   . ILE A 1 3   ? 8.168   3.470   3.838   1.00 11.56 ? 3   ILE A C   1 
ATOM   25   O O   . ILE A 1 3   ? 7.087   3.765   3.304   1.00 10.37 ? 3   ILE A O   1 
ATOM   26   C CB  . ILE A 1 3   ? 8.859   1.038   3.492   1.00 11.11 ? 3   ILE A CB  1 
ATOM   27   C CG1 . ILE A 1 3   ? 7.427   0.613   3.135   1.00 10.56 ? 3   ILE A CG1 1 
ATOM   28   C CG2 . ILE A 1 3   ? 9.176   0.796   4.982   1.00 11.23 ? 3   ILE A CG2 1 
ATOM   29   C CD1 . ILE A 1 3   ? 7.042   0.829   1.645   1.00 10.43 ? 3   ILE A CD1 1 
ATOM   30   N N   . PHE A 1 4   ? 8.518   3.948   5.031   1.00 9.93  ? 4   PHE A N   1 
ATOM   31   C CA  . PHE A 1 4   ? 7.638   4.877   5.728   1.00 9.23  ? 4   PHE A CA  1 
ATOM   32   C C   . PHE A 1 4   ? 7.546   6.198   5.002   1.00 10.46 ? 4   PHE A C   1 
ATOM   33   O O   . PHE A 1 4   ? 6.443   6.756   4.859   1.00 11.15 ? 4   PHE A O   1 
ATOM   34   C CB  . PHE A 1 4   ? 8.074   5.037   7.207   1.00 9.53  ? 4   PHE A CB  1 
ATOM   35   C CG  . PHE A 1 4   ? 7.892   3.799   7.990   1.00 9.32  ? 4   PHE A CG  1 
ATOM   36   C CD1 . PHE A 1 4   ? 6.680   3.547   8.633   1.00 12.13 ? 4   PHE A CD1 1 
ATOM   37   C CD2 . PHE A 1 4   ? 8.899   2.860   8.078   1.00 12.92 ? 4   PHE A CD2 1 
ATOM   38   C CE1 . PHE A 1 4   ? 6.486   2.363   9.316   1.00 13.72 ? 4   PHE A CE1 1 
ATOM   39   C CE2 . PHE A 1 4   ? 8.712   1.688   8.778   1.00 13.90 ? 4   PHE A CE2 1 
ATOM   40   C CZ  . PHE A 1 4   ? 7.522   1.439   9.381   1.00 11.38 ? 4   PHE A CZ  1 
ATOM   41   N N   . GLU A 1 5   ? 8.669   6.731   4.545   1.00 10.63 ? 5   GLU A N   1 
ATOM   42   C CA  . GLU A 1 5   ? 8.623   8.012   3.845   1.00 11.75 ? 5   GLU A CA  1 
ATOM   43   C C   . GLU A 1 5   ? 7.868   7.861   2.535   1.00 11.32 ? 5   GLU A C   1 
ATOM   44   O O   . GLU A 1 5   ? 7.112   8.752   2.122   1.00 11.31 ? 5   GLU A O   1 
ATOM   45   C CB  . GLU A 1 5   ? 10.041  8.544   3.585   1.00 10.22 ? 5   GLU A CB  1 
ATOM   46   C CG  . GLU A 1 5   ? 10.776  8.872   4.882   1.00 11.78 ? 5   GLU A CG  1 
ATOM   47   C CD  . GLU A 1 5   ? 12.195  9.403   4.680   1.00 21.45 ? 5   GLU A CD  1 
ATOM   48   O OE1 . GLU A 1 5   ? 12.760  9.226   3.595   1.00 28.32 ? 5   GLU A OE1 1 
ATOM   49   O OE2 . GLU A 1 5   ? 12.751  10.005  5.632   1.00 20.97 ? 5   GLU A OE2 1 
ATOM   50   N N   . MET A 1 6   ? 8.092   6.729   1.880   1.00 9.98  ? 6   MET A N   1 
ATOM   51   C CA  . MET A 1 6   ? 7.446   6.481   0.597   1.00 8.38  ? 6   MET A CA  1 
ATOM   52   C C   . MET A 1 6   ? 5.923   6.435   0.723   1.00 9.89  ? 6   MET A C   1 
ATOM   53   O O   . MET A 1 6   ? 5.209   7.115   -0.043  1.00 8.67  ? 6   MET A O   1 
ATOM   54   C CB  . MET A 1 6   ? 7.990   5.174   0.022   1.00 10.87 ? 6   MET A CB  1 
ATOM   55   C CG  . MET A 1 6   ? 7.433   4.819   -1.338  1.00 9.89  ? 6   MET A CG  1 
ATOM   56   S SD  . MET A 1 6   ? 7.723   3.036   -1.669  1.00 10.40 ? 6   MET A SD  1 
ATOM   57   C CE  . MET A 1 6   ? 7.822   2.962   -3.460  1.00 13.31 ? 6   MET A CE  1 
ATOM   58   N N   . LEU A 1 7   ? 5.417   5.623   1.651   1.00 10.36 ? 7   LEU A N   1 
ATOM   59   C CA  . LEU A 1 7   ? 3.981   5.524   1.828   1.00 9.73  ? 7   LEU A CA  1 
ATOM   60   C C   . LEU A 1 7   ? 3.401   6.795   2.450   1.00 9.23  ? 7   LEU A C   1 
ATOM   61   O O   . LEU A 1 7   ? 2.263   7.116   2.167   1.00 10.82 ? 7   LEU A O   1 
ATOM   62   C CB  . LEU A 1 7   ? 3.638   4.310   2.693   1.00 8.56  ? 7   LEU A CB  1 
ATOM   63   C CG  . LEU A 1 7   ? 3.632   3.012   1.898   1.00 8.25  ? 7   LEU A CG  1 
ATOM   64   C CD1 . LEU A 1 7   ? 3.634   1.813   2.844   1.00 12.96 ? 7   LEU A CD1 1 
ATOM   65   C CD2 . LEU A 1 7   ? 2.379   2.985   1.036   1.00 10.28 ? 7   LEU A CD2 1 
ATOM   66   N N   . ARG A 1 8   ? 4.173   7.541   3.234   1.00 10.37 ? 8   ARG A N   1 
ATOM   67   C CA  . ARG A 1 8   ? 3.665   8.817   3.746   1.00 11.66 ? 8   ARG A CA  1 
ATOM   68   C C   . ARG A 1 8   ? 3.425   9.791   2.589   1.00 13.38 ? 8   ARG A C   1 
ATOM   69   O O   . ARG A 1 8   ? 2.459   10.555  2.607   1.00 12.42 ? 8   ARG A O   1 
ATOM   70   C CB  . ARG A 1 8   ? 4.639   9.412   4.754   1.00 13.15 ? 8   ARG A CB  1 
ATOM   71   C CG  . ARG A 1 8   ? 4.327   10.827  5.221   1.00 14.96 ? 8   ARG A CG  1 
ATOM   72   C CD  . ARG A 1 8   ? 2.967   10.942  5.881   1.00 18.19 ? 8   ARG A CD  1 
ATOM   73   N NE  . ARG A 1 8   ? 2.797   12.320  6.345   1.00 20.80 ? 8   ARG A NE  1 
ATOM   74   C CZ  . ARG A 1 8   ? 2.367   13.319  5.579   1.00 26.26 ? 8   ARG A CZ  1 
ATOM   75   N NH1 . ARG A 1 8   ? 2.030   13.095  4.316   1.00 23.05 ? 8   ARG A NH1 1 
ATOM   76   N NH2 . ARG A 1 8   ? 2.274   14.552  6.085   1.00 26.91 ? 8   ARG A NH2 1 
ATOM   77   N N   . ILE A 1 9   ? 4.297   9.776   1.588   1.00 11.14 ? 9   ILE A N   1 
ATOM   78   C CA  . ILE A 1 9   ? 4.083   10.593  0.384   1.00 8.83  ? 9   ILE A CA  1 
ATOM   79   C C   . ILE A 1 9   ? 2.850   10.107  -0.359  1.00 10.05 ? 9   ILE A C   1 
ATOM   80   O O   . ILE A 1 9   ? 1.970   10.899  -0.738  1.00 14.19 ? 9   ILE A O   1 
ATOM   81   C CB  . ILE A 1 9   ? 5.347   10.544  -0.533  1.00 11.01 ? 9   ILE A CB  1 
ATOM   82   C CG1 . ILE A 1 9   ? 6.481   11.365  0.089   1.00 15.60 ? 9   ILE A CG1 1 
ATOM   83   C CG2 . ILE A 1 9   ? 5.031   11.030  -1.963  1.00 15.79 ? 9   ILE A CG2 1 
ATOM   84   C CD1 . ILE A 1 9   ? 7.822   11.073  -0.500  1.00 14.53 ? 9   ILE A CD1 1 
ATOM   85   N N   . ASP A 1 10  ? 2.746   8.803   -0.565  1.00 10.02 ? 10  ASP A N   1 
ATOM   86   C CA  . ASP A 1 10  ? 1.654   8.295   -1.387  1.00 11.11 ? 10  ASP A CA  1 
ATOM   87   C C   . ASP A 1 10  ? 0.280   8.356   -0.708  1.00 12.51 ? 10  ASP A C   1 
ATOM   88   O O   . ASP A 1 10  ? -0.738  8.478   -1.387  1.00 14.92 ? 10  ASP A O   1 
ATOM   89   C CB  . ASP A 1 10  ? 1.924   6.842   -1.814  1.00 10.58 ? 10  ASP A CB  1 
ATOM   90   C CG  . ASP A 1 10  ? 2.955   6.732   -2.904  1.00 13.23 ? 10  ASP A CG  1 
ATOM   91   O OD1 . ASP A 1 10  ? 3.141   7.697   -3.666  1.00 12.39 ? 10  ASP A OD1 1 
ATOM   92   O OD2 . ASP A 1 10  ? 3.603   5.665   -3.014  1.00 12.85 ? 10  ASP A OD2 1 
ATOM   93   N N   . GLU A 1 11  ? 0.241   8.235   0.614   1.00 10.89 ? 11  GLU A N   1 
ATOM   94   C CA  . GLU A 1 11  ? -1.047  8.177   1.313   1.00 11.14 ? 11  GLU A CA  1 
ATOM   95   C C   . GLU A 1 11  ? -1.440  9.484   1.966   1.00 13.64 ? 11  GLU A C   1 
ATOM   96   O O   . GLU A 1 11  ? -2.626  9.690   2.252   1.00 15.15 ? 11  GLU A O   1 
ATOM   97   C CB  . GLU A 1 11  ? -1.032  7.070   2.384   1.00 11.47 ? 11  GLU A CB  1 
ATOM   98   C CG  . GLU A 1 11  ? -0.825  5.651   1.875   1.00 11.92 ? 11  GLU A CG  1 
ATOM   99   C CD  . GLU A 1 11  ? -1.988  5.095   1.052   1.00 18.83 ? 11  GLU A CD  1 
ATOM   100  O OE1 . GLU A 1 11  ? -3.088  5.718   1.008   1.00 20.27 ? 11  GLU A OE1 1 
ATOM   101  O OE2 . GLU A 1 11  ? -1.806  4.009   0.456   1.00 19.07 ? 11  GLU A OE2 1 
ATOM   102  N N   . GLY A 1 12  ? -0.480  10.359  2.232   1.00 13.39 ? 12  GLY A N   1 
ATOM   103  C CA  . GLY A 1 12  ? -0.765  11.586  2.971   1.00 14.13 ? 12  GLY A CA  1 
ATOM   104  C C   . GLY A 1 12  ? -0.998  11.345  4.460   1.00 14.07 ? 12  GLY A C   1 
ATOM   105  O O   . GLY A 1 12  ? -0.797  10.242  4.965   1.00 13.49 ? 12  GLY A O   1 
ATOM   106  N N   . LEU A 1 13  ? -1.424  12.390  5.168   1.00 14.69 ? 13  LEU A N   1 
ATOM   107  C CA  . LEU A 1 13  ? -1.771  12.252  6.578   1.00 15.57 ? 13  LEU A CA  1 
ATOM   108  C C   . LEU A 1 13  ? -3.003  13.095  6.832   1.00 16.01 ? 13  LEU A C   1 
ATOM   109  O O   . LEU A 1 13  ? -2.987  14.301  6.601   1.00 18.14 ? 13  LEU A O   1 
ATOM   110  C CB  . LEU A 1 13  ? -0.629  12.711  7.486   1.00 14.90 ? 13  LEU A CB  1 
ATOM   111  C CG  . LEU A 1 13  ? -0.995  12.924  8.962   1.00 18.69 ? 13  LEU A CG  1 
ATOM   112  C CD1 . LEU A 1 13  ? -1.264  11.596  9.684   1.00 18.81 ? 13  LEU A CD1 1 
ATOM   113  C CD2 . LEU A 1 13  ? 0.127   13.692  9.639   1.00 25.34 ? 13  LEU A CD2 1 
ATOM   114  N N   . ARG A 1 14  ? -4.076  12.449  7.273   1.00 13.05 ? 14  ARG A N   1 
ATOM   115  C CA  A ARG A 1 14  ? -5.295  13.149  7.654   0.50 13.75 ? 14  ARG A CA  1 
ATOM   116  C CA  B ARG A 1 14  ? -5.298  13.144  7.653   0.50 13.75 ? 14  ARG A CA  1 
ATOM   117  C C   . ARG A 1 14  ? -5.754  12.617  9.002   1.00 15.61 ? 14  ARG A C   1 
ATOM   118  O O   . ARG A 1 14  ? -5.823  11.417  9.214   1.00 14.96 ? 14  ARG A O   1 
ATOM   119  C CB  A ARG A 1 14  ? -6.382  12.989  6.575   0.50 15.48 ? 14  ARG A CB  1 
ATOM   120  C CB  B ARG A 1 14  ? -6.387  12.965  6.582   0.50 15.46 ? 14  ARG A CB  1 
ATOM   121  C CG  A ARG A 1 14  ? -5.950  13.561  5.193   0.50 16.36 ? 14  ARG A CG  1 
ATOM   122  C CG  B ARG A 1 14  ? -6.156  13.855  5.334   0.50 16.04 ? 14  ARG A CG  1 
ATOM   123  C CD  A ARG A 1 14  ? -7.032  13.459  4.110   0.50 19.60 ? 14  ARG A CD  1 
ATOM   124  C CD  B ARG A 1 14  ? -6.853  13.342  4.056   0.50 19.71 ? 14  ARG A CD  1 
ATOM   125  N NE  A ARG A 1 14  ? -8.190  14.294  4.411   0.50 22.29 ? 14  ARG A NE  1 
ATOM   126  N NE  B ARG A 1 14  ? -6.058  12.330  3.351   0.50 20.54 ? 14  ARG A NE  1 
ATOM   127  C CZ  A ARG A 1 14  ? -9.229  14.479  3.601   0.50 26.29 ? 14  ARG A CZ  1 
ATOM   128  C CZ  B ARG A 1 14  ? -6.291  11.902  2.111   0.50 21.48 ? 14  ARG A CZ  1 
ATOM   129  N NH1 A ARG A 1 14  ? -9.278  13.893  2.409   0.50 20.82 ? 14  ARG A NH1 1 
ATOM   130  N NH1 B ARG A 1 14  ? -7.300  12.385  1.388   0.50 18.43 ? 14  ARG A NH1 1 
ATOM   131  N NH2 A ARG A 1 14  ? -10.232 15.255  3.994   0.50 23.99 ? 14  ARG A NH2 1 
ATOM   132  N NH2 B ARG A 1 14  ? -5.504  10.982  1.584   0.50 19.95 ? 14  ARG A NH2 1 
ATOM   133  N N   . LEU A 1 15  ? -6.070  13.523  9.929   1.00 12.83 ? 15  LEU A N   1 
ATOM   134  C CA  . LEU A 1 15  ? -6.419  13.113  11.295  1.00 12.41 ? 15  LEU A CA  1 
ATOM   135  C C   . LEU A 1 15  ? -7.915  12.921  11.556  1.00 14.87 ? 15  LEU A C   1 
ATOM   136  O O   . LEU A 1 15  ? -8.311  12.481  12.646  1.00 18.52 ? 15  LEU A O   1 
ATOM   137  C CB  . LEU A 1 15  ? -5.815  14.101  12.302  1.00 15.14 ? 15  LEU A CB  1 
ATOM   138  C CG  . LEU A 1 15  ? -4.284  14.244  12.226  1.00 17.88 ? 15  LEU A CG  1 
ATOM   139  C CD1 . LEU A 1 15  ? -3.797  15.262  13.243  1.00 20.44 ? 15  LEU A CD1 1 
ATOM   140  C CD2 . LEU A 1 15  ? -3.557  12.905  12.426  1.00 18.95 ? 15  LEU A CD2 1 
ATOM   141  N N   . LYS A 1 16  ? -8.747  13.211  10.556  1.00 11.80 ? 16  LYS A N   1 
ATOM   142  C CA  . LYS A 1 16  ? -10.184 12.995  10.658  1.00 14.76 ? 16  LYS A CA  1 
ATOM   143  C C   . LYS A 1 16  ? -10.565 11.994  9.597   1.00 13.41 ? 16  LYS A C   1 
ATOM   144  O O   . LYS A 1 16  ? -9.901  11.910  8.543   1.00 15.68 ? 16  LYS A O   1 
ATOM   145  C CB  . LYS A 1 16  ? -10.939 14.326  10.437  1.00 19.17 ? 16  LYS A CB  1 
ATOM   146  C CG  . LYS A 1 16  ? -10.520 15.430  11.400  0.50 20.79 ? 16  LYS A CG  1 
ATOM   147  C CD  . LYS A 1 16  ? -11.242 16.740  11.083  0.50 26.30 ? 16  LYS A CD  1 
ATOM   148  N N   . ILE A 1 17  ? -11.603 11.215  9.866   1.00 12.26 ? 17  ILE A N   1 
ATOM   149  C CA  . ILE A 1 17  ? -12.064 10.221  8.912   1.00 10.01 ? 17  ILE A CA  1 
ATOM   150  C C   . ILE A 1 17  ? -12.304 10.860  7.558   1.00 15.80 ? 17  ILE A C   1 
ATOM   151  O O   . ILE A 1 17  ? -12.928 11.935  7.462   1.00 17.65 ? 17  ILE A O   1 
ATOM   152  C CB  . ILE A 1 17  ? -13.346 9.534   9.401   1.00 12.94 ? 17  ILE A CB  1 
ATOM   153  C CG1 . ILE A 1 17  ? -13.039 8.631   10.610  1.00 13.88 ? 17  ILE A CG1 1 
ATOM   154  C CG2 . ILE A 1 17  ? -13.976 8.698   8.294   1.00 16.58 ? 17  ILE A CG2 1 
ATOM   155  C CD1 . ILE A 1 17  ? -14.283 8.007   11.230  1.00 16.20 ? 17  ILE A CD1 1 
ATOM   156  N N   . TYR A 1 18  ? -11.801 10.188  6.525   1.00 11.81 ? 18  TYR A N   1 
ATOM   157  C CA  . TYR A 1 18  ? -11.960 10.683  5.160   1.00 12.12 ? 18  TYR A CA  1 
ATOM   158  C C   . TYR A 1 18  ? -12.299 9.508   4.261   1.00 13.70 ? 18  TYR A C   1 
ATOM   159  O O   . TYR A 1 18  ? -12.225 8.354   4.670   1.00 12.78 ? 18  TYR A O   1 
ATOM   160  C CB  . TYR A 1 18  ? -10.676 11.389  4.636   1.00 15.71 ? 18  TYR A CB  1 
ATOM   161  C CG  . TYR A 1 18  ? -9.416  10.524  4.529   1.00 14.38 ? 18  TYR A CG  1 
ATOM   162  C CD1 . TYR A 1 18  ? -8.603  10.317  5.638   1.00 16.03 ? 18  TYR A CD1 1 
ATOM   163  C CD2 . TYR A 1 18  ? -9.017  9.957   3.297   1.00 17.14 ? 18  TYR A CD2 1 
ATOM   164  C CE1 . TYR A 1 18  ? -7.442  9.564   5.553   1.00 16.37 ? 18  TYR A CE1 1 
ATOM   165  C CE2 . TYR A 1 18  ? -7.832  9.178   3.210   1.00 16.60 ? 18  TYR A CE2 1 
ATOM   166  C CZ  . TYR A 1 18  ? -7.071  8.992   4.341   1.00 16.87 ? 18  TYR A CZ  1 
ATOM   167  O OH  . TYR A 1 18  ? -5.905  8.250   4.281   1.00 16.74 ? 18  TYR A OH  1 
ATOM   168  N N   . LYS A 1 19  ? -12.668 9.789   3.021   1.00 14.35 ? 19  LYS A N   1 
ATOM   169  C CA  . LYS A 1 19  ? -12.828 8.711   2.060   1.00 14.60 ? 19  LYS A CA  1 
ATOM   170  C C   . LYS A 1 19  ? -11.632 8.622   1.146   1.00 15.76 ? 19  LYS A C   1 
ATOM   171  O O   . LYS A 1 19  ? -11.145 9.646   0.657   1.00 17.86 ? 19  LYS A O   1 
ATOM   172  C CB  . LYS A 1 19  ? -14.096 8.883   1.236   1.00 14.37 ? 19  LYS A CB  1 
ATOM   173  C CG  . LYS A 1 19  ? -15.372 8.596   1.980   1.00 16.21 ? 19  LYS A CG  1 
ATOM   174  C CD  . LYS A 1 19  ? -16.542 8.898   1.088   1.00 18.43 ? 19  LYS A CD  1 
ATOM   175  C CE  . LYS A 1 19  ? -17.857 8.573   1.785   1.00 22.49 ? 19  LYS A CE  1 
ATOM   176  N NZ  . LYS A 1 19  ? -18.993 8.850   0.859   1.00 26.35 ? 19  LYS A NZ  1 
ATOM   177  N N   . ASP A 1 20  ? -11.152 7.393   0.942   1.00 12.33 ? 20  ASP A N   1 
ATOM   178  C CA  . ASP A 1 20  ? -9.992  7.141   0.110   1.00 12.55 ? 20  ASP A CA  1 
ATOM   179  C C   . ASP A 1 20  ? -10.370 7.237   -1.357  1.00 13.98 ? 20  ASP A C   1 
ATOM   180  O O   . ASP A 1 20  ? -11.482 7.653   -1.690  1.00 14.41 ? 20  ASP A O   1 
ATOM   181  C CB  . ASP A 1 20  ? -9.339  5.792   0.470   1.00 17.29 ? 20  ASP A CB  1 
ATOM   182  C CG  . ASP A 1 20  ? -10.135 4.574   0.010   1.00 19.39 ? 20  ASP A CG  1 
ATOM   183  O OD1 . ASP A 1 20  ? -11.163 4.695   -0.675  1.00 17.17 ? 20  ASP A OD1 1 
ATOM   184  O OD2 . ASP A 1 20  ? -9.722  3.440   0.345   1.00 21.81 ? 20  ASP A OD2 1 
ATOM   185  N N   . THR A 1 21  ? -9.454  6.866   -2.236  1.00 14.02 ? 21  THR A N   1 
ATOM   186  C CA  A THR A 1 21  ? -9.667  7.010   -3.682  0.50 14.72 ? 21  THR A CA  1 
ATOM   187  C CA  B THR A 1 21  ? -9.750  7.091   -3.648  0.50 14.70 ? 21  THR A CA  1 
ATOM   188  C C   . THR A 1 21  ? -10.836 6.162   -4.178  1.00 15.17 ? 21  THR A C   1 
ATOM   189  O O   . THR A 1 21  ? -11.437 6.445   -5.221  1.00 15.81 ? 21  THR A O   1 
ATOM   190  C CB  A THR A 1 21  ? -8.385  6.641   -4.489  0.50 16.19 ? 21  THR A CB  1 
ATOM   191  C CB  B THR A 1 21  ? -8.517  7.015   -4.542  0.50 17.78 ? 21  THR A CB  1 
ATOM   192  O OG1 A THR A 1 21  ? -8.097  5.247   -4.334  0.50 17.47 ? 21  THR A OG1 1 
ATOM   193  O OG1 B THR A 1 21  ? -8.887  7.475   -5.850  0.50 22.39 ? 21  THR A OG1 1 
ATOM   194  C CG2 A THR A 1 21  ? -7.185  7.487   -4.034  0.50 13.64 ? 21  THR A CG2 1 
ATOM   195  C CG2 B THR A 1 21  ? -8.013  5.593   -4.620  0.50 16.78 ? 21  THR A CG2 1 
ATOM   196  N N   . GLU A 1 22  ? -11.144 5.083   -3.445  1.00 14.42 ? 22  GLU A N   1 
ATOM   197  C CA  . GLU A 1 22  ? -12.241 4.206   -3.819  1.00 13.21 ? 22  GLU A CA  1 
ATOM   198  C C   . GLU A 1 22  ? -13.553 4.535   -3.129  1.00 14.63 ? 22  GLU A C   1 
ATOM   199  O O   . GLU A 1 22  ? -14.537 3.835   -3.315  1.00 16.93 ? 22  GLU A O   1 
ATOM   200  C CB  . GLU A 1 22  ? -11.876 2.754   -3.493  1.00 14.86 ? 22  GLU A CB  1 
ATOM   201  C CG  . GLU A 1 22  ? -10.629 2.259   -4.205  1.00 19.32 ? 22  GLU A CG  1 
ATOM   202  C CD  . GLU A 1 22  ? -10.837 1.975   -5.686  1.00 25.15 ? 22  GLU A CD  1 
ATOM   203  O OE1 . GLU A 1 22  ? -11.993 1.974   -6.158  1.00 25.25 ? 22  GLU A OE1 1 
ATOM   204  O OE2 . GLU A 1 22  ? -9.818  1.750   -6.383  1.00 28.09 ? 22  GLU A OE2 1 
ATOM   205  N N   . GLY A 1 23  ? -13.561 5.598   -2.327  1.00 13.33 ? 23  GLY A N   1 
ATOM   206  C CA  . GLY A 1 23  ? -14.742 5.988   -1.587  1.00 13.19 ? 23  GLY A CA  1 
ATOM   207  C C   . GLY A 1 23  ? -14.914 5.317   -0.233  1.00 14.25 ? 23  GLY A C   1 
ATOM   208  O O   . GLY A 1 23  ? -15.989 5.391   0.350   1.00 17.28 ? 23  GLY A O   1 
ATOM   209  N N   . TYR A 1 24  ? -13.860 4.672   0.277   1.00 12.74 ? 24  TYR A N   1 
ATOM   210  C CA  . TYR A 1 24  ? -13.982 3.944   1.545   1.00 13.57 ? 24  TYR A CA  1 
ATOM   211  C C   . TYR A 1 24  ? -13.471 4.752   2.713   1.00 12.22 ? 24  TYR A C   1 
ATOM   212  O O   . TYR A 1 24  ? -12.452 5.407   2.618   1.00 12.45 ? 24  TYR A O   1 
ATOM   213  C CB  . TYR A 1 24  ? -13.175 2.650   1.517   1.00 13.58 ? 24  TYR A CB  1 
ATOM   214  C CG  . TYR A 1 24  ? -13.629 1.657   0.476   1.00 17.87 ? 24  TYR A CG  1 
ATOM   215  C CD1 . TYR A 1 24  ? -14.971 1.364   0.314   1.00 23.10 ? 24  TYR A CD1 1 
ATOM   216  C CD2 . TYR A 1 24  ? -12.708 1.024   -0.341  1.00 22.98 ? 24  TYR A CD2 1 
ATOM   217  C CE1 . TYR A 1 24  ? -15.396 0.444   -0.641  1.00 25.67 ? 24  TYR A CE1 1 
ATOM   218  C CE2 . TYR A 1 24  ? -13.120 0.110   -1.298  1.00 24.94 ? 24  TYR A CE2 1 
ATOM   219  C CZ  . TYR A 1 24  ? -14.461 -0.170  -1.443  1.00 31.36 ? 24  TYR A CZ  1 
ATOM   220  O OH  . TYR A 1 24  ? -14.875 -1.083  -2.389  1.00 34.47 ? 24  TYR A OH  1 
ATOM   221  N N   . TYR A 1 25  ? -14.155 4.656   3.853   1.00 11.55 ? 25  TYR A N   1 
ATOM   222  C CA  . TYR A 1 25  ? -13.723 5.394   5.032   1.00 11.73 ? 25  TYR A CA  1 
ATOM   223  C C   . TYR A 1 25  ? -12.359 4.927   5.531   1.00 12.02 ? 25  TYR A C   1 
ATOM   224  O O   . TYR A 1 25  ? -12.140 3.734   5.737   1.00 12.73 ? 25  TYR A O   1 
ATOM   225  C CB  . TYR A 1 25  ? -14.758 5.254   6.158   1.00 11.07 ? 25  TYR A CB  1 
ATOM   226  C CG  . TYR A 1 25  ? -16.066 5.960   5.853   1.00 13.11 ? 25  TYR A CG  1 
ATOM   227  C CD1 . TYR A 1 25  ? -16.089 7.331   5.669   1.00 14.59 ? 25  TYR A CD1 1 
ATOM   228  C CD2 . TYR A 1 25  ? -17.260 5.246   5.778   1.00 18.23 ? 25  TYR A CD2 1 
ATOM   229  C CE1 . TYR A 1 25  ? -17.300 8.002   5.396   1.00 18.24 ? 25  TYR A CE1 1 
ATOM   230  C CE2 . TYR A 1 25  ? -18.473 5.908   5.495   1.00 19.06 ? 25  TYR A CE2 1 
ATOM   231  C CZ  . TYR A 1 25  ? -18.467 7.277   5.313   1.00 23.41 ? 25  TYR A CZ  1 
ATOM   232  O OH  . TYR A 1 25  ? -19.631 7.975   5.038   1.00 27.86 ? 25  TYR A OH  1 
ATOM   233  N N   . THR A 1 26  ? -11.511 5.911   5.805   1.00 10.64 ? 26  THR A N   1 
ATOM   234  C CA  . THR A 1 26  ? -10.086 5.738   6.056   1.00 11.02 ? 26  THR A CA  1 
ATOM   235  C C   . THR A 1 26  ? -9.670  6.814   7.031   1.00 10.60 ? 26  THR A C   1 
ATOM   236  O O   . THR A 1 26  ? -10.385 7.815   7.216   1.00 12.46 ? 26  THR A O   1 
ATOM   237  C CB  . THR A 1 26  ? -9.338  5.930   4.706   1.00 9.51  ? 26  THR A CB  1 
ATOM   238  O OG1 . THR A 1 26  ? -9.812  4.951   3.786   1.00 13.76 ? 26  THR A OG1 1 
ATOM   239  C CG2 . THR A 1 26  ? -7.828  5.757   4.837   1.00 10.21 ? 26  THR A CG2 1 
ATOM   240  N N   . ILE A 1 27  ? -8.534  6.646   7.704   1.00 10.14 ? 27  ILE A N   1 
ATOM   241  C CA  . ILE A 1 27  ? -8.021  7.703   8.563   1.00 10.45 ? 27  ILE A CA  1 
ATOM   242  C C   . ILE A 1 27  ? -6.500  7.628   8.577   1.00 12.05 ? 27  ILE A C   1 
ATOM   243  O O   . ILE A 1 27  ? -5.936  6.600   8.188   1.00 10.98 ? 27  ILE A O   1 
ATOM   244  C CB  . ILE A 1 27  ? -8.584  7.594   10.012  1.00 10.12 ? 27  ILE A CB  1 
ATOM   245  C CG1 . ILE A 1 27  ? -8.394  8.929   10.761  1.00 13.80 ? 27  ILE A CG1 1 
ATOM   246  C CG2 . ILE A 1 27  ? -7.970  6.391   10.771  1.00 13.12 ? 27  ILE A CG2 1 
ATOM   247  C CD1 . ILE A 1 27  ? -9.404  9.213   11.909  1.00 14.47 ? 27  ILE A CD1 1 
ATOM   248  N N   . GLY A 1 28  ? -5.836  8.687   9.032   1.00 12.04 ? 28  GLY A N   1 
ATOM   249  C CA  . GLY A 1 28  ? -4.396  8.631   9.276   1.00 10.55 ? 28  GLY A CA  1 
ATOM   250  C C   . GLY A 1 28  ? -3.621  8.572   7.966   1.00 11.97 ? 28  GLY A C   1 
ATOM   251  O O   . GLY A 1 28  ? -3.880  9.344   7.029   1.00 12.61 ? 28  GLY A O   1 
ATOM   252  N N   . ILE A 1 29  ? -2.648  7.663   7.918   1.00 10.14 ? 29  ILE A N   1 
ATOM   253  C CA  . ILE A 1 29  ? -1.818  7.472   6.735   1.00 10.40 ? 29  ILE A CA  1 
ATOM   254  C C   . ILE A 1 29  ? -2.355  6.260   5.953   1.00 9.79  ? 29  ILE A C   1 
ATOM   255  O O   . ILE A 1 29  ? -1.785  5.178   5.950   1.00 11.34 ? 29  ILE A O   1 
ATOM   256  C CB  . ILE A 1 29  ? -0.348  7.327   7.166   1.00 10.03 ? 29  ILE A CB  1 
ATOM   257  C CG1 . ILE A 1 29  ? 0.022   8.553   7.996   1.00 12.29 ? 29  ILE A CG1 1 
ATOM   258  C CG2 . ILE A 1 29  ? 0.568   7.218   5.912   1.00 12.61 ? 29  ILE A CG2 1 
ATOM   259  C CD1 . ILE A 1 29  ? 1.316   8.401   8.777   1.00 16.39 ? 29  ILE A CD1 1 
ATOM   260  N N   . GLY A 1 30  ? -3.513  6.442   5.306   1.00 10.18 ? 30  GLY A N   1 
ATOM   261  C CA  . GLY A 1 30  ? -4.093  5.357   4.532   1.00 9.51  ? 30  GLY A CA  1 
ATOM   262  C C   . GLY A 1 30  ? -4.598  4.175   5.335   1.00 10.45 ? 30  GLY A C   1 
ATOM   263  O O   . GLY A 1 30  ? -4.619  3.066   4.807   1.00 12.81 ? 30  GLY A O   1 
ATOM   264  N N   . HIS A 1 31  ? -4.990  4.383   6.588   1.00 9.56  ? 31  HIS A N   1 
ATOM   265  C CA  . HIS A 1 31  ? -5.539  3.261   7.334   1.00 8.54  ? 31  HIS A CA  1 
ATOM   266  C C   . HIS A 1 31  ? -7.015  3.031   6.990   1.00 9.24  ? 31  HIS A C   1 
ATOM   267  O O   . HIS A 1 31  ? -7.877  3.812   7.401   1.00 12.03 ? 31  HIS A O   1 
ATOM   268  C CB  . HIS A 1 31  ? -5.405  3.479   8.841   1.00 9.84  ? 31  HIS A CB  1 
ATOM   269  C CG  . HIS A 1 31  ? -5.947  2.327   9.628   1.00 12.69 ? 31  HIS A CG  1 
ATOM   270  N ND1 . HIS A 1 31  ? -5.228  1.165   9.818   1.00 14.15 ? 31  HIS A ND1 1 
ATOM   271  C CD2 . HIS A 1 31  ? -7.154  2.133   10.212  1.00 14.36 ? 31  HIS A CD2 1 
ATOM   272  C CE1 . HIS A 1 31  ? -5.972  0.309   10.507  1.00 15.69 ? 31  HIS A CE1 1 
ATOM   273  N NE2 . HIS A 1 31  ? -7.137  0.878   10.770  1.00 15.51 ? 31  HIS A NE2 1 
ATOM   274  N N   . LEU A 1 32  ? -7.307  1.963   6.265   1.00 9.43  ? 32  LEU A N   1 
ATOM   275  C CA  . LEU A 1 32  ? -8.692  1.647   5.871   1.00 10.83 ? 32  LEU A CA  1 
ATOM   276  C C   . LEU A 1 32  ? -9.484  1.256   7.089   1.00 11.72 ? 32  LEU A C   1 
ATOM   277  O O   . LEU A 1 32  ? -9.057  0.391   7.859   1.00 13.85 ? 32  LEU A O   1 
ATOM   278  C CB  . LEU A 1 32  ? -8.729  0.510   4.853   1.00 12.36 ? 32  LEU A CB  1 
ATOM   279  C CG  . LEU A 1 32  ? -10.105 -0.060  4.492   1.00 15.24 ? 32  LEU A CG  1 
ATOM   280  C CD1 . LEU A 1 32  ? -10.896 0.968   3.714   1.00 15.09 ? 32  LEU A CD1 1 
ATOM   281  C CD2 . LEU A 1 32  ? -9.924  -1.351  3.654   1.00 16.50 ? 32  LEU A CD2 1 
ATOM   282  N N   . LEU A 1 33  ? -10.630 1.902   7.294   1.00 11.23 ? 33  LEU A N   1 
ATOM   283  C CA  . LEU A 1 33  ? -11.459 1.538   8.443   1.00 10.94 ? 33  LEU A CA  1 
ATOM   284  C C   . LEU A 1 33  ? -12.500 0.503   8.082   1.00 12.34 ? 33  LEU A C   1 
ATOM   285  O O   . LEU A 1 33  ? -12.728 -0.466  8.846   1.00 18.13 ? 33  LEU A O   1 
ATOM   286  C CB  . LEU A 1 33  ? -12.137 2.804   8.991   1.00 12.58 ? 33  LEU A CB  1 
ATOM   287  C CG  . LEU A 1 33  ? -11.166 3.748   9.710   1.00 12.68 ? 33  LEU A CG  1 
ATOM   288  C CD1 . LEU A 1 33  ? -11.780 5.161   9.984   1.00 12.13 ? 33  LEU A CD1 1 
ATOM   289  C CD2 . LEU A 1 33  ? -10.661 3.140   11.002  1.00 12.07 ? 33  LEU A CD2 1 
ATOM   290  N N   . THR A 1 34  ? -13.171 0.696   6.949   1.00 14.22 ? 34  THR A N   1 
ATOM   291  C CA  . THR A 1 34  ? -14.236 -0.229  6.549   1.00 16.53 ? 34  THR A CA  1 
ATOM   292  C C   . THR A 1 34  ? -14.626 0.058   5.124   1.00 17.06 ? 34  THR A C   1 
ATOM   293  O O   . THR A 1 34  ? -14.451 1.179   4.626   1.00 16.85 ? 34  THR A O   1 
ATOM   294  C CB  . THR A 1 34  ? -15.505 -0.105  7.443   1.00 19.17 ? 34  THR A CB  1 
ATOM   295  O OG1 . THR A 1 34  ? -16.475 -1.068  7.012   1.00 21.24 ? 34  THR A OG1 1 
ATOM   296  C CG2 . THR A 1 34  ? -16.121 1.299   7.344   1.00 16.57 ? 34  THR A CG2 1 
ATOM   297  N N   . LYS A 1 35  ? -15.181 -0.946  4.464   1.00 17.46 ? 35  LYS A N   1 
ATOM   298  C CA  . LYS A 1 35  ? -15.708 -0.728  3.127   1.00 17.74 ? 35  LYS A CA  1 
ATOM   299  C C   . LYS A 1 35  ? -17.202 -0.490  3.185   1.00 19.64 ? 35  LYS A C   1 
ATOM   300  O O   . LYS A 1 35  ? -17.849 -0.258  2.154   1.00 23.28 ? 35  LYS A O   1 
ATOM   301  C CB  . LYS A 1 35  ? -15.380 -1.910  2.216   1.00 21.20 ? 35  LYS A CB  1 
ATOM   302  C CG  . LYS A 1 35  ? -13.902 -2.000  1.890   1.00 20.14 ? 35  LYS A CG  1 
ATOM   303  C CD  . LYS A 1 35  ? -13.631 -3.117  0.900   1.00 26.94 ? 35  LYS A CD  1 
ATOM   304  C CE  . LYS A 1 35  ? -12.147 -3.217  0.619   1.00 33.94 ? 35  LYS A CE  1 
ATOM   305  N NZ  . LYS A 1 35  ? -11.849 -4.328  -0.324  1.00 39.88 ? 35  LYS A NZ  1 
ATOM   306  N N   . SER A 1 36  ? -17.735 -0.503  4.399   1.00 19.09 ? 36  SER A N   1 
ATOM   307  C CA  . SER A 1 36  ? -19.152 -0.184  4.610   1.00 23.88 ? 36  SER A CA  1 
ATOM   308  C C   . SER A 1 36  ? -19.452 1.270   4.312   1.00 25.48 ? 36  SER A C   1 
ATOM   309  O O   . SER A 1 36  ? -18.677 2.157   4.670   1.00 21.37 ? 36  SER A O   1 
ATOM   310  C CB  . SER A 1 36  ? -19.547 -0.465  6.057   1.00 23.70 ? 36  SER A CB  1 
ATOM   311  O OG  . SER A 1 36  ? -20.861 0.022   6.318   1.00 26.51 ? 36  SER A OG  1 
ATOM   312  N N   . PRO A 1 37  ? -20.607 1.535   3.687   1.00 23.20 ? 37  PRO A N   1 
ATOM   313  C CA  . PRO A 1 37  ? -21.012 2.931   3.485   1.00 18.99 ? 37  PRO A CA  1 
ATOM   314  C C   . PRO A 1 37  ? -21.435 3.690   4.747   1.00 21.55 ? 37  PRO A C   1 
ATOM   315  O O   . PRO A 1 37  ? -21.687 4.888   4.690   1.00 27.45 ? 37  PRO A O   1 
ATOM   316  C CB  . PRO A 1 37  ? -22.193 2.818   2.512   1.00 28.94 ? 37  PRO A CB  1 
ATOM   317  C CG  . PRO A 1 37  ? -22.724 1.459   2.718   1.00 31.45 ? 37  PRO A CG  1 
ATOM   318  C CD  . PRO A 1 37  ? -21.555 0.581   3.095   1.00 26.64 ? 37  PRO A CD  1 
ATOM   319  N N   . SER A 1 38  ? -21.468 3.008   5.882   1.00 24.49 ? 38  SER A N   1 
ATOM   320  C CA  . SER A 1 38  ? -21.908 3.626   7.129   1.00 22.25 ? 38  SER A CA  1 
ATOM   321  C C   . SER A 1 38  ? -20.775 4.357   7.857   1.00 22.76 ? 38  SER A C   1 
ATOM   322  O O   . SER A 1 38  ? -19.801 3.732   8.285   1.00 20.76 ? 38  SER A O   1 
ATOM   323  C CB  . SER A 1 38  ? -22.508 2.555   8.059   1.00 20.15 ? 38  SER A CB  1 
ATOM   324  O OG  . SER A 1 38  ? -22.709 3.073   9.370   1.00 31.01 ? 38  SER A OG  1 
ATOM   325  N N   . LEU A 1 39  ? -20.904 5.668   8.026   1.00 21.95 ? 39  LEU A N   1 
ATOM   326  C CA  . LEU A 1 39  ? -19.949 6.409   8.830   1.00 20.10 ? 39  LEU A CA  1 
ATOM   327  C C   . LEU A 1 39  ? -19.956 5.882   10.271  1.00 19.37 ? 39  LEU A C   1 
ATOM   328  O O   . LEU A 1 39  ? -18.911 5.852   10.949  1.00 18.43 ? 39  LEU A O   1 
ATOM   329  C CB  . LEU A 1 39  ? -20.231 7.924   8.800   1.00 20.49 ? 39  LEU A CB  1 
ATOM   330  C CG  . LEU A 1 39  ? -19.330 8.781   9.702   1.00 20.99 ? 39  LEU A CG  1 
ATOM   331  C CD1 . LEU A 1 39  ? -17.872 8.699   9.261   1.00 18.41 ? 39  LEU A CD1 1 
ATOM   332  C CD2 . LEU A 1 39  ? -19.778 10.235  9.743   1.00 30.50 ? 39  LEU A CD2 1 
ATOM   333  N N   . ASN A 1 40  ? -21.122 5.461   10.759  1.00 19.85 ? 40  ASN A N   1 
ATOM   334  C CA  . ASN A 1 40  ? -21.141 4.953   12.137  1.00 18.45 ? 40  ASN A CA  1 
ATOM   335  C C   . ASN A 1 40  ? -20.307 3.676   12.273  1.00 18.41 ? 40  ASN A C   1 
ATOM   336  O O   . ASN A 1 40  ? -19.622 3.472   13.281  1.00 19.23 ? 40  ASN A O   1 
ATOM   337  C CB  . ASN A 1 40  ? -22.570 4.703   12.626  1.00 28.65 ? 40  ASN A CB  1 
ATOM   338  C CG  . ASN A 1 40  ? -23.267 5.973   13.063  1.00 32.60 ? 40  ASN A CG  1 
ATOM   339  O OD1 . ASN A 1 40  ? -22.631 6.992   13.346  1.00 36.38 ? 40  ASN A OD1 1 
ATOM   340  N ND2 . ASN A 1 40  ? -24.594 5.914   13.137  1.00 40.32 ? 40  ASN A ND2 1 
ATOM   341  N N   . ALA A 1 41  ? -20.376 2.817   11.267  1.00 18.88 ? 41  ALA A N   1 
ATOM   342  C CA  . ALA A 1 41  ? -19.560 1.607   11.233  1.00 19.11 ? 41  ALA A CA  1 
ATOM   343  C C   . ALA A 1 41  ? -18.075 1.976   11.214  1.00 17.75 ? 41  ALA A C   1 
ATOM   344  O O   . ALA A 1 41  ? -17.270 1.358   11.933  1.00 16.01 ? 41  ALA A O   1 
ATOM   345  C CB  . ALA A 1 41  ? -19.912 0.749   10.052  1.00 20.64 ? 41  ALA A CB  1 
ATOM   346  N N   . ALA A 1 42  ? -17.711 2.975   10.412  1.00 14.95 ? 42  ALA A N   1 
ATOM   347  C CA  . ALA A 1 42  ? -16.316 3.438   10.396  1.00 13.50 ? 42  ALA A CA  1 
ATOM   348  C C   . ALA A 1 42  ? -15.863 4.002   11.744  1.00 14.45 ? 42  ALA A C   1 
ATOM   349  O O   . ALA A 1 42  ? -14.754 3.734   12.180  1.00 13.40 ? 42  ALA A O   1 
ATOM   350  C CB  . ALA A 1 42  ? -16.112 4.471   9.288   1.00 15.66 ? 42  ALA A CB  1 
ATOM   351  N N   . LYS A 1 43  ? -16.714 4.791   12.402  1.00 15.40 ? 43  LYS A N   1 
ATOM   352  C CA  . LYS A 1 43  ? -16.387 5.329   13.715  1.00 13.09 ? 43  LYS A CA  1 
ATOM   353  C C   . LYS A 1 43  ? -16.186 4.232   14.765  1.00 13.54 ? 43  LYS A C   1 
ATOM   354  O O   . LYS A 1 43  ? -15.321 4.350   15.645  1.00 14.13 ? 43  LYS A O   1 
ATOM   355  C CB  . LYS A 1 43  ? -17.472 6.319   14.166  1.00 16.61 ? 43  LYS A CB  1 
ATOM   356  C CG  . LYS A 1 43  ? -17.339 7.658   13.473  1.00 16.88 ? 43  LYS A CG  1 
ATOM   357  C CD  . LYS A 1 43  ? -18.545 8.540   13.741  1.00 20.11 ? 43  LYS A CD  1 
ATOM   358  C CE  . LYS A 1 43  ? -18.278 9.944   13.247  1.00 30.76 ? 43  LYS A CE  1 
ATOM   359  N NZ  . LYS A 1 43  ? -19.378 10.888  13.577  1.00 39.05 ? 43  LYS A NZ  1 
ATOM   360  N N   . SER A 1 44  ? -16.985 3.178   14.669  1.00 13.80 ? 44  SER A N   1 
ATOM   361  C CA  . SER A 1 44  ? -16.865 2.045   15.579  1.00 14.63 ? 44  SER A CA  1 
ATOM   362  C C   . SER A 1 44  ? -15.544 1.313   15.341  1.00 16.17 ? 44  SER A C   1 
ATOM   363  O O   . SER A 1 44  ? -14.815 1.005   16.278  1.00 14.40 ? 44  SER A O   1 
ATOM   364  C CB  . SER A 1 44  ? -18.043 1.080   15.394  1.00 19.70 ? 44  SER A CB  1 
ATOM   365  O OG  . SER A 1 44  ? -17.922 0.030   16.324  1.00 25.07 ? 44  SER A OG  1 
ATOM   366  N N   . GLU A 1 45  ? -15.205 1.088   14.077  1.00 14.53 ? 45  GLU A N   1 
ATOM   367  C CA  . GLU A 1 45  ? -13.909 0.498   13.770  1.00 13.49 ? 45  GLU A CA  1 
ATOM   368  C C   . GLU A 1 45  ? -12.777 1.360   14.265  1.00 12.81 ? 45  GLU A C   1 
ATOM   369  O O   . GLU A 1 45  ? -11.755 0.859   14.754  1.00 13.02 ? 45  GLU A O   1 
ATOM   370  C CB  . GLU A 1 45  ? -13.750 0.264   12.256  1.00 12.28 ? 45  GLU A CB  1 
ATOM   371  C CG  . GLU A 1 45  ? -14.679 -0.836  11.760  1.00 14.07 ? 45  GLU A CG  1 
ATOM   372  C CD  . GLU A 1 45  ? -14.350 -2.201  12.353  1.00 22.77 ? 45  GLU A CD  1 
ATOM   373  O OE1 . GLU A 1 45  ? -13.164 -2.610  12.339  1.00 20.52 ? 45  GLU A OE1 1 
ATOM   374  O OE2 . GLU A 1 45  ? -15.287 -2.866  12.842  1.00 25.80 ? 45  GLU A OE2 1 
ATOM   375  N N   . LEU A 1 46  ? -12.911 2.672   14.105  1.00 12.19 ? 46  LEU A N   1 
ATOM   376  C CA  . LEU A 1 46  ? -11.866 3.551   14.581  1.00 11.72 ? 46  LEU A CA  1 
ATOM   377  C C   . LEU A 1 46  ? -11.656 3.437   16.093  1.00 13.20 ? 46  LEU A C   1 
ATOM   378  O O   . LEU A 1 46  ? -10.538 3.350   16.562  1.00 12.67 ? 46  LEU A O   1 
ATOM   379  C CB  . LEU A 1 46  ? -12.173 4.994   14.172  1.00 12.54 ? 46  LEU A CB  1 
ATOM   380  C CG  . LEU A 1 46  ? -11.174 6.002   14.726  1.00 10.46 ? 46  LEU A CG  1 
ATOM   381  C CD1 . LEU A 1 46  ? -9.763  5.733   14.113  1.00 13.32 ? 46  LEU A CD1 1 
ATOM   382  C CD2 . LEU A 1 46  ? -11.601 7.436   14.399  1.00 12.92 ? 46  LEU A CD2 1 
ATOM   383  N N   . ASP A 1 47  ? -12.742 3.456   16.859  1.00 12.84 ? 47  ASP A N   1 
ATOM   384  C CA  . ASP A 1 47  ? -12.622 3.389   18.297  1.00 11.60 ? 47  ASP A CA  1 
ATOM   385  C C   . ASP A 1 47  ? -11.983 2.068   18.720  1.00 12.84 ? 47  ASP A C   1 
ATOM   386  O O   . ASP A 1 47  ? -11.154 2.059   19.646  1.00 14.89 ? 47  ASP A O   1 
ATOM   387  C CB  . ASP A 1 47  ? -14.007 3.543   18.905  1.00 15.84 ? 47  ASP A CB  1 
ATOM   388  C CG  . ASP A 1 47  ? -14.544 4.959   18.768  1.00 22.13 ? 47  ASP A CG  1 
ATOM   389  O OD1 . ASP A 1 47  ? -13.816 5.854   18.299  1.00 19.53 ? 47  ASP A OD1 1 
ATOM   390  O OD2 . ASP A 1 47  ? -15.703 5.185   19.163  1.00 23.31 ? 47  ASP A OD2 1 
ATOM   391  N N   . LYS A 1 48  ? -12.332 0.991   18.026  1.00 13.55 ? 48  LYS A N   1 
ATOM   392  C CA  . LYS A 1 48  ? -11.771 -0.345  18.287  1.00 14.27 ? 48  LYS A CA  1 
ATOM   393  C C   . LYS A 1 48  ? -10.260 -0.346  17.974  1.00 13.91 ? 48  LYS A C   1 
ATOM   394  O O   . LYS A 1 48  ? -9.461  -0.858  18.747  1.00 12.69 ? 48  LYS A O   1 
ATOM   395  C CB  . LYS A 1 48  ? -12.519 -1.396  17.443  1.00 18.26 ? 48  LYS A CB  1 
ATOM   396  C CG  . LYS A 1 48  ? -11.950 -2.796  17.452  1.00 18.73 ? 48  LYS A CG  1 
ATOM   397  C CD  . LYS A 1 48  ? -12.967 -3.833  16.945  1.00 16.30 ? 48  LYS A CD  1 
ATOM   398  C CE  . LYS A 1 48  ? -13.448 -3.608  15.525  1.00 19.81 ? 48  LYS A CE  1 
ATOM   399  N NZ  . LYS A 1 48  ? -12.449 -4.013  14.541  1.00 16.90 ? 48  LYS A NZ  1 
ATOM   400  N N   . ALA A 1 49  ? -9.870  0.283   16.868  1.00 13.04 ? 49  ALA A N   1 
ATOM   401  C CA  . ALA A 1 49  ? -8.451  0.315   16.487  1.00 11.81 ? 49  ALA A CA  1 
ATOM   402  C C   . ALA A 1 49  ? -7.570  1.143   17.435  1.00 12.30 ? 49  ALA A C   1 
ATOM   403  O O   . ALA A 1 49  ? -6.416  0.806   17.684  1.00 12.50 ? 49  ALA A O   1 
ATOM   404  C CB  . ALA A 1 49  ? -8.311  0.852   15.023  1.00 12.76 ? 49  ALA A CB  1 
ATOM   405  N N   . ILE A 1 50  ? -8.109  2.234   17.957  1.00 11.16 ? 50  ILE A N   1 
ATOM   406  C CA  . ILE A 1 50  ? -7.336  3.162   18.763  1.00 10.63 ? 50  ILE A CA  1 
ATOM   407  C C   . ILE A 1 50  ? -7.461  2.839   20.247  1.00 11.43 ? 50  ILE A C   1 
ATOM   408  O O   . ILE A 1 50  ? -6.565  3.148   21.026  1.00 15.89 ? 50  ILE A O   1 
ATOM   409  C CB  . ILE A 1 50  ? -7.858  4.610   18.517  1.00 13.05 ? 50  ILE A CB  1 
ATOM   410  C CG1 . ILE A 1 50  ? -7.707  4.969   17.034  1.00 15.43 ? 50  ILE A CG1 1 
ATOM   411  C CG2 . ILE A 1 50  ? -7.153  5.619   19.413  1.00 14.12 ? 50  ILE A CG2 1 
ATOM   412  C CD1 . ILE A 1 50  ? -6.286  4.926   16.554  1.00 18.08 ? 50  ILE A CD1 1 
ATOM   413  N N   . GLY A 1 51  ? -8.574  2.217   20.628  1.00 13.78 ? 51  GLY A N   1 
ATOM   414  C CA  . GLY A 1 51  ? -8.808  1.850   22.023  1.00 16.10 ? 51  GLY A CA  1 
ATOM   415  C C   . GLY A 1 51  ? -9.409  2.948   22.887  1.00 18.39 ? 51  GLY A C   1 
ATOM   416  O O   . GLY A 1 51  ? -9.271  2.925   24.107  1.00 19.95 ? 51  GLY A O   1 
ATOM   417  N N   . ARG A 1 52  ? -10.052 3.930   22.267  1.00 17.71 ? 52  ARG A N   1 
ATOM   418  C CA  . ARG A 1 52  ? -10.782 4.964   23.023  1.00 21.50 ? 52  ARG A CA  1 
ATOM   419  C C   . ARG A 1 52  ? -11.890 5.497   22.142  1.00 20.75 ? 52  ARG A C   1 
ATOM   420  O O   . ARG A 1 52  ? -11.932 5.196   20.948  1.00 16.65 ? 52  ARG A O   1 
ATOM   421  C CB  . ARG A 1 52  ? -9.856  6.106   23.430  1.00 22.44 ? 52  ARG A CB  1 
ATOM   422  C CG  . ARG A 1 52  ? -9.297  6.900   22.248  1.00 17.75 ? 52  ARG A CG  1 
ATOM   423  C CD  . ARG A 1 52  ? -8.332  8.011   22.676  1.00 20.92 ? 52  ARG A CD  1 
ATOM   424  N NE  . ARG A 1 52  ? -7.841  8.719   21.497  1.00 18.51 ? 52  ARG A NE  1 
ATOM   425  C CZ  . ARG A 1 52  ? -8.464  9.752   20.940  1.00 20.97 ? 52  ARG A CZ  1 
ATOM   426  N NH1 . ARG A 1 52  ? -9.603  10.230  21.467  1.00 19.90 ? 52  ARG A NH1 1 
ATOM   427  N NH2 . ARG A 1 52  ? -7.951  10.310  19.854  1.00 21.43 ? 52  ARG A NH2 1 
ATOM   428  N N   . ASN A 1 53  ? -12.793 6.290   22.718  1.00 18.34 ? 53  ASN A N   1 
ATOM   429  C CA  A ASN A 1 53  ? -13.851 6.904   21.927  0.50 20.44 ? 53  ASN A CA  1 
ATOM   430  C CA  B ASN A 1 53  ? -13.852 6.895   21.928  0.50 20.43 ? 53  ASN A CA  1 
ATOM   431  C C   . ASN A 1 53  ? -13.310 8.132   21.210  1.00 18.26 ? 53  ASN A C   1 
ATOM   432  O O   . ASN A 1 53  ? -13.059 9.161   21.835  1.00 20.85 ? 53  ASN A O   1 
ATOM   433  C CB  A ASN A 1 53  ? -15.019 7.310   22.822  0.50 22.01 ? 53  ASN A CB  1 
ATOM   434  C CB  B ASN A 1 53  ? -15.024 7.264   22.834  0.50 21.99 ? 53  ASN A CB  1 
ATOM   435  C CG  A ASN A 1 53  ? -15.722 6.124   23.439  0.50 25.25 ? 53  ASN A CG  1 
ATOM   436  C CG  B ASN A 1 53  ? -16.334 7.352   22.085  0.50 23.59 ? 53  ASN A CG  1 
ATOM   437  O OD1 A ASN A 1 53  ? -15.792 5.045   22.849  0.50 26.92 ? 53  ASN A OD1 1 
ATOM   438  O OD1 B ASN A 1 53  ? -16.432 8.009   21.048  0.50 30.34 ? 53  ASN A OD1 1 
ATOM   439  N ND2 A ASN A 1 53  ? -16.260 6.322   24.634  0.50 30.84 ? 53  ASN A ND2 1 
ATOM   440  N ND2 B ASN A 1 53  ? -17.353 6.685   22.608  0.50 30.98 ? 53  ASN A ND2 1 
ATOM   441  N N   . CYS A 1 54  ? -13.121 8.024   19.887  1.00 16.31 ? 54  CYS A N   1 
ATOM   442  C CA  . CYS A 1 54  ? -12.416 9.063   19.139  1.00 16.94 ? 54  CYS A CA  1 
ATOM   443  C C   . CYS A 1 54  ? -13.309 10.103  18.509  1.00 14.97 ? 54  CYS A C   1 
ATOM   444  O O   . CYS A 1 54  ? -12.842 11.179  18.164  1.00 18.05 ? 54  CYS A O   1 
ATOM   445  C CB  . CYS A 1 54  ? -11.596 8.440   17.999  1.00 13.86 ? 54  CYS A CB  1 
ATOM   446  S SG  . CYS A 1 54  ? -10.298 7.349   18.606  1.00 18.41 ? 54  CYS A SG  1 
ATOM   447  N N   . ASN A 1 55  ? -14.573 9.744   18.328  1.00 18.62 ? 55  ASN A N   1 
ATOM   448  C CA  . ASN A 1 55  ? -15.508 10.560  17.565  1.00 24.06 ? 55  ASN A CA  1 
ATOM   449  C C   . ASN A 1 55  ? -14.932 11.023  16.225  1.00 18.12 ? 55  ASN A C   1 
ATOM   450  O O   . ASN A 1 55  ? -15.067 12.202  15.847  1.00 21.80 ? 55  ASN A O   1 
ATOM   451  C CB  . ASN A 1 55  ? -15.917 11.780  18.384  1.00 20.24 ? 55  ASN A CB  1 
ATOM   452  C CG  . ASN A 1 55  ? -17.181 12.452  17.845  1.00 26.91 ? 55  ASN A CG  1 
ATOM   453  O OD1 . ASN A 1 55  ? -18.018 11.812  17.196  1.00 32.63 ? 55  ASN A OD1 1 
ATOM   454  N ND2 . ASN A 1 55  ? -17.314 13.743  18.110  1.00 27.09 ? 55  ASN A ND2 1 
ATOM   455  N N   . GLY A 1 56  ? -14.271 10.109  15.520  1.00 15.51 ? 56  GLY A N   1 
ATOM   456  C CA  . GLY A 1 56  ? -13.802 10.362  14.154  1.00 16.39 ? 56  GLY A CA  1 
ATOM   457  C C   . GLY A 1 56  ? -12.515 11.130  13.963  1.00 16.08 ? 56  GLY A C   1 
ATOM   458  O O   . GLY A 1 56  ? -12.176 11.477  12.834  1.00 17.22 ? 56  GLY A O   1 
ATOM   459  N N   . VAL A 1 57  ? -11.810 11.421  15.054  1.00 14.19 ? 57  VAL A N   1 
ATOM   460  C CA  . VAL A 1 57  ? -10.588 12.197  14.988  1.00 15.20 ? 57  VAL A CA  1 
ATOM   461  C C   . VAL A 1 57  ? -9.496  11.556  15.840  1.00 17.18 ? 57  VAL A C   1 
ATOM   462  O O   . VAL A 1 57  ? -9.762  11.075  16.946  1.00 17.36 ? 57  VAL A O   1 
ATOM   463  C CB  . VAL A 1 57  ? -10.839 13.624  15.488  1.00 21.43 ? 57  VAL A CB  1 
ATOM   464  C CG1 . VAL A 1 57  ? -9.585  14.442  15.366  1.00 24.07 ? 57  VAL A CG1 1 
ATOM   465  C CG2 . VAL A 1 57  ? -11.952 14.263  14.675  1.00 25.82 ? 57  VAL A CG2 1 
ATOM   466  N N   . ILE A 1 58  ? -8.268  11.524  15.316  1.00 14.53 ? 58  ILE A N   1 
ATOM   467  C CA  . ILE A 1 58  ? -7.138  10.974  16.078  1.00 11.06 ? 58  ILE A CA  1 
ATOM   468  C C   . ILE A 1 58  ? -5.978  11.948  16.107  1.00 14.03 ? 58  ILE A C   1 
ATOM   469  O O   . ILE A 1 58  ? -5.998  12.959  15.397  1.00 17.52 ? 58  ILE A O   1 
ATOM   470  C CB  . ILE A 1 58  ? -6.639  9.617   15.493  1.00 12.95 ? 58  ILE A CB  1 
ATOM   471  C CG1 . ILE A 1 58  ? -6.136  9.794   14.044  1.00 13.20 ? 58  ILE A CG1 1 
ATOM   472  C CG2 . ILE A 1 58  ? -7.735  8.536   15.644  1.00 15.04 ? 58  ILE A CG2 1 
ATOM   473  C CD1 . ILE A 1 58  ? -5.558  8.492   13.440  1.00 13.80 ? 58  ILE A CD1 1 
ATOM   474  N N   . THR A 1 59  ? -4.982  11.659  16.936  1.00 15.47 ? 59  THR A N   1 
ATOM   475  C CA  . THR A 1 59  ? -3.774  12.473  16.984  1.00 15.99 ? 59  THR A CA  1 
ATOM   476  C C   . THR A 1 59  ? -2.738  11.995  15.976  1.00 16.63 ? 59  THR A C   1 
ATOM   477  O O   . THR A 1 59  ? -2.862  10.899  15.422  1.00 15.85 ? 59  THR A O   1 
ATOM   478  C CB  . THR A 1 59  ? -3.109  12.412  18.361  1.00 16.31 ? 59  THR A CB  1 
ATOM   479  O OG1 . THR A 1 59  ? -2.683  11.073  18.602  1.00 17.24 ? 59  THR A OG1 1 
ATOM   480  C CG2 . THR A 1 59  ? -4.081  12.826  19.463  1.00 20.99 ? 59  THR A CG2 1 
ATOM   481  N N   . LYS A 1 60  ? -1.726  12.819  15.723  1.00 15.19 ? 60  LYS A N   1 
ATOM   482  C CA  . LYS A 1 60  ? -0.648  12.400  14.833  1.00 15.03 ? 60  LYS A CA  1 
ATOM   483  C C   . LYS A 1 60  ? 0.066   11.154  15.364  1.00 15.61 ? 60  LYS A C   1 
ATOM   484  O O   . LYS A 1 60  ? 0.367   10.251  14.576  1.00 13.09 ? 60  LYS A O   1 
ATOM   485  C CB  . LYS A 1 60  ? 0.340   13.548  14.605  1.00 18.03 ? 60  LYS A CB  1 
ATOM   486  C CG  . LYS A 1 60  ? 1.410   13.262  13.570  1.00 19.61 ? 60  LYS A CG  1 
ATOM   487  C CD  . LYS A 1 60  ? 2.261   14.497  13.315  1.00 28.45 ? 60  LYS A CD  1 
ATOM   488  C CE  . LYS A 1 60  ? 3.346   14.229  12.284  0.50 23.51 ? 60  LYS A CE  1 
ATOM   489  N N   . ASP A 1 61  ? 0.314   11.076  16.679  1.00 17.89 ? 61  ASP A N   1 
ATOM   490  C CA  . ASP A 1 61  ? 0.955   9.886   17.251  1.00 15.72 ? 61  ASP A CA  1 
ATOM   491  C C   . ASP A 1 61  ? 0.111   8.629   17.018  1.00 17.15 ? 61  ASP A C   1 
ATOM   492  O O   . ASP A 1 61  ? 0.640   7.568   16.692  1.00 14.21 ? 61  ASP A O   1 
ATOM   493  C CB  . ASP A 1 61  ? 1.219   10.026  18.758  1.00 16.49 ? 61  ASP A CB  1 
ATOM   494  C CG  . ASP A 1 61  ? 2.245   11.096  19.086  0.70 30.27 ? 61  ASP A CG  1 
ATOM   495  O OD1 . ASP A 1 61  ? 2.892   11.630  18.162  0.70 34.37 ? 61  ASP A OD1 1 
ATOM   496  O OD2 . ASP A 1 61  ? 2.410   11.396  20.286  0.70 34.36 ? 61  ASP A OD2 1 
ATOM   497  N N   . GLU A 1 62  ? -1.201  8.756   17.169  1.00 14.93 ? 62  GLU A N   1 
ATOM   498  C CA  . GLU A 1 62  ? -2.094  7.628   16.897  1.00 12.04 ? 62  GLU A CA  1 
ATOM   499  C C   . GLU A 1 62  ? -2.059  7.210   15.419  1.00 13.75 ? 62  GLU A C   1 
ATOM   500  O O   . GLU A 1 62  ? -2.037  6.013   15.101  1.00 11.94 ? 62  GLU A O   1 
ATOM   501  C CB  . GLU A 1 62  ? -3.524  7.949   17.353  1.00 11.58 ? 62  GLU A CB  1 
ATOM   502  C CG  . GLU A 1 62  ? -3.648  7.916   18.885  1.00 14.18 ? 62  GLU A CG  1 
ATOM   503  C CD  . GLU A 1 62  ? -4.902  8.561   19.408  1.00 18.94 ? 62  GLU A CD  1 
ATOM   504  O OE1 . GLU A 1 62  ? -5.562  9.310   18.663  1.00 17.48 ? 62  GLU A OE1 1 
ATOM   505  O OE2 . GLU A 1 62  ? -5.217  8.323   20.596  1.00 18.47 ? 62  GLU A OE2 1 
ATOM   506  N N   . ALA A 1 63  ? -2.038  8.187   14.523  1.00 11.83 ? 63  ALA A N   1 
ATOM   507  C CA  . ALA A 1 63  ? -1.941  7.881   13.082  1.00 10.51 ? 63  ALA A CA  1 
ATOM   508  C C   . ALA A 1 63  ? -0.645  7.149   12.777  1.00 10.22 ? 63  ALA A C   1 
ATOM   509  O O   . ALA A 1 63  ? -0.641  6.179   12.016  1.00 11.30 ? 63  ALA A O   1 
ATOM   510  C CB  . ALA A 1 63  ? -2.062  9.150   12.269  1.00 12.04 ? 63  ALA A CB  1 
ATOM   511  N N   . GLU A 1 64  ? 0.458   7.596   13.370  1.00 12.16 ? 64  GLU A N   1 
ATOM   512  C CA  . GLU A 1 64  ? 1.745   6.959   13.129  1.00 11.00 ? 64  GLU A CA  1 
ATOM   513  C C   . GLU A 1 64  ? 1.796   5.556   13.737  1.00 9.48  ? 64  GLU A C   1 
ATOM   514  O O   . GLU A 1 64  ? 2.427   4.661   13.160  1.00 12.01 ? 64  GLU A O   1 
ATOM   515  C CB  . GLU A 1 64  ? 2.867   7.864   13.666  1.00 13.32 ? 64  GLU A CB  1 
ATOM   516  C CG  . GLU A 1 64  ? 2.962   9.107   12.800  1.00 14.70 ? 64  GLU A CG  1 
ATOM   517  C CD  . GLU A 1 64  ? 3.880   10.164  13.372  1.00 23.29 ? 64  GLU A CD  1 
ATOM   518  O OE1 . GLU A 1 64  ? 4.147   10.146  14.601  1.00 27.38 ? 64  GLU A OE1 1 
ATOM   519  O OE2 . GLU A 1 64  ? 4.326   11.014  12.579  1.00 27.39 ? 64  GLU A OE2 1 
ATOM   520  N N   . LYS A 1 65  ? 1.092   5.341   14.854  1.00 10.47 ? 65  LYS A N   1 
ATOM   521  C CA  . LYS A 1 65  ? 1.052   3.994   15.425  1.00 10.54 ? 65  LYS A CA  1 
ATOM   522  C C   . LYS A 1 65  ? 0.301   3.019   14.503  1.00 10.55 ? 65  LYS A C   1 
ATOM   523  O O   . LYS A 1 65  ? 0.760   1.891   14.252  1.00 12.34 ? 65  LYS A O   1 
ATOM   524  C CB  . LYS A 1 65  ? 0.444   3.990   16.844  1.00 11.51 ? 65  LYS A CB  1 
ATOM   525  C CG  . LYS A 1 65  ? 0.569   2.628   17.522  1.00 14.88 ? 65  LYS A CG  1 
ATOM   526  C CD  . LYS A 1 65  ? 0.236   2.744   19.002  1.00 18.41 ? 65  LYS A CD  1 
ATOM   527  C CE  . LYS A 1 65  ? 0.415   1.384   19.701  1.00 21.08 ? 65  LYS A CE  1 
ATOM   528  N NZ  . LYS A 1 65  ? 0.160   1.535   21.160  1.00 21.94 ? 65  LYS A NZ  1 
ATOM   529  N N   . LEU A 1 66  ? -0.857  3.451   14.001  1.00 10.20 ? 66  LEU A N   1 
ATOM   530  C CA  . LEU A 1 66  ? -1.583  2.638   13.013  1.00 10.89 ? 66  LEU A CA  1 
ATOM   531  C C   . LEU A 1 66  ? -0.703  2.361   11.798  1.00 8.56  ? 66  LEU A C   1 
ATOM   532  O O   . LEU A 1 66  ? -0.722  1.256   11.262  1.00 10.22 ? 66  LEU A O   1 
ATOM   533  C CB  . LEU A 1 66  ? -2.897  3.302   12.554  1.00 9.56  ? 66  LEU A CB  1 
ATOM   534  C CG  . LEU A 1 66  ? -3.987  3.533   13.611  1.00 12.96 ? 66  LEU A CG  1 
ATOM   535  C CD1 . LEU A 1 66  ? -5.191  4.239   12.911  1.00 15.88 ? 66  LEU A CD1 1 
ATOM   536  C CD2 . LEU A 1 66  ? -4.417  2.225   14.232  1.00 14.65 ? 66  LEU A CD2 1 
ATOM   537  N N   . PHE A 1 67  ? 0.043   3.374   11.362  1.00 9.59  ? 67  PHE A N   1 
ATOM   538  C CA  . PHE A 1 67  ? 0.904   3.218   10.192  1.00 8.12  ? 67  PHE A CA  1 
ATOM   539  C C   . PHE A 1 67  ? 1.994   2.180   10.441  1.00 8.81  ? 67  PHE A C   1 
ATOM   540  O O   . PHE A 1 67  ? 2.249   1.334   9.568   1.00 11.06 ? 67  PHE A O   1 
ATOM   541  C CB  . PHE A 1 67  ? 1.481   4.597   9.880   1.00 9.62  ? 67  PHE A CB  1 
ATOM   542  C CG  . PHE A 1 67  ? 2.272   4.701   8.591   1.00 9.39  ? 67  PHE A CG  1 
ATOM   543  C CD1 . PHE A 1 67  ? 1.884   4.051   7.421   1.00 9.30  ? 67  PHE A CD1 1 
ATOM   544  C CD2 . PHE A 1 67  ? 3.363   5.551   8.556   1.00 12.09 ? 67  PHE A CD2 1 
ATOM   545  C CE1 . PHE A 1 67  ? 2.636   4.214   6.229   1.00 11.01 ? 67  PHE A CE1 1 
ATOM   546  C CE2 . PHE A 1 67  ? 4.096   5.732   7.382   1.00 11.52 ? 67  PHE A CE2 1 
ATOM   547  C CZ  . PHE A 1 67  ? 3.720   5.067   6.203   1.00 11.03 ? 67  PHE A CZ  1 
ATOM   548  N N   . ASN A 1 68  ? 2.634   2.219   11.609  1.00 12.00 ? 68  ASN A N   1 
ATOM   549  C CA  . ASN A 1 68  ? 3.630   1.203   11.946  1.00 10.31 ? 68  ASN A CA  1 
ATOM   550  C C   . ASN A 1 68  ? 3.006   -0.198  11.906  1.00 11.62 ? 68  ASN A C   1 
ATOM   551  O O   . ASN A 1 68  ? 3.576   -1.163  11.370  1.00 11.67 ? 68  ASN A O   1 
ATOM   552  C CB  . ASN A 1 68  ? 4.208   1.462   13.343  1.00 13.01 ? 68  ASN A CB  1 
ATOM   553  C CG  . ASN A 1 68  ? 5.223   2.586   13.370  1.00 20.41 ? 68  ASN A CG  1 
ATOM   554  O OD1 . ASN A 1 68  ? 5.966   2.773   12.417  1.00 22.67 ? 68  ASN A OD1 1 
ATOM   555  N ND2 . ASN A 1 68  ? 5.271   3.334   14.484  1.00 23.09 ? 68  ASN A ND2 1 
ATOM   556  N N   . GLN A 1 69  ? 1.811   -0.312  12.479  1.00 9.71  ? 69  GLN A N   1 
ATOM   557  C CA  . GLN A 1 69  ? 1.120   -1.601  12.478  1.00 10.19 ? 69  GLN A CA  1 
ATOM   558  C C   . GLN A 1 69  ? 0.798   -2.071  11.078  1.00 9.37  ? 69  GLN A C   1 
ATOM   559  O O   . GLN A 1 69  ? 0.905   -3.264  10.775  1.00 12.39 ? 69  GLN A O   1 
ATOM   560  C CB  . GLN A 1 69  ? -0.176  -1.526  13.273  1.00 9.67  ? 69  GLN A CB  1 
ATOM   561  C CG  . GLN A 1 69  ? 0.084   -1.370  14.755  1.00 9.06  ? 69  GLN A CG  1 
ATOM   562  C CD  . GLN A 1 69  ? -1.170  -1.125  15.573  1.00 11.00 ? 69  GLN A CD  1 
ATOM   563  O OE1 . GLN A 1 69  ? -2.290  -0.950  15.025  1.00 16.31 ? 69  GLN A OE1 1 
ATOM   564  N NE2 . GLN A 1 69  ? -0.997  -1.087  16.881  1.00 10.92 ? 69  GLN A NE2 1 
ATOM   565  N N   . ASP A 1 70  ? 0.387   -1.135  10.227  1.00 10.05 ? 70  ASP A N   1 
ATOM   566  C CA  . ASP A 1 70  ? -0.010  -1.476  8.866   1.00 11.36 ? 70  ASP A CA  1 
ATOM   567  C C   . ASP A 1 70  ? 1.155   -1.852  7.959   1.00 8.83  ? 70  ASP A C   1 
ATOM   568  O O   . ASP A 1 70  ? 1.029   -2.762  7.141   1.00 11.70 ? 70  ASP A O   1 
ATOM   569  C CB  . ASP A 1 70  ? -0.798  -0.300  8.231   1.00 10.69 ? 70  ASP A CB  1 
ATOM   570  C CG  . ASP A 1 70  ? -2.151  -0.075  8.893   1.00 14.67 ? 70  ASP A CG  1 
ATOM   571  O OD1 . ASP A 1 70  ? -2.648  -1.004  9.554   1.00 15.14 ? 70  ASP A OD1 1 
ATOM   572  O OD2 . ASP A 1 70  ? -2.717  1.033   8.744   1.00 13.57 ? 70  ASP A OD2 1 
ATOM   573  N N   . VAL A 1 71  ? 2.286   -1.176  8.141   1.00 9.78  ? 71  VAL A N   1 
ATOM   574  C CA  . VAL A 1 71  ? 3.475   -1.524  7.355   1.00 10.05 ? 71  VAL A CA  1 
ATOM   575  C C   . VAL A 1 71  ? 3.955   -2.894  7.789   1.00 13.55 ? 71  VAL A C   1 
ATOM   576  O O   . VAL A 1 71  ? 4.280   -3.742  6.945   1.00 11.49 ? 71  VAL A O   1 
ATOM   577  C CB  . VAL A 1 71  ? 4.583   -0.475  7.528   1.00 10.59 ? 71  VAL A CB  1 
ATOM   578  C CG1 . VAL A 1 71  ? 5.875   -0.971  6.874   1.00 11.19 ? 71  VAL A CG1 1 
ATOM   579  C CG2 . VAL A 1 71  ? 4.156   0.852   6.866   1.00 13.60 ? 71  VAL A CG2 1 
ATOM   580  N N   . ASP A 1 72  ? 3.987   -3.124  9.098   1.00 12.76 ? 72  ASP A N   1 
ATOM   581  C CA  . ASP A 1 72  ? 4.391   -4.431  9.613   1.00 13.60 ? 72  ASP A CA  1 
ATOM   582  C C   . ASP A 1 72  ? 3.458   -5.514  9.066   1.00 13.96 ? 72  ASP A C   1 
ATOM   583  O O   . ASP A 1 72  ? 3.916   -6.540  8.570   1.00 14.91 ? 72  ASP A O   1 
ATOM   584  C CB  . ASP A 1 72  ? 4.418   -4.420  11.145  1.00 14.40 ? 72  ASP A CB  1 
ATOM   585  C CG  . ASP A 1 72  ? 5.109   -5.655  11.714  1.00 30.17 ? 72  ASP A CG  1 
ATOM   586  O OD1 . ASP A 1 72  ? 6.299   -5.563  12.085  1.00 46.05 ? 72  ASP A OD1 1 
ATOM   587  O OD2 . ASP A 1 72  ? 4.468   -6.722  11.753  1.00 33.24 ? 72  ASP A OD2 1 
ATOM   588  N N   . ALA A 1 73  ? 2.156   -5.276  9.100   1.00 13.69 ? 73  ALA A N   1 
ATOM   589  C CA  . ALA A 1 73  ? 1.210   -6.245  8.557   1.00 13.79 ? 73  ALA A CA  1 
ATOM   590  C C   . ALA A 1 73  ? 1.441   -6.525  7.072   1.00 14.05 ? 73  ALA A C   1 
ATOM   591  O O   . ALA A 1 73  ? 1.302   -7.680  6.627   1.00 15.79 ? 73  ALA A O   1 
ATOM   592  C CB  . ALA A 1 73  ? -0.243  -5.801  8.798   1.00 14.92 ? 73  ALA A CB  1 
ATOM   593  N N   . ALA A 1 74  ? 1.770   -5.503  6.293   1.00 13.27 ? 74  ALA A N   1 
ATOM   594  C CA  . ALA A 1 74  ? 2.039   -5.700  4.868   1.00 12.34 ? 74  ALA A CA  1 
ATOM   595  C C   . ALA A 1 74  ? 3.269   -6.580  4.660   1.00 12.97 ? 74  ALA A C   1 
ATOM   596  O O   . ALA A 1 74  ? 3.236   -7.500  3.852   1.00 13.77 ? 74  ALA A O   1 
ATOM   597  C CB  . ALA A 1 74  ? 2.224   -4.367  4.158   1.00 12.02 ? 74  ALA A CB  1 
ATOM   598  N N   . VAL A 1 75  ? 4.339   -6.296  5.399   1.00 12.49 ? 75  VAL A N   1 
ATOM   599  C CA  . VAL A 1 75  ? 5.546   -7.125  5.282   1.00 13.09 ? 75  VAL A CA  1 
ATOM   600  C C   . VAL A 1 75  ? 5.273   -8.560  5.733   1.00 15.53 ? 75  VAL A C   1 
ATOM   601  O O   . VAL A 1 75  ? 5.664   -9.516  5.055   1.00 14.36 ? 75  VAL A O   1 
ATOM   602  C CB  . VAL A 1 75  ? 6.675   -6.540  6.138   1.00 12.04 ? 75  VAL A CB  1 
ATOM   603  C CG1 . VAL A 1 75  ? 7.866   -7.500  6.136   1.00 18.04 ? 75  VAL A CG1 1 
ATOM   604  C CG2 . VAL A 1 75  ? 7.107   -5.176  5.587   1.00 14.09 ? 75  VAL A CG2 1 
ATOM   605  N N   . ARG A 1 76  ? 4.613   -8.730  6.877   1.00 15.27 ? 76  ARG A N   1 
ATOM   606  C CA  . ARG A 1 76  ? 4.311   -10.085 7.340   1.00 18.23 ? 76  ARG A CA  1 
ATOM   607  C C   . ARG A 1 76  ? 3.441   -10.866 6.353   1.00 20.28 ? 76  ARG A C   1 
ATOM   608  O O   . ARG A 1 76  ? 3.618   -12.085 6.168   1.00 20.22 ? 76  ARG A O   1 
ATOM   609  C CB  . ARG A 1 76  ? 3.629   -10.018 8.699   1.00 20.72 ? 76  ARG A CB  1 
ATOM   610  C CG  . ARG A 1 76  ? 4.585   -9.741  9.793   1.00 29.39 ? 76  ARG A CG  1 
ATOM   611  C CD  . ARG A 1 76  ? 3.921   -10.098 11.098  1.00 39.91 ? 76  ARG A CD  1 
ATOM   612  N NE  . ARG A 1 76  ? 4.689   -9.689  12.262  0.70 32.60 ? 76  ARG A NE  1 
ATOM   613  C CZ  . ARG A 1 76  ? 5.582   -10.456 12.880  0.70 31.21 ? 76  ARG A CZ  1 
ATOM   614  N NH1 . ARG A 1 76  ? 5.852   -11.678 12.431  0.70 28.37 ? 76  ARG A NH1 1 
ATOM   615  N NH2 . ARG A 1 76  ? 6.208   -9.989  13.945  0.70 28.36 ? 76  ARG A NH2 1 
ATOM   616  N N   . GLY A 1 77  ? 2.516   -10.163 5.709   1.00 14.78 ? 77  GLY A N   1 
ATOM   617  C CA  . GLY A 1 77  ? 1.614   -10.751 4.746   1.00 17.95 ? 77  GLY A CA  1 
ATOM   618  C C   . GLY A 1 77  ? 2.404   -11.268 3.567   1.00 21.15 ? 77  GLY A C   1 
ATOM   619  O O   . GLY A 1 77  ? 2.171   -12.380 3.100   1.00 22.00 ? 77  GLY A O   1 
ATOM   620  N N   . ILE A 1 78  ? 3.358   -10.472 3.098   1.00 12.95 ? 78  ILE A N   1 
ATOM   621  C CA  . ILE A 1 78  ? 4.236   -10.928 2.047   1.00 11.29 ? 78  ILE A CA  1 
ATOM   622  C C   . ILE A 1 78  ? 5.009   -12.179 2.469   1.00 15.42 ? 78  ILE A C   1 
ATOM   623  O O   . ILE A 1 78  ? 5.093   -13.138 1.698   1.00 15.56 ? 78  ILE A O   1 
ATOM   624  C CB  . ILE A 1 78  ? 5.225   -9.824  1.634   1.00 10.94 ? 78  ILE A CB  1 
ATOM   625  C CG1 . ILE A 1 78  ? 4.503   -8.749  0.813   1.00 12.57 ? 78  ILE A CG1 1 
ATOM   626  C CG2 . ILE A 1 78  ? 6.358   -10.406 0.759   1.00 11.87 ? 78  ILE A CG2 1 
ATOM   627  C CD1 . ILE A 1 78  ? 5.278   -7.449  0.756   1.00 15.58 ? 78  ILE A CD1 1 
ATOM   628  N N   . LEU A 1 79  ? 5.590   -12.166 3.664   1.00 13.27 ? 79  LEU A N   1 
ATOM   629  C CA  . LEU A 1 79  ? 6.453   -13.280 4.063   1.00 15.72 ? 79  LEU A CA  1 
ATOM   630  C C   . LEU A 1 79  ? 5.659   -14.564 4.274   1.00 23.50 ? 79  LEU A C   1 
ATOM   631  O O   . LEU A 1 79  ? 6.223   -15.659 4.151   1.00 21.39 ? 79  LEU A O   1 
ATOM   632  C CB  . LEU A 1 79  ? 7.246   -12.930 5.323   1.00 16.40 ? 79  LEU A CB  1 
ATOM   633  C CG  . LEU A 1 79  ? 8.246   -11.772 5.181   1.00 19.51 ? 79  LEU A CG  1 
ATOM   634  C CD1 . LEU A 1 79  ? 8.922   -11.474 6.518   1.00 28.03 ? 79  LEU A CD1 1 
ATOM   635  C CD2 . LEU A 1 79  ? 9.312   -12.031 4.101   1.00 23.56 ? 79  LEU A CD2 1 
ATOM   636  N N   . ARG A 1 80  ? 4.358   -14.448 4.544   1.00 17.99 ? 80  ARG A N   1 
ATOM   637  C CA  . ARG A 1 80  ? 3.517   -15.646 4.739   1.00 17.92 ? 80  ARG A CA  1 
ATOM   638  C C   . ARG A 1 80  ? 2.862   -16.159 3.463   1.00 21.85 ? 80  ARG A C   1 
ATOM   639  O O   . ARG A 1 80  ? 2.183   -17.192 3.480   1.00 24.23 ? 80  ARG A O   1 
ATOM   640  C CB  . ARG A 1 80  ? 2.411   -15.368 5.782   1.00 23.31 ? 80  ARG A CB  1 
ATOM   641  N N   . ASN A 1 81  ? 3.029   -15.440 2.359   1.00 17.99 ? 81  ASN A N   1 
ATOM   642  C CA  . ASN A 1 81  ? 2.333   -15.762 1.136   1.00 17.29 ? 81  ASN A CA  1 
ATOM   643  C C   . ASN A 1 81  ? 3.287   -16.496 0.215   1.00 18.10 ? 81  ASN A C   1 
ATOM   644  O O   . ASN A 1 81  ? 4.326   -15.965 -0.175  1.00 17.02 ? 81  ASN A O   1 
ATOM   645  C CB  . ASN A 1 81  ? 1.839   -14.479 0.457   1.00 19.56 ? 81  ASN A CB  1 
ATOM   646  C CG  . ASN A 1 81  ? 0.966   -14.754 -0.730  1.00 20.83 ? 81  ASN A CG  1 
ATOM   647  O OD1 . ASN A 1 81  ? 1.443   -15.211 -1.768  1.00 23.66 ? 81  ASN A OD1 1 
ATOM   648  N ND2 . ASN A 1 81  ? -0.318  -14.430 -0.612  1.00 23.12 ? 81  ASN A ND2 1 
ATOM   649  N N   . ALA A 1 82  ? 2.943   -17.723 -0.144  1.00 19.34 ? 82  ALA A N   1 
ATOM   650  C CA  . ALA A 1 82  ? 3.854   -18.541 -0.946  1.00 21.15 ? 82  ALA A CA  1 
ATOM   651  C C   . ALA A 1 82  ? 4.154   -18.016 -2.352  1.00 18.65 ? 82  ALA A C   1 
ATOM   652  O O   . ALA A 1 82  ? 5.189   -18.369 -2.930  1.00 22.56 ? 82  ALA A O   1 
ATOM   653  C CB  . ALA A 1 82  ? 3.324   -19.976 -1.020  1.00 26.15 ? 82  ALA A CB  1 
ATOM   654  N N   . LYS A 1 83  ? 3.262   -17.197 -2.917  1.00 19.12 ? 83  LYS A N   1 
ATOM   655  C CA  . LYS A 1 83  ? 3.518   -16.574 -4.223  1.00 20.25 ? 83  LYS A CA  1 
ATOM   656  C C   . LYS A 1 83  ? 4.362   -15.317 -4.109  1.00 19.90 ? 83  LYS A C   1 
ATOM   657  O O   . LYS A 1 83  ? 5.181   -15.021 -4.987  1.00 22.81 ? 83  LYS A O   1 
ATOM   658  C CB  . LYS A 1 83  ? 2.214   -16.249 -4.961  1.00 24.50 ? 83  LYS A CB  1 
ATOM   659  C CG  . LYS A 1 83  ? 1.430   -17.488 -5.399  1.00 32.51 ? 83  LYS A CG  1 
ATOM   660  N N   . LEU A 1 84  ? 4.187   -14.575 -3.025  1.00 13.71 ? 84  LEU A N   1 
ATOM   661  C CA  . LEU A 1 84  ? 4.879   -13.305 -2.886  1.00 11.63 ? 84  LEU A CA  1 
ATOM   662  C C   . LEU A 1 84  ? 6.267   -13.404 -2.266  1.00 10.38 ? 84  LEU A C   1 
ATOM   663  O O   . LEU A 1 84  ? 7.184   -12.677 -2.671  1.00 13.67 ? 84  LEU A O   1 
ATOM   664  C CB  . LEU A 1 84  ? 4.039   -12.320 -2.051  1.00 12.33 ? 84  LEU A CB  1 
ATOM   665  C CG  . LEU A 1 84  ? 2.677   -11.967 -2.646  1.00 16.08 ? 84  LEU A CG  1 
ATOM   666  C CD1 . LEU A 1 84  ? 1.967   -10.999 -1.676  1.00 14.45 ? 84  LEU A CD1 1 
ATOM   667  C CD2 . LEU A 1 84  ? 2.757   -11.377 -4.039  1.00 19.41 ? 84  LEU A CD2 1 
ATOM   668  N N   . LYS A 1 85  ? 6.430   -14.275 -1.285  1.00 12.78 ? 85  LYS A N   1 
ATOM   669  C CA  . LYS A 1 85  ? 7.708   -14.351 -0.583  1.00 13.05 ? 85  LYS A CA  1 
ATOM   670  C C   . LYS A 1 85  ? 8.919   -14.602 -1.491  1.00 13.39 ? 85  LYS A C   1 
ATOM   671  O O   . LYS A 1 85  ? 9.915   -13.896 -1.373  1.00 14.18 ? 85  LYS A O   1 
ATOM   672  C CB  . LYS A 1 85  ? 7.662   -15.380 0.557   1.00 14.58 ? 85  LYS A CB  1 
ATOM   673  C CG  . LYS A 1 85  ? 8.948   -15.385 1.366   1.00 16.49 ? 85  LYS A CG  1 
ATOM   674  C CD  . LYS A 1 85  ? 8.885   -16.392 2.488   1.00 23.29 ? 85  LYS A CD  1 
ATOM   675  C CE  . LYS A 1 85  ? 10.065  -16.207 3.446   1.00 29.79 ? 85  LYS A CE  1 
ATOM   676  N NZ  . LYS A 1 85  ? 11.340  -16.585 2.800   1.00 33.67 ? 85  LYS A NZ  1 
ATOM   677  N N   . PRO A 1 86  ? 8.835   -15.571 -2.413  1.00 12.85 ? 86  PRO A N   1 
ATOM   678  C CA  . PRO A 1 86  ? 10.031  -15.778 -3.250  1.00 14.29 ? 86  PRO A CA  1 
ATOM   679  C C   . PRO A 1 86  ? 10.386  -14.573 -4.098  1.00 13.26 ? 86  PRO A C   1 
ATOM   680  O O   . PRO A 1 86  ? 11.565  -14.288 -4.306  1.00 14.55 ? 86  PRO A O   1 
ATOM   681  C CB  . PRO A 1 86  ? 9.676   -16.993 -4.122  1.00 16.93 ? 86  PRO A CB  1 
ATOM   682  C CG  . PRO A 1 86  ? 8.234   -17.285 -3.859  1.00 20.77 ? 86  PRO A CG  1 
ATOM   683  C CD  . PRO A 1 86  ? 7.841   -16.639 -2.560  1.00 15.56 ? 86  PRO A CD  1 
ATOM   684  N N   . VAL A 1 87  ? 9.389   -13.866 -4.613  1.00 12.47 ? 87  VAL A N   1 
ATOM   685  C CA  . VAL A 1 87  ? 9.685   -12.701 -5.417  1.00 11.19 ? 87  VAL A CA  1 
ATOM   686  C C   . VAL A 1 87  ? 10.283  -11.605 -4.535  1.00 9.67  ? 87  VAL A C   1 
ATOM   687  O O   . VAL A 1 87  ? 11.293  -10.982 -4.853  1.00 11.20 ? 87  VAL A O   1 
ATOM   688  C CB  . VAL A 1 87  ? 8.412   -12.188 -6.119  1.00 14.57 ? 87  VAL A CB  1 
ATOM   689  C CG1 . VAL A 1 87  ? 8.762   -11.034 -7.031  1.00 14.68 ? 87  VAL A CG1 1 
ATOM   690  C CG2 . VAL A 1 87  ? 7.726   -13.336 -6.911  1.00 15.45 ? 87  VAL A CG2 1 
ATOM   691  N N   . TYR A 1 88  ? 9.676   -11.384 -3.370  1.00 10.27 ? 88  TYR A N   1 
ATOM   692  C CA  . TYR A 1 88  ? 10.204  -10.395 -2.462  1.00 11.53 ? 88  TYR A CA  1 
ATOM   693  C C   . TYR A 1 88  ? 11.637  -10.689 -2.077  1.00 13.89 ? 88  TYR A C   1 
ATOM   694  O O   . TYR A 1 88  ? 12.497  -9.811  -2.160  1.00 12.43 ? 88  TYR A O   1 
ATOM   695  C CB  . TYR A 1 88  ? 9.296   -10.366 -1.220  1.00 10.57 ? 88  TYR A CB  1 
ATOM   696  C CG  . TYR A 1 88  ? 9.653   -9.332  -0.177  1.00 13.01 ? 88  TYR A CG  1 
ATOM   697  C CD1 . TYR A 1 88  ? 9.210   -8.011  -0.299  1.00 12.75 ? 88  TYR A CD1 1 
ATOM   698  C CD2 . TYR A 1 88  ? 10.419  -9.668  0.913   1.00 17.43 ? 88  TYR A CD2 1 
ATOM   699  C CE1 . TYR A 1 88  ? 9.514   -7.063  0.660   1.00 14.66 ? 88  TYR A CE1 1 
ATOM   700  C CE2 . TYR A 1 88  ? 10.735  -8.727  1.871   1.00 18.95 ? 88  TYR A CE2 1 
ATOM   701  C CZ  . TYR A 1 88  ? 10.276  -7.419  1.729   1.00 20.00 ? 88  TYR A CZ  1 
ATOM   702  O OH  . TYR A 1 88  ? 10.587  -6.473  2.681   1.00 21.18 ? 88  TYR A OH  1 
ATOM   703  N N   . ASP A 1 89  ? 11.903  -11.932 -1.695  1.00 11.56 ? 89  ASP A N   1 
ATOM   704  C CA  . ASP A 1 89  ? 13.281  -12.302 -1.317  1.00 14.13 ? 89  ASP A CA  1 
ATOM   705  C C   . ASP A 1 89  ? 14.271  -12.118 -2.440  1.00 13.69 ? 89  ASP A C   1 
ATOM   706  O O   . ASP A 1 89  ? 15.453  -11.872 -2.192  1.00 14.69 ? 89  ASP A O   1 
ATOM   707  C CB  . ASP A 1 89  ? 13.300  -13.749 -0.849  1.00 13.71 ? 89  ASP A CB  1 
ATOM   708  C CG  . ASP A 1 89  ? 12.756  -13.901 0.578   1.00 21.63 ? 89  ASP A CG  1 
ATOM   709  O OD1 . ASP A 1 89  ? 12.564  -12.867 1.259   1.00 23.93 ? 89  ASP A OD1 1 
ATOM   710  O OD2 . ASP A 1 89  ? 12.530  -15.056 1.007   1.00 26.60 ? 89  ASP A OD2 1 
ATOM   711  N N   . SER A 1 90  ? 13.811  -12.230 -3.678  1.00 10.77 ? 90  SER A N   1 
ATOM   712  C CA  . SER A 1 90  ? 14.706  -12.028 -4.818  1.00 11.27 ? 90  SER A CA  1 
ATOM   713  C C   . SER A 1 90  ? 15.102  -10.572 -5.068  1.00 12.92 ? 90  SER A C   1 
ATOM   714  O O   . SER A 1 90  ? 16.070  -10.296 -5.773  1.00 12.46 ? 90  SER A O   1 
ATOM   715  C CB  . SER A 1 90  ? 14.087  -12.648 -6.093  1.00 12.95 ? 90  SER A CB  1 
ATOM   716  O OG  . SER A 1 90  ? 13.113  -11.794 -6.671  1.00 12.81 ? 90  SER A OG  1 
ATOM   717  N N   . LEU A 1 91  ? 14.324  -9.636  -4.512  1.00 11.62 ? 91  LEU A N   1 
ATOM   718  C CA  . LEU A 1 91  ? 14.470  -8.207  -4.793  1.00 11.67 ? 91  LEU A CA  1 
ATOM   719  C C   . LEU A 1 91  ? 15.536  -7.542  -3.928  1.00 10.37 ? 91  LEU A C   1 
ATOM   720  O O   . LEU A 1 91  ? 15.825  -7.999  -2.808  1.00 12.80 ? 91  LEU A O   1 
ATOM   721  C CB  . LEU A 1 91  ? 13.121  -7.497  -4.574  1.00 10.72 ? 91  LEU A CB  1 
ATOM   722  C CG  . LEU A 1 91  ? 11.984  -7.898  -5.544  1.00 11.79 ? 91  LEU A CG  1 
ATOM   723  C CD1 . LEU A 1 91  ? 10.713  -7.211  -5.051  1.00 12.01 ? 91  LEU A CD1 1 
ATOM   724  C CD2 . LEU A 1 91  ? 12.319  -7.481  -6.959  1.00 12.54 ? 91  LEU A CD2 1 
ATOM   725  N N   . ASP A 1 92  ? 16.122  -6.475  -4.473  1.00 10.06 ? 92  ASP A N   1 
ATOM   726  C CA  . ASP A 1 92  ? 16.942  -5.551  -3.712  1.00 10.43 ? 92  ASP A CA  1 
ATOM   727  C C   . ASP A 1 92  ? 16.085  -4.689  -2.777  1.00 13.16 ? 92  ASP A C   1 
ATOM   728  O O   . ASP A 1 92  ? 14.849  -4.664  -2.889  1.00 11.96 ? 92  ASP A O   1 
ATOM   729  C CB  . ASP A 1 92  ? 17.665  -4.630  -4.666  1.00 14.24 ? 92  ASP A CB  1 
ATOM   730  C CG  . ASP A 1 92  ? 16.708  -3.897  -5.553  1.00 12.32 ? 92  ASP A CG  1 
ATOM   731  O OD1 . ASP A 1 92  ? 16.339  -4.473  -6.611  1.00 13.96 ? 92  ASP A OD1 1 
ATOM   732  O OD2 . ASP A 1 92  ? 16.320  -2.750  -5.176  1.00 14.18 ? 92  ASP A OD2 1 
ATOM   733  N N   . ALA A 1 93  ? 16.737  -3.975  -1.867  1.00 14.34 ? 93  ALA A N   1 
ATOM   734  C CA  . ALA A 1 93  ? 16.007  -3.230  -0.850  1.00 15.62 ? 93  ALA A CA  1 
ATOM   735  C C   . ALA A 1 93  ? 15.048  -2.171  -1.389  1.00 12.73 ? 93  ALA A C   1 
ATOM   736  O O   . ALA A 1 93  ? 13.972  -1.973  -0.791  1.00 14.56 ? 93  ALA A O   1 
ATOM   737  C CB  . ALA A 1 93  ? 16.986  -2.585  0.163   1.00 15.93 ? 93  ALA A CB  1 
ATOM   738  N N   . VAL A 1 94  ? 15.435  -1.456  -2.431  1.00 12.96 ? 94  VAL A N   1 
ATOM   739  C CA  . VAL A 1 94  ? 14.555  -0.403  -2.964  1.00 12.92 ? 94  VAL A CA  1 
ATOM   740  C C   . VAL A 1 94  ? 13.322  -1.022  -3.593  1.00 12.28 ? 94  VAL A C   1 
ATOM   741  O O   . VAL A 1 94  ? 12.161  -0.590  -3.340  1.00 8.83  ? 94  VAL A O   1 
ATOM   742  C CB  . VAL A 1 94  ? 15.294  0.501   -3.935  1.00 11.35 ? 94  VAL A CB  1 
ATOM   743  C CG1 . VAL A 1 94  ? 14.307  1.535   -4.586  1.00 14.31 ? 94  VAL A CG1 1 
ATOM   744  C CG2 . VAL A 1 94  ? 16.432  1.211   -3.217  1.00 16.84 ? 94  VAL A CG2 1 
ATOM   745  N N   . ARG A 1 95  ? 13.529  -2.086  -4.363  1.00 10.01 ? 95  ARG A N   1 
ATOM   746  C CA  . ARG A 1 95  ? 12.393  -2.710  -5.019  1.00 7.68  ? 95  ARG A CA  1 
ATOM   747  C C   . ARG A 1 95  ? 11.506  -3.412  -3.972  1.00 9.32  ? 95  ARG A C   1 
ATOM   748  O O   . ARG A 1 95  ? 10.283  -3.503  -4.161  1.00 9.35  ? 95  ARG A O   1 
ATOM   749  C CB  . ARG A 1 95  ? 12.891  -3.646  -6.133  1.00 9.57  ? 95  ARG A CB  1 
ATOM   750  C CG  . ARG A 1 95  ? 13.486  -2.858  -7.285  1.00 8.10  ? 95  ARG A CG  1 
ATOM   751  C CD  . ARG A 1 95  ? 13.811  -3.855  -8.420  1.00 10.47 ? 95  ARG A CD  1 
ATOM   752  N NE  . ARG A 1 95  ? 14.229  -3.189  -9.661  1.00 10.42 ? 95  ARG A NE  1 
ATOM   753  C CZ  . ARG A 1 95  ? 15.505  -2.966  -9.998  1.00 10.70 ? 95  ARG A CZ  1 
ATOM   754  N NH1 . ARG A 1 95  ? 16.492  -3.295  -9.168  1.00 13.57 ? 95  ARG A NH1 1 
ATOM   755  N NH2 . ARG A 1 95  ? 15.768  -2.355  -11.151 1.00 14.31 ? 95  ARG A NH2 1 
ATOM   756  N N   . ARG A 1 96  ? 12.079  -3.869  -2.857  1.00 9.04  ? 96  ARG A N   1 
ATOM   757  C CA  . ARG A 1 96  ? 11.234  -4.445  -1.807  1.00 9.61  ? 96  ARG A CA  1 
ATOM   758  C C   . ARG A 1 96  ? 10.263  -3.392  -1.296  1.00 10.56 ? 96  ARG A C   1 
ATOM   759  O O   . ARG A 1 96  ? 9.145   -3.740  -0.888  1.00 10.53 ? 96  ARG A O   1 
ATOM   760  C CB  . ARG A 1 96  ? 12.062  -4.994  -0.636  1.00 10.37 ? 96  ARG A CB  1 
ATOM   761  C CG  . ARG A 1 96  ? 12.708  -6.318  -0.990  1.00 11.96 ? 96  ARG A CG  1 
ATOM   762  C CD  . ARG A 1 96  ? 13.537  -6.864  0.180   1.00 13.46 ? 96  ARG A CD  1 
ATOM   763  N NE  . ARG A 1 96  ? 14.179  -8.106  -0.240  1.00 14.70 ? 96  ARG A NE  1 
ATOM   764  C CZ  . ARG A 1 96  ? 15.162  -8.693  0.442   1.00 19.15 ? 96  ARG A CZ  1 
ATOM   765  N NH1 . ARG A 1 96  ? 15.596  -8.152  1.572   1.00 19.50 ? 96  ARG A NH1 1 
ATOM   766  N NH2 . ARG A 1 96  ? 15.701  -9.826  0.004   1.00 16.32 ? 96  ARG A NH2 1 
ATOM   767  N N   . CYS A 1 97  ? 10.684  -2.125  -1.310  1.00 10.25 ? 97  CYS A N   1 
ATOM   768  C CA  . CYS A 1 97  ? 9.794   -1.048  -0.843  1.00 11.91 ? 97  CYS A CA  1 
ATOM   769  C C   . CYS A 1 97  ? 8.619   -0.873  -1.785  1.00 11.18 ? 97  CYS A C   1 
ATOM   770  O O   . CYS A 1 97  ? 7.475   -0.703  -1.342  1.00 8.71  ? 97  CYS A O   1 
ATOM   771  C CB  . CYS A 1 97  ? 10.512  0.294   -0.695  1.00 10.08 ? 97  CYS A CB  1 
ATOM   772  S SG  . CYS A 1 97  ? 11.639  0.306   0.704   1.00 13.02 ? 97  CYS A SG  1 
ATOM   773  N N   . ALA A 1 98  ? 8.888   -0.963  -3.084  1.00 9.85  ? 98  ALA A N   1 
ATOM   774  C CA  . ALA A 1 98  ? 7.815   -0.937  -4.102  1.00 8.75  ? 98  ALA A CA  1 
ATOM   775  C C   . ALA A 1 98  ? 6.822   -2.084  -3.873  1.00 9.52  ? 98  ALA A C   1 
ATOM   776  O O   . ALA A 1 98  ? 5.609   -1.888  -3.932  1.00 10.38 ? 98  ALA A O   1 
ATOM   777  C CB  . ALA A 1 98  ? 8.401   -0.956  -5.512  1.00 9.75  ? 98  ALA A CB  1 
ATOM   778  N N   . ALA A 1 99  ? 7.336   -3.264  -3.552  1.00 9.32  ? 99  ALA A N   1 
ATOM   779  C CA  . ALA A 1 99  ? 6.468   -4.398  -3.261  1.00 10.41 ? 99  ALA A CA  1 
ATOM   780  C C   . ALA A 1 99  ? 5.576   -4.179  -2.047  1.00 9.55  ? 99  ALA A C   1 
ATOM   781  O O   . ALA A 1 99  ? 4.381   -4.487  -2.064  1.00 10.42 ? 99  ALA A O   1 
ATOM   782  C CB  . ALA A 1 99  ? 7.344   -5.659  -3.079  1.00 9.14  ? 99  ALA A CB  1 
ATOM   783  N N   . ILE A 1 100 ? 6.174   -3.670  -0.971  1.00 7.75  ? 100 ILE A N   1 
ATOM   784  C CA  . ILE A 1 100 ? 5.411   -3.381  0.248   1.00 8.64  ? 100 ILE A CA  1 
ATOM   785  C C   . ILE A 1 100 ? 4.331   -2.343  -0.060  1.00 8.07  ? 100 ILE A C   1 
ATOM   786  O O   . ILE A 1 100 ? 3.186   -2.478  0.405   1.00 11.37 ? 100 ILE A O   1 
ATOM   787  C CB  . ILE A 1 100 ? 6.327   -2.929  1.395   1.00 8.26  ? 100 ILE A CB  1 
ATOM   788  C CG1 . ILE A 1 100 ? 7.269   -4.062  1.799   1.00 9.63  ? 100 ILE A CG1 1 
ATOM   789  C CG2 . ILE A 1 100 ? 5.449   -2.532  2.583   1.00 10.99 ? 100 ILE A CG2 1 
ATOM   790  C CD1 . ILE A 1 100 ? 8.432   -3.557  2.677   1.00 12.68 ? 100 ILE A CD1 1 
ATOM   791  N N   . ASN A 1 101 ? 4.692   -1.320  -0.835  1.00 9.48  ? 101 ASN A N   1 
ATOM   792  C CA  . ASN A 1 101 ? 3.749   -0.266  -1.213  1.00 8.91  ? 101 ASN A CA  1 
ATOM   793  C C   . ASN A 1 101 ? 2.509   -0.859  -1.895  1.00 9.96  ? 101 ASN A C   1 
ATOM   794  O O   . ASN A 1 101 ? 1.384   -0.543  -1.509  1.00 10.74 ? 101 ASN A O   1 
ATOM   795  C CB  . ASN A 1 101 ? 4.508   0.770   -2.103  1.00 7.82  ? 101 ASN A CB  1 
ATOM   796  C CG  . ASN A 1 101 ? 3.729   2.047   -2.317  1.00 10.09 ? 101 ASN A CG  1 
ATOM   797  O OD1 . ASN A 1 101 ? 2.554   2.011   -2.657  1.00 11.76 ? 101 ASN A OD1 1 
ATOM   798  N ND2 . ASN A 1 101 ? 4.365   3.177   -2.075  1.00 9.70  ? 101 ASN A ND2 1 
ATOM   799  N N   . MET A 1 102 ? 2.708   -1.759  -2.854  1.00 9.79  ? 102 MET A N   1 
ATOM   800  C CA  . MET A 1 102 ? 1.586   -2.360  -3.563  1.00 9.40  ? 102 MET A CA  1 
ATOM   801  C C   . MET A 1 102 ? 0.717   -3.149  -2.584  1.00 10.69 ? 102 MET A C   1 
ATOM   802  O O   . MET A 1 102 ? -0.500  -3.087  -2.661  1.00 12.34 ? 102 MET A O   1 
ATOM   803  C CB  . MET A 1 102 ? 2.047   -3.292  -4.711  1.00 8.99  ? 102 MET A CB  1 
ATOM   804  C CG  . MET A 1 102 ? 2.630   -2.502  -5.834  1.00 9.90  ? 102 MET A CG  1 
ATOM   805  S SD  . MET A 1 102 ? 2.902   -3.586  -7.262  1.00 13.90 ? 102 MET A SD  1 
ATOM   806  C CE  . MET A 1 102 ? 1.264   -3.817  -7.990  1.00 14.45 ? 102 MET A CE  1 
ATOM   807  N N   . VAL A 1 103 ? 1.346   -3.927  -1.693  1.00 9.43  ? 103 VAL A N   1 
ATOM   808  C CA  . VAL A 1 103 ? 0.579   -4.752  -0.760  1.00 12.02 ? 103 VAL A CA  1 
ATOM   809  C C   . VAL A 1 103 ? -0.170  -3.875  0.228   1.00 10.80 ? 103 VAL A C   1 
ATOM   810  O O   . VAL A 1 103 ? -1.298  -4.193  0.620   1.00 13.38 ? 103 VAL A O   1 
ATOM   811  C CB  . VAL A 1 103 ? 1.489   -5.779  -0.068  1.00 11.30 ? 103 VAL A CB  1 
ATOM   812  C CG1 . VAL A 1 103 ? 0.764   -6.452  1.113   1.00 13.63 ? 103 VAL A CG1 1 
ATOM   813  C CG2 . VAL A 1 103 ? 1.909   -6.851  -1.098  1.00 14.14 ? 103 VAL A CG2 1 
ATOM   814  N N   . PHE A 1 104 ? 0.423   -2.756  0.611   1.00 11.05 ? 104 PHE A N   1 
ATOM   815  C CA  . PHE A 1 104 ? -0.263  -1.813  1.499   1.00 10.44 ? 104 PHE A CA  1 
ATOM   816  C C   . PHE A 1 104 ? -1.505  -1.242  0.814   1.00 12.49 ? 104 PHE A C   1 
ATOM   817  O O   . PHE A 1 104 ? -2.581  -1.142  1.423   1.00 12.65 ? 104 PHE A O   1 
ATOM   818  C CB  . PHE A 1 104 ? 0.736   -0.710  1.908   1.00 9.29  ? 104 PHE A CB  1 
ATOM   819  C CG  . PHE A 1 104 ? 0.207   0.291   2.908   1.00 9.42  ? 104 PHE A CG  1 
ATOM   820  C CD1 . PHE A 1 104 ? -0.610  1.308   2.519   1.00 11.54 ? 104 PHE A CD1 1 
ATOM   821  C CD2 . PHE A 1 104 ? 0.636   0.233   4.240   1.00 13.30 ? 104 PHE A CD2 1 
ATOM   822  C CE1 . PHE A 1 104 ? -1.058  2.241   3.449   1.00 14.68 ? 104 PHE A CE1 1 
ATOM   823  C CE2 . PHE A 1 104 ? 0.207   1.165   5.156   1.00 13.43 ? 104 PHE A CE2 1 
ATOM   824  C CZ  . PHE A 1 104 ? -0.634  2.170   4.751   1.00 14.08 ? 104 PHE A CZ  1 
ATOM   825  N N   . GLN A 1 105 ? -1.384  -0.899  -0.461  1.00 10.60 ? 105 GLN A N   1 
ATOM   826  C CA  . GLN A 1 105 ? -2.503  -0.290  -1.167  1.00 9.79  ? 105 GLN A CA  1 
ATOM   827  C C   . GLN A 1 105 ? -3.618  -1.291  -1.491  1.00 13.79 ? 105 GLN A C   1 
ATOM   828  O O   . GLN A 1 105 ? -4.805  -0.995  -1.294  1.00 15.30 ? 105 GLN A O   1 
ATOM   829  C CB  . GLN A 1 105 ? -2.016  0.399   -2.466  1.00 11.50 ? 105 GLN A CB  1 
ATOM   830  C CG  . GLN A 1 105 ? -3.166  1.138   -3.200  1.00 11.66 ? 105 GLN A CG  1 
ATOM   831  C CD  . GLN A 1 105 ? -2.710  1.819   -4.476  1.00 14.30 ? 105 GLN A CD  1 
ATOM   832  O OE1 . GLN A 1 105 ? -1.562  1.742   -4.861  1.00 12.96 ? 105 GLN A OE1 1 
ATOM   833  N NE2 . GLN A 1 105 ? -3.650  2.450   -5.167  1.00 16.81 ? 105 GLN A NE2 1 
ATOM   834  N N   . MET A 1 106 ? -3.251  -2.468  -1.986  1.00 11.09 ? 106 MET A N   1 
ATOM   835  C CA  A MET A 1 106 ? -4.269  -3.356  -2.529  0.50 12.04 ? 106 MET A CA  1 
ATOM   836  C CA  B MET A 1 106 ? -4.201  -3.407  -2.573  0.50 12.01 ? 106 MET A CA  1 
ATOM   837  C C   . MET A 1 106 ? -4.425  -4.682  -1.803  1.00 14.55 ? 106 MET A C   1 
ATOM   838  O O   . MET A 1 106 ? -5.340  -5.447  -2.121  1.00 17.56 ? 106 MET A O   1 
ATOM   839  C CB  A MET A 1 106 ? -4.077  -3.542  -4.047  0.50 15.75 ? 106 MET A CB  1 
ATOM   840  C CB  B MET A 1 106 ? -3.756  -3.748  -3.994  0.50 14.92 ? 106 MET A CB  1 
ATOM   841  C CG  A MET A 1 106 ? -2.843  -4.307  -4.424  0.50 13.15 ? 106 MET A CG  1 
ATOM   842  C CG  B MET A 1 106 ? -3.982  -2.601  -4.932  0.50 14.42 ? 106 MET A CG  1 
ATOM   843  S SD  A MET A 1 106 ? -2.592  -4.491  -6.212  0.50 19.34 ? 106 MET A SD  1 
ATOM   844  S SD  B MET A 1 106 ? -3.506  -2.980  -6.614  0.50 18.72 ? 106 MET A SD  1 
ATOM   845  C CE  A MET A 1 106 ? -2.041  -2.864  -6.704  0.50 17.90 ? 106 MET A CE  1 
ATOM   846  C CE  B MET A 1 106 ? -1.724  -2.913  -6.483  0.50 18.63 ? 106 MET A CE  1 
ATOM   847  N N   . GLY A 1 107 ? -3.574  -4.931  -0.807  1.00 12.50 ? 107 GLY A N   1 
ATOM   848  C CA  . GLY A 1 107 ? -3.637  -6.152  -0.012  1.00 14.50 ? 107 GLY A CA  1 
ATOM   849  C C   . GLY A 1 107 ? -2.925  -7.314  -0.687  1.00 17.25 ? 107 GLY A C   1 
ATOM   850  O O   . GLY A 1 107 ? -2.639  -7.262  -1.881  1.00 16.63 ? 107 GLY A O   1 
ATOM   851  N N   A GLU A 1 108 ? -2.536  -8.283  0.142   0.80 21.28 ? 108 GLU A N   1 
ATOM   852  N N   B GLU A 1 108 ? -2.763  -8.419  0.027   0.20 22.20 ? 108 GLU A N   1 
ATOM   853  C CA  A GLU A 1 108 ? -1.666  -9.393  -0.257  0.80 23.85 ? 108 GLU A CA  1 
ATOM   854  C CA  B GLU A 1 108 ? -2.342  -9.657  -0.627  0.20 23.81 ? 108 GLU A CA  1 
ATOM   855  C C   A GLU A 1 108 ? -2.301  -10.272 -1.326  0.80 23.21 ? 108 GLU A C   1 
ATOM   856  C C   B GLU A 1 108 ? -3.272  -10.023 -1.799  0.20 23.93 ? 108 GLU A C   1 
ATOM   857  O O   A GLU A 1 108 ? -1.654  -10.634 -2.310  0.80 22.46 ? 108 GLU A O   1 
ATOM   858  O O   B GLU A 1 108 ? -2.807  -10.374 -2.882  0.20 23.27 ? 108 GLU A O   1 
ATOM   859  C CB  A GLU A 1 108 ? -1.270  -10.222 0.970   0.80 24.77 ? 108 GLU A CB  1 
ATOM   860  C CB  B GLU A 1 108 ? -2.276  -10.811 0.378   0.20 25.49 ? 108 GLU A CB  1 
ATOM   861  C CG  A GLU A 1 108 ? -1.047  -11.685 0.689   0.80 29.80 ? 108 GLU A CG  1 
ATOM   862  C CG  B GLU A 1 108 ? -1.283  -10.603 1.519   0.20 25.36 ? 108 GLU A CG  1 
ATOM   863  C CD  A GLU A 1 108 ? -1.158  -12.553 1.929   0.80 25.17 ? 108 GLU A CD  1 
ATOM   864  C CD  B GLU A 1 108 ? -1.840  -9.729  2.630   0.20 27.11 ? 108 GLU A CD  1 
ATOM   865  O OE1 A GLU A 1 108 ? -1.090  -13.795 1.786   0.80 30.28 ? 108 GLU A OE1 1 
ATOM   866  O OE1 B GLU A 1 108 ? -3.029  -9.351  2.552   0.20 28.45 ? 108 GLU A OE1 1 
ATOM   867  O OE2 A GLU A 1 108 ? -1.316  -12.001 3.045   0.80 39.74 ? 108 GLU A OE2 1 
ATOM   868  O OE2 B GLU A 1 108 ? -1.092  -9.424  3.583   0.20 29.93 ? 108 GLU A OE2 1 
ATOM   869  N N   A THR A 1 109 ? -3.568  -10.621 -1.134  0.80 25.41 ? 109 THR A N   1 
ATOM   870  N N   B THR A 1 109 ? -4.582  -9.927  -1.581  0.20 23.38 ? 109 THR A N   1 
ATOM   871  C CA  A THR A 1 109 ? -4.267  -11.452 -2.102  0.80 26.49 ? 109 THR A CA  1 
ATOM   872  C CA  B THR A 1 109 ? -5.564  -10.336 -2.588  0.20 25.00 ? 109 THR A CA  1 
ATOM   873  C C   A THR A 1 109 ? -4.309  -10.770 -3.463  0.80 25.26 ? 109 THR A C   1 
ATOM   874  C C   B THR A 1 109 ? -5.598  -9.385  -3.787  0.20 24.42 ? 109 THR A C   1 
ATOM   875  O O   A THR A 1 109 ? -4.153  -11.415 -4.516  0.80 24.94 ? 109 THR A O   1 
ATOM   876  O O   B THR A 1 109 ? -5.664  -9.827  -4.937  0.20 22.38 ? 109 THR A O   1 
ATOM   877  C CB  A THR A 1 109 ? -5.708  -11.758 -1.631  0.80 27.50 ? 109 THR A CB  1 
ATOM   878  C CB  B THR A 1 109 ? -6.983  -10.441 -1.984  0.20 27.35 ? 109 THR A CB  1 
ATOM   879  O OG1 A THR A 1 109 ? -5.653  -12.494 -0.403  0.80 32.62 ? 109 THR A OG1 1 
ATOM   880  O OG1 B THR A 1 109 ? -6.906  -10.990 -0.663  0.20 28.08 ? 109 THR A OG1 1 
ATOM   881  C CG2 A THR A 1 109 ? -6.450  -12.583 -2.678  0.80 33.01 ? 109 THR A CG2 1 
ATOM   882  C CG2 B THR A 1 109 ? -7.879  -11.309 -2.857  0.20 28.86 ? 109 THR A CG2 1 
ATOM   883  N N   A GLY A 1 110 ? -4.527  -9.460  -3.438  0.80 25.86 ? 110 GLY A N   1 
ATOM   884  N N   B GLY A 1 110 ? -5.559  -8.083  -3.513  0.20 21.59 ? 110 GLY A N   1 
ATOM   885  C CA  A GLY A 1 110 ? -4.646  -8.681  -4.655  0.80 23.31 ? 110 GLY A CA  1 
ATOM   886  C CA  B GLY A 1 110 ? -5.545  -7.080  -4.563  0.20 21.44 ? 110 GLY A CA  1 
ATOM   887  C C   A GLY A 1 110 ? -3.357  -8.632  -5.448  0.80 22.90 ? 110 GLY A C   1 
ATOM   888  C C   B GLY A 1 110 ? -4.440  -7.357  -5.558  0.20 21.78 ? 110 GLY A C   1 
ATOM   889  O O   A GLY A 1 110 ? -3.364  -8.807  -6.667  0.80 26.69 ? 110 GLY A O   1 
ATOM   890  O O   B GLY A 1 110 ? -4.572  -7.086  -6.754  0.20 22.55 ? 110 GLY A O   1 
ATOM   891  N N   A VAL A 1 111 ? -2.238  -8.392  -4.782  0.80 20.23 ? 111 VAL A N   1 
ATOM   892  N N   B VAL A 1 111 ? -3.332  -7.891  -5.058  0.20 20.45 ? 111 VAL A N   1 
ATOM   893  C CA  A VAL A 1 111 ? -0.960  -8.399  -5.491  0.80 16.73 ? 111 VAL A CA  1 
ATOM   894  C CA  B VAL A 1 111 ? -2.301  -8.426  -5.929  0.20 22.26 ? 111 VAL A CA  1 
ATOM   895  C C   A VAL A 1 111 ? -0.548  -9.805  -5.972  0.80 22.83 ? 111 VAL A C   1 
ATOM   896  C C   B VAL A 1 111 ? -2.896  -9.667  -6.593  0.20 22.42 ? 111 VAL A C   1 
ATOM   897  O O   A VAL A 1 111 ? 0.062   -9.965  -7.044  0.80 21.69 ? 111 VAL A O   1 
ATOM   898  O O   B VAL A 1 111 ? -3.806  -9.556  -7.415  0.20 24.12 ? 111 VAL A O   1 
ATOM   899  C CB  A VAL A 1 111 ? 0.160   -7.856  -4.602  0.80 16.95 ? 111 VAL A CB  1 
ATOM   900  C CB  B VAL A 1 111 ? -1.023  -8.771  -5.140  0.20 20.50 ? 111 VAL A CB  1 
ATOM   901  C CG1 A VAL A 1 111 ? 1.489   -7.907  -5.349  0.80 20.87 ? 111 VAL A CG1 1 
ATOM   902  C CG1 B VAL A 1 111 ? 0.071   -9.289  -6.070  0.20 22.40 ? 111 VAL A CG1 1 
ATOM   903  C CG2 A VAL A 1 111 ? -0.169  -6.420  -4.189  0.80 18.43 ? 111 VAL A CG2 1 
ATOM   904  C CG2 B VAL A 1 111 ? -0.536  -7.550  -4.381  0.20 19.87 ? 111 VAL A CG2 1 
ATOM   905  N N   A ALA A 1 112 ? -0.848  -10.815 -5.162  0.80 18.63 ? 112 ALA A N   1 
ATOM   906  N N   B ALA A 1 112 ? -2.216  -10.708 -6.172  0.20 25.05 ? 112 ALA A N   1 
ATOM   907  C CA  A ALA A 1 112 ? -0.457  -12.187 -5.488  0.80 19.97 ? 112 ALA A CA  1 
ATOM   908  C CA  B ALA A 1 112 ? -2.493  -12.087 -6.360  0.20 23.76 ? 112 ALA A CA  1 
ATOM   909  C C   A ALA A 1 112 ? -1.095  -12.661 -6.790  0.80 25.79 ? 112 ALA A C   1 
ATOM   910  C C   B ALA A 1 112 ? -1.932  -12.600 -7.557  0.20 25.31 ? 112 ALA A C   1 
ATOM   911  O O   A ALA A 1 112 ? -0.637  -13.639 -7.408  0.80 28.79 ? 112 ALA A O   1 
ATOM   912  O O   B ALA A 1 112 ? -0.899  -13.342 -7.539  0.20 27.41 ? 112 ALA A O   1 
ATOM   913  C CB  A ALA A 1 112 ? -0.811  -13.136 -4.330  0.80 22.45 ? 112 ALA A CB  1 
ATOM   914  C CB  B ALA A 1 112 ? -4.055  -12.393 -6.256  0.20 25.48 ? 112 ALA A CB  1 
ATOM   915  N N   A GLY A 1 113 ? -2.145  -11.969 -7.215  0.80 21.67 ? 113 GLY A N   1 
ATOM   916  N N   B GLY A 1 113 ? -2.761  -12.376 -8.570  0.20 24.72 ? 113 GLY A N   1 
ATOM   917  C CA  A GLY A 1 113 ? -2.775  -12.263 -8.499  0.80 24.91 ? 113 GLY A CA  1 
ATOM   918  C CA  B GLY A 1 113 ? -2.475  -12.540 -9.952  0.20 24.97 ? 113 GLY A CA  1 
ATOM   919  C C   A GLY A 1 113 ? -2.071  -11.664 -9.714  0.80 25.90 ? 113 GLY A C   1 
ATOM   920  C C   B GLY A 1 113 ? -2.164  -11.242 -10.552 0.20 24.69 ? 113 GLY A C   1 
ATOM   921  O O   A GLY A 1 113 ? -2.372  -12.043 -10.848 0.80 28.23 ? 113 GLY A O   1 
ATOM   922  O O   B GLY A 1 113 ? -2.715  -10.763 -11.579 0.20 20.06 ? 113 GLY A O   1 
ATOM   923  N N   A PHE A 1 114 ? -1.155  -10.720 -9.478  0.80 23.97 ? 114 PHE A N   1 
ATOM   924  N N   B PHE A 1 114 ? -1.203  -10.619 -9.913  0.20 23.52 ? 114 PHE A N   1 
ATOM   925  C CA  A PHE A 1 114 ? -0.358  -10.083 -10.540 0.80 20.24 ? 114 PHE A CA  1 
ATOM   926  C CA  B PHE A 1 114 ? -0.268  -9.969  -10.707 0.20 19.88 ? 114 PHE A CA  1 
ATOM   927  C C   A PHE A 1 114 ? 0.679   -11.104 -11.041 0.80 18.04 ? 114 PHE A C   1 
ATOM   928  C C   B PHE A 1 114 ? 0.728   -11.108 -11.072 0.20 18.19 ? 114 PHE A C   1 
ATOM   929  O O   A PHE A 1 114 ? 1.859   -10.807 -11.149 0.80 16.62 ? 114 PHE A O   1 
ATOM   930  O O   B PHE A 1 114 ? 1.848   -10.897 -11.141 0.20 16.69 ? 114 PHE A O   1 
ATOM   931  C CB  A PHE A 1 114 ? 0.364   -8.843  -9.973  0.80 17.84 ? 114 PHE A CB  1 
ATOM   932  C CB  B PHE A 1 114 ? 0.331   -8.796  -9.978  0.20 18.02 ? 114 PHE A CB  1 
ATOM   933  C CG  A PHE A 1 114 ? -0.403  -7.519  -10.089 0.80 17.08 ? 114 PHE A CG  1 
ATOM   934  C CG  B PHE A 1 114 ? -0.440  -7.485  -10.111 0.20 17.32 ? 114 PHE A CG  1 
ATOM   935  C CD1 A PHE A 1 114 ? 0.028   -6.523  -10.960 0.80 18.76 ? 114 PHE A CD1 1 
ATOM   936  C CD1 B PHE A 1 114 ? 0.023   -6.486  -10.891 0.20 18.78 ? 114 PHE A CD1 1 
ATOM   937  C CD2 A PHE A 1 114 ? -1.521  -7.264  -9.305  0.80 22.80 ? 114 PHE A CD2 1 
ATOM   938  C CD2 B PHE A 1 114 ? -1.570  -7.248  -9.410  0.20 22.55 ? 114 PHE A CD2 1 
ATOM   939  C CE1 A PHE A 1 114 ? -0.650  -5.298  -11.061 0.80 19.55 ? 114 PHE A CE1 1 
ATOM   940  C CE1 B PHE A 1 114 ? -0.631  -5.307  -10.995 0.20 19.51 ? 114 PHE A CE1 1 
ATOM   941  C CE2 A PHE A 1 114 ? -2.203  -6.044  -9.402  0.80 22.87 ? 114 PHE A CE2 1 
ATOM   942  C CE2 B PHE A 1 114 ? -2.222  -6.049  -9.534  0.20 22.56 ? 114 PHE A CE2 1 
ATOM   943  C CZ  A PHE A 1 114 ? -1.767  -5.066  -10.278 0.80 20.63 ? 114 PHE A CZ  1 
ATOM   944  C CZ  B PHE A 1 114 ? -1.737  -5.100  -10.316 0.20 20.54 ? 114 PHE A CZ  1 
ATOM   945  N N   . THR A 1 115 ? 0.231   -12.303 -11.374 1.00 18.04 ? 115 THR A N   1 
ATOM   946  C CA  . THR A 1 115 ? 1.127   -13.429 -11.673 1.00 20.37 ? 115 THR A CA  1 
ATOM   947  C C   . THR A 1 115 ? 2.216   -13.153 -12.701 1.00 19.00 ? 115 THR A C   1 
ATOM   948  O O   . THR A 1 115 ? 3.386   -13.463 -12.488 1.00 17.22 ? 115 THR A O   1 
ATOM   949  C CB  . THR A 1 115 ? 0.323   -14.645 -12.164 1.00 21.50 ? 115 THR A CB  1 
ATOM   950  O OG1 . THR A 1 115 ? -0.639  -14.992 -11.162 1.00 28.03 ? 115 THR A OG1 1 
ATOM   951  C CG2 . THR A 1 115 ? 1.243   -15.845 -12.456 1.00 24.60 ? 115 THR A CG2 1 
ATOM   952  N N   . ASN A 1 116 ? 1.840   -12.566 -13.829 1.00 16.07 ? 116 ASN A N   1 
ATOM   953  C CA  . ASN A 1 116 ? 2.799   -12.362 -14.891 1.00 16.85 ? 116 ASN A CA  1 
ATOM   954  C C   . ASN A 1 116 ? 3.827   -11.296 -14.506 1.00 15.01 ? 116 ASN A C   1 
ATOM   955  O O   . ASN A 1 116 ? 5.011   -11.476 -14.763 1.00 14.94 ? 116 ASN A O   1 
ATOM   956  C CB  . ASN A 1 116 ? 2.078   -12.047 -16.208 1.00 16.26 ? 116 ASN A CB  1 
ATOM   957  C CG  . ASN A 1 116 ? 1.164   -13.202 -16.639 1.00 30.59 ? 116 ASN A CG  1 
ATOM   958  O OD1 . ASN A 1 116 ? 1.538   -14.368 -16.509 1.00 29.57 ? 116 ASN A OD1 1 
ATOM   959  N ND2 . ASN A 1 116 ? -0.039  -12.884 -17.112 1.00 24.06 ? 116 ASN A ND2 1 
ATOM   960  N N   . SER A 1 117 ? 3.376   -10.233 -13.833 1.00 11.99 ? 117 SER A N   1 
ATOM   961  C CA  . SER A 1 117 ? 4.313   -9.208  -13.356 1.00 12.28 ? 117 SER A CA  1 
ATOM   962  C C   . SER A 1 117 ? 5.270   -9.755  -12.307 1.00 12.98 ? 117 SER A C   1 
ATOM   963  O O   . SER A 1 117 ? 6.459   -9.417  -12.313 1.00 13.25 ? 117 SER A O   1 
ATOM   964  C CB  . SER A 1 117 ? 3.587   -8.014  -12.736 1.00 14.79 ? 117 SER A CB  1 
ATOM   965  O OG  . SER A 1 117 ? 2.935   -7.234  -13.720 1.00 22.56 ? 117 SER A OG  1 
ATOM   966  N N   . LEU A 1 118 ? 4.748   -10.578 -11.407 1.00 12.88 ? 118 LEU A N   1 
ATOM   967  C CA  . LEU A 1 118 ? 5.605   -11.170 -10.372 1.00 12.45 ? 118 LEU A CA  1 
ATOM   968  C C   . LEU A 1 118 ? 6.696   -12.019 -10.999 1.00 12.33 ? 118 LEU A C   1 
ATOM   969  O O   . LEU A 1 118 ? 7.844   -11.988 -10.539 1.00 13.50 ? 118 LEU A O   1 
ATOM   970  C CB  . LEU A 1 118 ? 4.781   -12.027 -9.422  1.00 14.99 ? 118 LEU A CB  1 
ATOM   971  C CG  . LEU A 1 118 ? 3.810   -11.248 -8.538  1.00 16.88 ? 118 LEU A CG  1 
ATOM   972  C CD1 . LEU A 1 118 ? 2.841   -12.237 -7.922  1.00 16.30 ? 118 LEU A CD1 1 
ATOM   973  C CD2 . LEU A 1 118 ? 4.569   -10.518 -7.445  1.00 17.86 ? 118 LEU A CD2 1 
ATOM   974  N N   . ARG A 1 119 ? 6.353   -12.788 -12.031 1.00 12.45 ? 119 ARG A N   1 
ATOM   975  C CA  . ARG A 1 119 ? 7.347   -13.625 -12.698 1.00 14.65 ? 119 ARG A CA  1 
ATOM   976  C C   . ARG A 1 119 ? 8.431   -12.752 -13.336 1.00 14.61 ? 119 ARG A C   1 
ATOM   977  O O   . ARG A 1 119 ? 9.622   -13.024 -13.208 1.00 15.08 ? 119 ARG A O   1 
ATOM   978  C CB  . ARG A 1 119 ? 6.681   -14.516 -13.761 1.00 16.66 ? 119 ARG A CB  1 
ATOM   979  C CG  . ARG A 1 119 ? 7.662   -15.481 -14.445 1.00 22.39 ? 119 ARG A CG  1 
ATOM   980  C CD  . ARG A 1 119 ? 6.948   -16.316 -15.528 1.00 30.46 ? 119 ARG A CD  1 
ATOM   981  N NE  . ARG A 1 119 ? 6.360   -15.435 -16.531 0.50 30.92 ? 119 ARG A NE  1 
ATOM   982  C CZ  . ARG A 1 119 ? 5.061   -15.168 -16.630 0.50 28.30 ? 119 ARG A CZ  1 
ATOM   983  N NH1 . ARG A 1 119 ? 4.190   -15.740 -15.803 0.50 25.76 ? 119 ARG A NH1 1 
ATOM   984  N NH2 . ARG A 1 119 ? 4.635   -14.334 -17.567 0.50 32.57 ? 119 ARG A NH2 1 
ATOM   985  N N   . MET A 1 120 ? 8.026   -11.701 -14.045 1.00 11.61 ? 120 MET A N   1 
ATOM   986  C CA  . MET A 1 120 ? 9.003   -10.809 -14.654 1.00 11.69 ? 120 MET A CA  1 
ATOM   987  C C   . MET A 1 120 ? 9.886   -10.153 -13.601 1.00 12.09 ? 120 MET A C   1 
ATOM   988  O O   . MET A 1 120 ? 11.060  -9.958  -13.825 1.00 11.96 ? 120 MET A O   1 
ATOM   989  C CB  . MET A 1 120 ? 8.309   -9.730  -15.500 1.00 13.10 ? 120 MET A CB  1 
ATOM   990  C CG  . MET A 1 120 ? 7.528   -10.375 -16.626 1.00 14.25 ? 120 MET A CG  1 
ATOM   991  S SD  . MET A 1 120 ? 6.569   -9.156  -17.503 1.00 20.29 ? 120 MET A SD  1 
ATOM   992  C CE  . MET A 1 120 ? 5.503   -10.173 -18.533 1.00 23.90 ? 120 MET A CE  1 
ATOM   993  N N   . LEU A 1 121 ? 9.308   -9.772  -12.469 1.00 10.48 ? 121 LEU A N   1 
ATOM   994  C CA  . LEU A 1 121 ? 10.126  -9.193  -11.414 1.00 11.35 ? 121 LEU A CA  1 
ATOM   995  C C   . LEU A 1 121 ? 11.122  -10.205 -10.884 1.00 12.04 ? 121 LEU A C   1 
ATOM   996  O O   . LEU A 1 121 ? 12.283  -9.855  -10.697 1.00 12.05 ? 121 LEU A O   1 
ATOM   997  C CB  . LEU A 1 121 ? 9.248   -8.630  -10.254 1.00 9.34  ? 121 LEU A CB  1 
ATOM   998  C CG  . LEU A 1 121 ? 8.428   -7.388  -10.623 1.00 11.84 ? 121 LEU A CG  1 
ATOM   999  C CD1 . LEU A 1 121 ? 7.432   -7.102  -9.477  1.00 12.36 ? 121 LEU A CD1 1 
ATOM   1000 C CD2 . LEU A 1 121 ? 9.316   -6.170  -10.868 1.00 12.59 ? 121 LEU A CD2 1 
ATOM   1001 N N   . GLN A 1 122 ? 10.669  -11.437 -10.622 1.00 10.15 ? 122 GLN A N   1 
ATOM   1002 C CA  . GLN A 1 122 ? 11.596  -12.490 -10.138 1.00 13.17 ? 122 GLN A CA  1 
ATOM   1003 C C   . GLN A 1 122 ? 12.725  -12.715 -11.141 1.00 14.82 ? 122 GLN A C   1 
ATOM   1004 O O   . GLN A 1 122 ? 13.873  -12.979 -10.734 1.00 15.60 ? 122 GLN A O   1 
ATOM   1005 C CB  . GLN A 1 122 ? 10.845  -13.797 -9.898  1.00 16.83 ? 122 GLN A CB  1 
ATOM   1006 C CG  . GLN A 1 122 ? 11.637  -14.823 -9.040  1.00 21.29 ? 122 GLN A CG  1 
ATOM   1007 C CD  . GLN A 1 122 ? 10.730  -15.645 -8.131  1.00 28.71 ? 122 GLN A CD  1 
ATOM   1008 N N   . GLN A 1 123 ? 12.410  -12.583 -12.430 1.00 14.03 ? 123 GLN A N   1 
ATOM   1009 C CA  . GLN A 1 123 ? 13.407  -12.786 -13.500 1.00 12.69 ? 123 GLN A CA  1 
ATOM   1010 C C   . GLN A 1 123 ? 14.288  -11.548 -13.745 1.00 14.57 ? 123 GLN A C   1 
ATOM   1011 O O   . GLN A 1 123 ? 15.163  -11.553 -14.635 1.00 14.75 ? 123 GLN A O   1 
ATOM   1012 C CB  . GLN A 1 123 ? 12.711  -13.169 -14.825 1.00 14.60 ? 123 GLN A CB  1 
ATOM   1013 C CG  . GLN A 1 123 ? 12.067  -14.535 -14.826 1.00 22.39 ? 123 GLN A CG  1 
ATOM   1014 C CD  . GLN A 1 123 ? 11.220  -14.756 -16.076 1.00 28.46 ? 123 GLN A CD  1 
ATOM   1015 O OE1 . GLN A 1 123 ? 10.581  -13.831 -16.585 1.00 32.33 ? 123 GLN A OE1 1 
ATOM   1016 N NE2 . GLN A 1 123 ? 11.200  -15.984 -16.561 1.00 41.52 ? 123 GLN A NE2 1 
ATOM   1017 N N   . LYS A 1 124 ? 14.020  -10.466 -13.002 1.00 11.28 ? 124 LYS A N   1 
ATOM   1018 C CA  . LYS A 1 124 ? 14.698  -9.182  -13.162 1.00 12.08 ? 124 LYS A CA  1 
ATOM   1019 C C   . LYS A 1 124 ? 14.599  -8.596  -14.569 1.00 11.00 ? 124 LYS A C   1 
ATOM   1020 O O   . LYS A 1 124 ? 15.517  -7.926  -15.048 1.00 13.06 ? 124 LYS A O   1 
ATOM   1021 C CB  . LYS A 1 124 ? 16.160  -9.274  -12.683 1.00 13.12 ? 124 LYS A CB  1 
ATOM   1022 C CG  . LYS A 1 124 ? 16.258  -9.826  -11.264 1.00 13.49 ? 124 LYS A CG  1 
ATOM   1023 C CD  . LYS A 1 124 ? 17.665  -9.559  -10.713 1.00 15.34 ? 124 LYS A CD  1 
ATOM   1024 C CE  . LYS A 1 124 ? 17.755  -10.005 -9.263  1.00 13.75 ? 124 LYS A CE  1 
ATOM   1025 N NZ  . LYS A 1 124 ? 16.722  -9.327  -8.401  1.00 15.37 ? 124 LYS A NZ  1 
ATOM   1026 N N   . ARG A 1 125 ? 13.460  -8.844  -15.205 1.00 11.53 ? 125 ARG A N   1 
ATOM   1027 C CA  . ARG A 1 125 ? 13.150  -8.275  -16.510 1.00 11.36 ? 125 ARG A CA  1 
ATOM   1028 C C   . ARG A 1 125 ? 12.387  -6.979  -16.235 1.00 11.17 ? 125 ARG A C   1 
ATOM   1029 O O   . ARG A 1 125 ? 11.159  -6.926  -16.332 1.00 12.97 ? 125 ARG A O   1 
ATOM   1030 C CB  . ARG A 1 125 ? 12.335  -9.277  -17.332 1.00 14.18 ? 125 ARG A CB  1 
ATOM   1031 C CG  . ARG A 1 125 ? 13.174  -10.517 -17.696 1.00 14.94 ? 125 ARG A CG  1 
ATOM   1032 C CD  . ARG A 1 125 ? 12.368  -11.556 -18.459 1.00 21.15 ? 125 ARG A CD  1 
ATOM   1033 N NE  . ARG A 1 125 ? 13.213  -12.692 -18.831 0.50 17.44 ? 125 ARG A NE  1 
ATOM   1034 C CZ  . ARG A 1 125 ? 13.005  -13.449 -19.901 0.50 25.63 ? 125 ARG A CZ  1 
ATOM   1035 N NH1 . ARG A 1 125 ? 11.991  -13.182 -20.708 0.50 32.58 ? 125 ARG A NH1 1 
ATOM   1036 N NH2 . ARG A 1 125 ? 13.817  -14.464 -20.166 0.50 23.30 ? 125 ARG A NH2 1 
ATOM   1037 N N   . TRP A 1 126 ? 13.128  -5.939  -15.854 1.00 11.59 ? 126 TRP A N   1 
ATOM   1038 C CA  . TRP A 1 126 ? 12.491  -4.768  -15.248 1.00 10.58 ? 126 TRP A CA  1 
ATOM   1039 C C   . TRP A 1 126 ? 11.603  -3.956  -16.181 1.00 12.52 ? 126 TRP A C   1 
ATOM   1040 O O   . TRP A 1 126 ? 10.514  -3.531  -15.804 1.00 12.75 ? 126 TRP A O   1 
ATOM   1041 C CB  . TRP A 1 126 ? 13.545  -3.843  -14.650 1.00 11.44 ? 126 TRP A CB  1 
ATOM   1042 C CG  . TRP A 1 126 ? 14.510  -4.518  -13.695 1.00 10.31 ? 126 TRP A CG  1 
ATOM   1043 C CD1 . TRP A 1 126 ? 15.884  -4.519  -13.800 1.00 11.95 ? 126 TRP A CD1 1 
ATOM   1044 C CD2 . TRP A 1 126 ? 14.199  -5.264  -12.499 1.00 10.37 ? 126 TRP A CD2 1 
ATOM   1045 N NE1 . TRP A 1 126 ? 16.431  -5.215  -12.754 1.00 12.70 ? 126 TRP A NE1 1 
ATOM   1046 C CE2 . TRP A 1 126 ? 15.421  -5.687  -11.944 1.00 10.62 ? 126 TRP A CE2 1 
ATOM   1047 C CE3 . TRP A 1 126 ? 13.008  -5.633  -11.867 1.00 10.05 ? 126 TRP A CE3 1 
ATOM   1048 C CZ2 . TRP A 1 126 ? 15.490  -6.421  -10.759 1.00 11.34 ? 126 TRP A CZ2 1 
ATOM   1049 C CZ3 . TRP A 1 126 ? 13.072  -6.372  -10.693 1.00 12.09 ? 126 TRP A CZ3 1 
ATOM   1050 C CH2 . TRP A 1 126 ? 14.304  -6.769  -10.157 1.00 12.25 ? 126 TRP A CH2 1 
ATOM   1051 N N   . ASP A 1 127 ? 12.078  -3.709  -17.395 1.00 13.24 ? 127 ASP A N   1 
ATOM   1052 C CA  . ASP A 1 127 ? 11.248  -2.959  -18.336 1.00 13.56 ? 127 ASP A CA  1 
ATOM   1053 C C   . ASP A 1 127 ? 10.006  -3.737  -18.702 1.00 13.93 ? 127 ASP A C   1 
ATOM   1054 O O   . ASP A 1 127 ? 8.916   -3.157  -18.768 1.00 13.94 ? 127 ASP A O   1 
ATOM   1055 C CB  . ASP A 1 127 ? 12.028  -2.612  -19.624 1.00 15.35 ? 127 ASP A CB  1 
ATOM   1056 C CG  . ASP A 1 127 ? 13.006  -1.466  -19.437 1.00 22.78 ? 127 ASP A CG  1 
ATOM   1057 O OD1 . ASP A 1 127 ? 13.368  -1.135  -18.297 1.00 24.20 ? 127 ASP A OD1 1 
ATOM   1058 O OD2 . ASP A 1 127 ? 13.467  -0.916  -20.458 1.00 23.13 ? 127 ASP A OD2 1 
ATOM   1059 N N   . GLU A 1 128 ? 10.135  -5.048  -18.899 1.00 12.94 ? 128 GLU A N   1 
ATOM   1060 C CA  . GLU A 1 128 ? 8.969   -5.875  -19.197 1.00 14.00 ? 128 GLU A CA  1 
ATOM   1061 C C   . GLU A 1 128 ? 7.986   -5.864  -18.030 1.00 12.36 ? 128 GLU A C   1 
ATOM   1062 O O   . GLU A 1 128 ? 6.767   -5.778  -18.230 1.00 14.00 ? 128 GLU A O   1 
ATOM   1063 C CB  . GLU A 1 128 ? 9.406   -7.311  -19.515 1.00 16.02 ? 128 GLU A CB  1 
ATOM   1064 C CG  . GLU A 1 128 ? 10.183  -7.418  -20.839 1.00 21.15 ? 128 GLU A CG  1 
ATOM   1065 C CD  . GLU A 1 128 ? 10.505  -8.861  -21.174 0.50 29.96 ? 128 GLU A CD  1 
ATOM   1066 O OE1 . GLU A 1 128 ? 9.677   -9.517  -21.839 0.50 34.18 ? 128 GLU A OE1 1 
ATOM   1067 O OE2 . GLU A 1 128 ? 11.577  -9.344  -20.756 0.50 26.55 ? 128 GLU A OE2 1 
ATOM   1068 N N   . ALA A 1 129 ? 8.507   -5.999  -16.814 1.00 10.77 ? 129 ALA A N   1 
ATOM   1069 C CA  . ALA A 1 129 ? 7.645   -5.932  -15.628 1.00 9.35  ? 129 ALA A CA  1 
ATOM   1070 C C   . ALA A 1 129 ? 6.902   -4.624  -15.567 1.00 10.98 ? 129 ALA A C   1 
ATOM   1071 O O   . ALA A 1 129 ? 5.723   -4.602  -15.235 1.00 13.09 ? 129 ALA A O   1 
ATOM   1072 C CB  . ALA A 1 129 ? 8.483   -6.106  -14.357 1.00 12.43 ? 129 ALA A CB  1 
ATOM   1073 N N   . ALA A 1 130 ? 7.599   -3.528  -15.861 1.00 11.96 ? 130 ALA A N   1 
ATOM   1074 C CA  . ALA A 1 130 ? 7.005   -2.196  -15.795 1.00 11.84 ? 130 ALA A CA  1 
ATOM   1075 C C   . ALA A 1 130 ? 5.844   -2.075  -16.772 1.00 13.80 ? 130 ALA A C   1 
ATOM   1076 O O   . ALA A 1 130 ? 4.791   -1.522  -16.434 1.00 13.87 ? 130 ALA A O   1 
ATOM   1077 C CB  . ALA A 1 130 ? 8.069   -1.131  -16.110 1.00 14.39 ? 130 ALA A CB  1 
ATOM   1078 N N   . VAL A 1 131 ? 6.043   -2.600  -17.980 1.00 11.78 ? 131 VAL A N   1 
ATOM   1079 C CA  . VAL A 1 131 ? 4.985   -2.566  -18.996 1.00 11.19 ? 131 VAL A CA  1 
ATOM   1080 C C   . VAL A 1 131 ? 3.802   -3.396  -18.521 1.00 13.01 ? 131 VAL A C   1 
ATOM   1081 O O   . VAL A 1 131 ? 2.663   -2.980  -18.614 1.00 15.53 ? 131 VAL A O   1 
ATOM   1082 C CB  . VAL A 1 131 ? 5.507   -3.065  -20.357 1.00 13.36 ? 131 VAL A CB  1 
ATOM   1083 C CG1 . VAL A 1 131 ? 4.354   -3.312  -21.305 1.00 17.22 ? 131 VAL A CG1 1 
ATOM   1084 C CG2 . VAL A 1 131 ? 6.473   -2.051  -20.912 1.00 17.30 ? 131 VAL A CG2 1 
ATOM   1085 N N   . ASN A 1 132 ? 4.071   -4.574  -17.988 1.00 10.84 ? 132 ASN A N   1 
ATOM   1086 C CA  . ASN A 1 132 ? 2.979   -5.443  -17.549 1.00 11.87 ? 132 ASN A CA  1 
ATOM   1087 C C   . ASN A 1 132 ? 2.194   -4.868  -16.372 1.00 12.71 ? 132 ASN A C   1 
ATOM   1088 O O   . ASN A 1 132 ? 0.971   -4.963  -16.318 1.00 12.46 ? 132 ASN A O   1 
ATOM   1089 C CB  . ASN A 1 132 ? 3.533   -6.822  -17.188 1.00 13.08 ? 132 ASN A CB  1 
ATOM   1090 C CG  . ASN A 1 132 ? 2.447   -7.835  -16.963 1.00 16.03 ? 132 ASN A CG  1 
ATOM   1091 O OD1 . ASN A 1 132 ? 2.029   -8.108  -15.827 1.00 18.24 ? 132 ASN A OD1 1 
ATOM   1092 N ND2 . ASN A 1 132 ? 1.928   -8.354  -18.052 1.00 17.60 ? 132 ASN A ND2 1 
ATOM   1093 N N   . LEU A 1 133 ? 2.907   -4.242  -15.433 1.00 12.36 ? 133 LEU A N   1 
ATOM   1094 C CA  . LEU A 1 133 ? 2.261   -3.712  -14.240 1.00 11.41 ? 133 LEU A CA  1 
ATOM   1095 C C   . LEU A 1 133 ? 1.288   -2.605  -14.609 1.00 12.49 ? 133 LEU A C   1 
ATOM   1096 O O   . LEU A 1 133 ? 0.301   -2.407  -13.914 1.00 13.91 ? 133 LEU A O   1 
ATOM   1097 C CB  . LEU A 1 133 ? 3.319   -3.152  -13.271 1.00 11.49 ? 133 LEU A CB  1 
ATOM   1098 C CG  . LEU A 1 133 ? 4.122   -4.165  -12.476 1.00 10.57 ? 133 LEU A CG  1 
ATOM   1099 C CD1 . LEU A 1 133 ? 5.406   -3.521  -11.938 1.00 11.75 ? 133 LEU A CD1 1 
ATOM   1100 C CD2 . LEU A 1 133 ? 3.282   -4.724  -11.326 1.00 11.82 ? 133 LEU A CD2 1 
ATOM   1101 N N   . ALA A 1 134 ? 1.562   -1.899  -15.701 1.00 12.29 ? 134 ALA A N   1 
ATOM   1102 C CA  . ALA A 1 134 ? 0.713   -0.779  -16.093 1.00 11.64 ? 134 ALA A CA  1 
ATOM   1103 C C   . ALA A 1 134 ? -0.567  -1.232  -16.774 1.00 11.64 ? 134 ALA A C   1 
ATOM   1104 O O   . ALA A 1 134 ? -1.503  -0.424  -16.915 1.00 14.06 ? 134 ALA A O   1 
ATOM   1105 C CB  . ALA A 1 134 ? 1.472   0.213   -16.954 1.00 14.89 ? 134 ALA A CB  1 
ATOM   1106 N N   . LYS A 1 135 ? -0.618  -2.494  -17.189 1.00 11.96 ? 135 LYS A N   1 
ATOM   1107 C CA  . LYS A 1 135 ? -1.821  -3.068  -17.802 1.00 12.26 ? 135 LYS A CA  1 
ATOM   1108 C C   . LYS A 1 135 ? -2.761  -3.540  -16.703 1.00 11.80 ? 135 LYS A C   1 
ATOM   1109 O O   . LYS A 1 135 ? -2.977  -4.732  -16.524 1.00 14.41 ? 135 LYS A O   1 
ATOM   1110 C CB  . LYS A 1 135 ? -1.459  -4.224  -18.749 1.00 12.57 ? 135 LYS A CB  1 
ATOM   1111 C CG  . LYS A 1 135 ? -0.623  -3.768  -19.923 1.00 15.79 ? 135 LYS A CG  1 
ATOM   1112 C CD  . LYS A 1 135 ? -0.183  -4.959  -20.772 1.00 21.65 ? 135 LYS A CD  1 
ATOM   1113 C CE  . LYS A 1 135 ? 0.793   -4.501  -21.855 1.00 26.21 ? 135 LYS A CE  1 
ATOM   1114 N NZ  . LYS A 1 135 ? 1.258   -5.651  -22.699 1.00 29.17 ? 135 LYS A NZ  1 
ATOM   1115 N N   . SER A 1 136 ? -3.288  -2.592  -15.934 1.00 10.65 ? 136 SER A N   1 
ATOM   1116 C CA  . SER A 1 136 ? -3.984  -2.971  -14.707 1.00 11.06 ? 136 SER A CA  1 
ATOM   1117 C C   . SER A 1 136 ? -4.992  -1.934  -14.319 1.00 12.11 ? 136 SER A C   1 
ATOM   1118 O O   . SER A 1 136 ? -4.808  -0.749  -14.610 1.00 10.78 ? 136 SER A O   1 
ATOM   1119 C CB  . SER A 1 136 ? -2.993  -3.144  -13.532 1.00 11.70 ? 136 SER A CB  1 
ATOM   1120 O OG  . SER A 1 136 ? -2.293  -1.925  -13.274 1.00 11.42 ? 136 SER A OG  1 
ATOM   1121 N N   . ARG A 1 137 ? -6.033  -2.376  -13.629 1.00 9.25  ? 137 ARG A N   1 
ATOM   1122 C CA  . ARG A 1 137 ? -6.983  -1.420  -13.058 1.00 9.10  ? 137 ARG A CA  1 
ATOM   1123 C C   . ARG A 1 137 ? -6.249  -0.473  -12.129 1.00 12.27 ? 137 ARG A C   1 
ATOM   1124 O O   . ARG A 1 137 ? -6.505  0.744   -12.105 1.00 11.35 ? 137 ARG A O   1 
ATOM   1125 C CB  . ARG A 1 137 ? -8.152  -2.125  -12.327 1.00 9.45  ? 137 ARG A CB  1 
ATOM   1126 C CG  . ARG A 1 137 ? -9.112  -1.095  -11.674 1.00 13.88 ? 137 ARG A CG  1 
ATOM   1127 C CD  . ARG A 1 137 ? -10.245 -1.717  -10.896 1.00 17.50 ? 137 ARG A CD  1 
ATOM   1128 N NE  . ARG A 1 137 ? -11.168 -0.670  -10.446 1.00 17.74 ? 137 ARG A NE  1 
ATOM   1129 C CZ  . ARG A 1 137 ? -11.012 0.054   -9.342  1.00 19.95 ? 137 ARG A CZ  1 
ATOM   1130 N NH1 . ARG A 1 137 ? -9.974  -0.139  -8.543  1.00 20.77 ? 137 ARG A NH1 1 
ATOM   1131 N NH2 . ARG A 1 137 ? -11.911 0.989   -9.043  1.00 18.72 ? 137 ARG A NH2 1 
ATOM   1132 N N   . TRP A 1 138 ? -5.302  -1.026  -11.379 1.00 11.53 ? 138 TRP A N   1 
ATOM   1133 C CA  . TRP A 1 138 ? -4.490  -0.235  -10.452 1.00 12.23 ? 138 TRP A CA  1 
ATOM   1134 C C   . TRP A 1 138 ? -3.878  0.980   -11.125 1.00 12.25 ? 138 TRP A C   1 
ATOM   1135 O O   . TRP A 1 138 ? -4.022  2.123   -10.639 1.00 13.35 ? 138 TRP A O   1 
ATOM   1136 C CB  . TRP A 1 138 ? -3.388  -1.147  -9.931  1.00 10.47 ? 138 TRP A CB  1 
ATOM   1137 C CG  . TRP A 1 138 ? -2.326  -0.475  -9.125  1.00 11.09 ? 138 TRP A CG  1 
ATOM   1138 C CD1 . TRP A 1 138 ? -2.502  0.266   -7.987  1.00 12.00 ? 138 TRP A CD1 1 
ATOM   1139 C CD2 . TRP A 1 138 ? -0.919  -0.531  -9.359  1.00 9.32  ? 138 TRP A CD2 1 
ATOM   1140 N NE1 . TRP A 1 138 ? -1.269  0.683   -7.493  1.00 13.73 ? 138 TRP A NE1 1 
ATOM   1141 C CE2 . TRP A 1 138 ? -0.285  0.180   -8.299  1.00 10.32 ? 138 TRP A CE2 1 
ATOM   1142 C CE3 . TRP A 1 138 ? -0.131  -1.128  -10.342 1.00 10.15 ? 138 TRP A CE3 1 
ATOM   1143 C CZ2 . TRP A 1 138 ? 1.094   0.313   -8.211  1.00 9.80  ? 138 TRP A CZ2 1 
ATOM   1144 C CZ3 . TRP A 1 138 ? 1.250   -1.006  -10.258 1.00 11.38 ? 138 TRP A CZ3 1 
ATOM   1145 C CH2 . TRP A 1 138 ? 1.854   -0.279  -9.204  1.00 11.40 ? 138 TRP A CH2 1 
ATOM   1146 N N   . TYR A 1 139 ? -3.220  0.771   -12.255 1.00 11.17 ? 139 TYR A N   1 
ATOM   1147 C CA  . TYR A 1 139 ? -2.586  1.868   -12.957 1.00 10.61 ? 139 TYR A CA  1 
ATOM   1148 C C   . TYR A 1 139 ? -3.625  2.849   -13.469 1.00 14.24 ? 139 TYR A C   1 
ATOM   1149 O O   . TYR A 1 139 ? -3.434  4.060   -13.371 1.00 14.54 ? 139 TYR A O   1 
ATOM   1150 C CB  . TYR A 1 139 ? -1.713  1.307   -14.101 1.00 11.43 ? 139 TYR A CB  1 
ATOM   1151 C CG  . TYR A 1 139 ? -1.047  2.322   -14.985 1.00 12.83 ? 139 TYR A CG  1 
ATOM   1152 C CD1 . TYR A 1 139 ? 0.224   2.776   -14.688 1.00 16.10 ? 139 TYR A CD1 1 
ATOM   1153 C CD2 . TYR A 1 139 ? -1.661  2.764   -16.152 1.00 21.03 ? 139 TYR A CD2 1 
ATOM   1154 C CE1 . TYR A 1 139 ? 0.867   3.676   -15.512 1.00 20.13 ? 139 TYR A CE1 1 
ATOM   1155 C CE2 . TYR A 1 139 ? -1.032  3.670   -16.986 1.00 26.65 ? 139 TYR A CE2 1 
ATOM   1156 C CZ  . TYR A 1 139 ? 0.239   4.119   -16.654 1.00 32.20 ? 139 TYR A CZ  1 
ATOM   1157 O OH  . TYR A 1 139 ? 0.897   5.023   -17.459 1.00 45.19 ? 139 TYR A OH  1 
ATOM   1158 N N   . ASN A 1 140 ? -4.718  2.347   -14.040 1.00 9.69  ? 140 ASN A N   1 
ATOM   1159 C CA  . ASN A 1 140 ? -5.682  3.269   -14.618 1.00 9.77  ? 140 ASN A CA  1 
ATOM   1160 C C   . ASN A 1 140 ? -6.429  4.096   -13.563 1.00 12.29 ? 140 ASN A C   1 
ATOM   1161 O O   . ASN A 1 140 ? -6.781  5.268   -13.804 1.00 14.44 ? 140 ASN A O   1 
ATOM   1162 C CB  . ASN A 1 140 ? -6.659  2.483   -15.490 1.00 13.74 ? 140 ASN A CB  1 
ATOM   1163 C CG  . ASN A 1 140 ? -6.058  2.123   -16.828 1.00 18.62 ? 140 ASN A CG  1 
ATOM   1164 O OD1 . ASN A 1 140 ? -5.945  2.985   -17.714 1.00 21.54 ? 140 ASN A OD1 1 
ATOM   1165 N ND2 . ASN A 1 140 ? -5.626  0.873   -16.984 1.00 14.49 ? 140 ASN A ND2 1 
ATOM   1166 N N   . GLN A 1 141 ? -6.664  3.528   -12.390 1.00 11.32 ? 141 GLN A N   1 
ATOM   1167 C CA  . GLN A 1 141 ? -7.390  4.250   -11.357 1.00 10.16 ? 141 GLN A CA  1 
ATOM   1168 C C   . GLN A 1 141 ? -6.523  5.181   -10.503 1.00 13.13 ? 141 GLN A C   1 
ATOM   1169 O O   . GLN A 1 141 ? -7.000  6.222   -10.044 1.00 14.78 ? 141 GLN A O   1 
ATOM   1170 C CB  . GLN A 1 141 ? -8.132  3.275   -10.452 1.00 13.52 ? 141 GLN A CB  1 
ATOM   1171 C CG  . GLN A 1 141 ? -9.141  2.402   -11.183 1.00 16.14 ? 141 GLN A CG  1 
ATOM   1172 C CD  . GLN A 1 141 ? -10.247 3.185   -11.863 1.00 17.15 ? 141 GLN A CD  1 
ATOM   1173 O OE1 . GLN A 1 141 ? -10.857 4.100   -11.260 1.00 20.44 ? 141 GLN A OE1 1 
ATOM   1174 N NE2 . GLN A 1 141 ? -10.496 2.858   -13.125 1.00 16.22 ? 141 GLN A NE2 1 
ATOM   1175 N N   . THR A 1 142 ? -5.267  4.814   -10.261 1.00 12.22 ? 142 THR A N   1 
ATOM   1176 C CA  . THR A 1 142 ? -4.344  5.695   -9.524  1.00 11.82 ? 142 THR A CA  1 
ATOM   1177 C C   . THR A 1 142 ? -3.052  5.804   -10.331 1.00 13.14 ? 142 THR A C   1 
ATOM   1178 O O   . THR A 1 142 ? -2.007  5.267   -9.939  1.00 11.72 ? 142 THR A O   1 
ATOM   1179 C CB  . THR A 1 142 ? -4.064  5.210   -8.049  1.00 13.01 ? 142 THR A CB  1 
ATOM   1180 O OG1 . THR A 1 142 ? -3.637  3.842   -8.053  1.00 15.48 ? 142 THR A OG1 1 
ATOM   1181 C CG2 . THR A 1 142 ? -5.305  5.287   -7.207  1.00 13.36 ? 142 THR A CG2 1 
ATOM   1182 N N   . PRO A 1 143 ? -3.097  6.493   -11.472 1.00 11.22 ? 143 PRO A N   1 
ATOM   1183 C CA  . PRO A 1 143 ? -1.926  6.449   -12.357 1.00 11.78 ? 143 PRO A CA  1 
ATOM   1184 C C   . PRO A 1 143 ? -0.715  7.174   -11.802 1.00 12.76 ? 143 PRO A C   1 
ATOM   1185 O O   . PRO A 1 143 ? 0.382   6.711   -12.049 1.00 12.58 ? 143 PRO A O   1 
ATOM   1186 C CB  . PRO A 1 143 ? -2.419  7.118   -13.659 1.00 13.12 ? 143 PRO A CB  1 
ATOM   1187 C CG  . PRO A 1 143 ? -3.631  7.904   -13.228 1.00 12.19 ? 143 PRO A CG  1 
ATOM   1188 C CD  . PRO A 1 143 ? -4.272  7.093   -12.139 1.00 11.44 ? 143 PRO A CD  1 
ATOM   1189 N N   . ASN A 1 144 ? -0.869  8.298   -11.117 1.00 11.14 ? 144 ASN A N   1 
ATOM   1190 C CA  . ASN A 1 144 ? 0.330   8.969   -10.660 1.00 11.75 ? 144 ASN A CA  1 
ATOM   1191 C C   . ASN A 1 144 ? 1.081   8.135   -9.616  1.00 11.29 ? 144 ASN A C   1 
ATOM   1192 O O   . ASN A 1 144 ? 2.318   8.052   -9.646  1.00 11.29 ? 144 ASN A O   1 
ATOM   1193 C CB  . ASN A 1 144 ? -0.021  10.351  -10.117 1.00 11.42 ? 144 ASN A CB  1 
ATOM   1194 C CG  . ASN A 1 144 ? -0.395  11.329  -11.241 1.00 18.67 ? 144 ASN A CG  1 
ATOM   1195 O OD1 . ASN A 1 144 ? -0.367  10.977  -12.426 1.00 25.88 ? 144 ASN A OD1 1 
ATOM   1196 N ND2 . ASN A 1 144 ? -0.737  12.547  -10.866 1.00 21.01 ? 144 ASN A ND2 1 
ATOM   1197 N N   . ARG A 1 145 ? 0.336   7.509   -8.717  1.00 10.41 ? 145 ARG A N   1 
ATOM   1198 C CA  . ARG A 1 145 ? 0.972   6.673   -7.703  1.00 10.17 ? 145 ARG A CA  1 
ATOM   1199 C C   . ARG A 1 145 ? 1.529   5.414   -8.343  1.00 10.68 ? 145 ARG A C   1 
ATOM   1200 O O   . ARG A 1 145 ? 2.640   4.993   -8.009  1.00 10.26 ? 145 ARG A O   1 
ATOM   1201 C CB  . ARG A 1 145 ? -0.008  6.283   -6.610  1.00 11.54 ? 145 ARG A CB  1 
ATOM   1202 C CG  . ARG A 1 145 ? 0.721   5.438   -5.560  1.00 16.51 ? 145 ARG A CG  1 
ATOM   1203 C CD  . ARG A 1 145 ? -0.240  4.786   -4.745  1.00 21.33 ? 145 ARG A CD  1 
ATOM   1204 N NE  . ARG A 1 145 ? 0.353   4.031   -3.649  1.00 13.21 ? 145 ARG A NE  1 
ATOM   1205 C CZ  . ARG A 1 145 ? -0.287  3.929   -2.505  1.00 12.64 ? 145 ARG A CZ  1 
ATOM   1206 N NH1 . ARG A 1 145 ? -1.483  4.510   -2.353  1.00 17.13 ? 145 ARG A NH1 1 
ATOM   1207 N NH2 . ARG A 1 145 ? 0.214   3.197   -1.539  1.00 11.44 ? 145 ARG A NH2 1 
ATOM   1208 N N   . ALA A 1 146 ? 0.762   4.781   -9.237  1.00 10.90 ? 146 ALA A N   1 
ATOM   1209 C CA  . ALA A 1 146 ? 1.255   3.577   -9.878  1.00 8.90  ? 146 ALA A CA  1 
ATOM   1210 C C   . ALA A 1 146 ? 2.502   3.871   -10.675 1.00 11.51 ? 146 ALA A C   1 
ATOM   1211 O O   . ALA A 1 146 ? 3.445   3.072   -10.654 1.00 12.17 ? 146 ALA A O   1 
ATOM   1212 C CB  . ALA A 1 146 ? 0.159   2.901   -10.755 1.00 11.94 ? 146 ALA A CB  1 
ATOM   1213 N N   . LYS A 1 147 ? 2.545   5.020   -11.351 1.00 10.70 ? 147 LYS A N   1 
ATOM   1214 C CA  . LYS A 1 147 ? 3.748   5.381   -12.097 1.00 10.22 ? 147 LYS A CA  1 
ATOM   1215 C C   . LYS A 1 147 ? 4.962   5.486   -11.178 1.00 11.33 ? 147 LYS A C   1 
ATOM   1216 O O   . LYS A 1 147 ? 6.058   5.063   -11.569 1.00 12.10 ? 147 LYS A O   1 
ATOM   1217 C CB  . LYS A 1 147 ? 3.562   6.681   -12.883 1.00 13.57 ? 147 LYS A CB  1 
ATOM   1218 C CG  . LYS A 1 147 ? 2.695   6.528   -14.106 1.00 17.69 ? 147 LYS A CG  1 
ATOM   1219 C CD  . LYS A 1 147 ? 2.510   7.900   -14.792 1.00 23.57 ? 147 LYS A CD  1 
ATOM   1220 C CE  . LYS A 1 147 ? 1.475   7.831   -15.911 0.80 31.62 ? 147 LYS A CE  1 
ATOM   1221 N N   . ARG A 1 148 ? 4.784   6.046   -9.989  1.00 11.31 ? 148 ARG A N   1 
ATOM   1222 C CA  . ARG A 1 148 ? 5.917   6.152   -9.039  1.00 9.02  ? 148 ARG A CA  1 
ATOM   1223 C C   . ARG A 1 148 ? 6.393   4.788   -8.622  1.00 9.66  ? 148 ARG A C   1 
ATOM   1224 O O   . ARG A 1 148 ? 7.591   4.541   -8.590  1.00 11.18 ? 148 ARG A O   1 
ATOM   1225 C CB  . ARG A 1 148 ? 5.573   6.998   -7.797  1.00 8.86  ? 148 ARG A CB  1 
ATOM   1226 C CG  . ARG A 1 148 ? 5.426   8.494   -8.088  1.00 9.84  ? 148 ARG A CG  1 
ATOM   1227 C CD  . ARG A 1 148 ? 5.379   9.272   -6.781  1.00 9.92  ? 148 ARG A CD  1 
ATOM   1228 N NE  . ARG A 1 148 ? 4.137   9.052   -6.030  1.00 12.01 ? 148 ARG A NE  1 
ATOM   1229 C CZ  . ARG A 1 148 ? 2.989   9.708   -6.229  1.00 15.91 ? 148 ARG A CZ  1 
ATOM   1230 N NH1 . ARG A 1 148 ? 2.879   10.657  -7.166  1.00 12.84 ? 148 ARG A NH1 1 
ATOM   1231 N NH2 . ARG A 1 148 ? 1.952   9.430   -5.445  1.00 10.12 ? 148 ARG A NH2 1 
ATOM   1232 N N   . VAL A 1 149 ? 5.454   3.913   -8.272  1.00 10.71 ? 149 VAL A N   1 
ATOM   1233 C CA  . VAL A 1 149 ? 5.808   2.573   -7.779  1.00 7.91  ? 149 VAL A CA  1 
ATOM   1234 C C   . VAL A 1 149 ? 6.447   1.798   -8.959  1.00 9.57  ? 149 VAL A C   1 
ATOM   1235 O O   . VAL A 1 149 ? 7.475   1.134   -8.784  1.00 9.34  ? 149 VAL A O   1 
ATOM   1236 C CB  . VAL A 1 149 ? 4.542   1.863   -7.282  1.00 8.69  ? 149 VAL A CB  1 
ATOM   1237 C CG1 . VAL A 1 149 ? 4.836   0.349   -6.998  1.00 11.41 ? 149 VAL A CG1 1 
ATOM   1238 C CG2 . VAL A 1 149 ? 4.044   2.586   -6.006  1.00 10.25 ? 149 VAL A CG2 1 
ATOM   1239 N N   . ILE A 1 150 ? 5.873   1.907   -10.145 1.00 11.18 ? 150 ILE A N   1 
ATOM   1240 C CA  . ILE A 1 150 ? 6.459   1.208   -11.296 1.00 8.53  ? 150 ILE A CA  1 
ATOM   1241 C C   . ILE A 1 150 ? 7.863   1.696   -11.630 1.00 14.13 ? 150 ILE A C   1 
ATOM   1242 O O   . ILE A 1 150 ? 8.739   0.883   -11.974 1.00 11.42 ? 150 ILE A O   1 
ATOM   1243 C CB  . ILE A 1 150 ? 5.535   1.294   -12.576 1.00 9.95  ? 150 ILE A CB  1 
ATOM   1244 C CG1 . ILE A 1 150 ? 4.280   0.478   -12.298 1.00 12.11 ? 150 ILE A CG1 1 
ATOM   1245 C CG2 . ILE A 1 150 ? 6.253   0.801   -13.862 1.00 14.82 ? 150 ILE A CG2 1 
ATOM   1246 C CD1 . ILE A 1 150 ? 3.146   0.716   -13.323 1.00 11.90 ? 150 ILE A CD1 1 
ATOM   1247 N N   . THR A 1 151 ? 8.091   3.009   -11.541 1.00 13.53 ? 151 THR A N   1 
ATOM   1248 C CA  . THR A 1 151 ? 9.436   3.541   -11.806 1.00 13.88 ? 151 THR A CA  1 
ATOM   1249 C C   . THR A 1 151 ? 10.410  2.981   -10.784 1.00 11.16 ? 151 THR A C   1 
ATOM   1250 O O   . THR A 1 151 ? 11.563  2.717   -11.127 1.00 11.89 ? 151 THR A O   1 
ATOM   1251 C CB  . THR A 1 151 ? 9.423   5.074   -11.748 1.00 13.72 ? 151 THR A CB  1 
ATOM   1252 O OG1 . THR A 1 151 ? 8.742   5.524   -12.913 1.00 16.25 ? 151 THR A OG1 1 
ATOM   1253 C CG2 . THR A 1 151 ? 10.861  5.661   -11.750 1.00 16.13 ? 151 THR A CG2 1 
ATOM   1254 N N   . THR A 1 152 ? 9.955   2.810   -9.545  1.00 10.54 ? 152 THR A N   1 
ATOM   1255 C CA  . THR A 1 152 ? 10.785  2.253   -8.501  1.00 9.91  ? 152 THR A CA  1 
ATOM   1256 C C   . THR A 1 152 ? 11.160  0.798   -8.853  1.00 14.10 ? 152 THR A C   1 
ATOM   1257 O O   . THR A 1 152 ? 12.318  0.391   -8.679  1.00 13.16 ? 152 THR A O   1 
ATOM   1258 C CB  . THR A 1 152 ? 10.090  2.395   -7.128  1.00 8.04  ? 152 THR A CB  1 
ATOM   1259 O OG1 . THR A 1 152 ? 9.712   3.761   -6.975  1.00 10.48 ? 152 THR A OG1 1 
ATOM   1260 C CG2 . THR A 1 152 ? 11.020  2.020   -6.033  1.00 11.04 ? 152 THR A CG2 1 
ATOM   1261 N N   . PHE A 1 153 ? 10.198  0.010   -9.336  1.00 10.82 ? 153 PHE A N   1 
ATOM   1262 C CA  . PHE A 1 153 ? 10.523  -1.352  -9.751  1.00 10.24 ? 153 PHE A CA  1 
ATOM   1263 C C   . PHE A 1 153 ? 11.399  -1.338  -11.017 1.00 13.07 ? 153 PHE A C   1 
ATOM   1264 O O   . PHE A 1 153 ? 12.258  -2.220  -11.212 1.00 12.93 ? 153 PHE A O   1 
ATOM   1265 C CB  . PHE A 1 153 ? 9.236   -2.122  -10.099 1.00 10.31 ? 153 PHE A CB  1 
ATOM   1266 C CG  . PHE A 1 153 ? 8.532   -2.759  -8.964  1.00 11.71 ? 153 PHE A CG  1 
ATOM   1267 C CD1 . PHE A 1 153 ? 9.190   -3.636  -8.099  1.00 10.84 ? 153 PHE A CD1 1 
ATOM   1268 C CD2 . PHE A 1 153 ? 7.171   -2.536  -8.774  1.00 12.94 ? 153 PHE A CD2 1 
ATOM   1269 C CE1 . PHE A 1 153 ? 8.495   -4.282  -7.075  1.00 11.44 ? 153 PHE A CE1 1 
ATOM   1270 C CE2 . PHE A 1 153 ? 6.469   -3.181  -7.747  1.00 11.42 ? 153 PHE A CE2 1 
ATOM   1271 C CZ  . PHE A 1 153 ? 7.138   -4.043  -6.884  1.00 11.44 ? 153 PHE A CZ  1 
ATOM   1272 N N   . ARG A 1 154 ? 11.166  -0.396  -11.916 1.00 12.04 ? 154 ARG A N   1 
ATOM   1273 C CA  . ARG A 1 154 ? 11.920  -0.411  -13.174 1.00 11.58 ? 154 ARG A CA  1 
ATOM   1274 C C   . ARG A 1 154 ? 13.395  -0.110  -12.924 1.00 13.04 ? 154 ARG A C   1 
ATOM   1275 O O   . ARG A 1 154 ? 14.283  -0.746  -13.520 1.00 16.03 ? 154 ARG A O   1 
ATOM   1276 C CB  . ARG A 1 154 ? 11.333  0.583   -14.184 1.00 14.16 ? 154 ARG A CB  1 
ATOM   1277 C CG  . ARG A 1 154 ? 11.972  0.502   -15.573 1.00 15.61 ? 154 ARG A CG  1 
ATOM   1278 C CD  . ARG A 1 154 ? 11.336  1.491   -16.553 1.00 17.03 ? 154 ARG A CD  1 
ATOM   1279 N NE  . ARG A 1 154 ? 11.297  2.885   -16.080 1.00 21.67 ? 154 ARG A NE  1 
ATOM   1280 C CZ  . ARG A 1 154 ? 12.295  3.771   -16.196 1.00 34.49 ? 154 ARG A CZ  1 
ATOM   1281 N NH1 . ARG A 1 154 ? 13.461  3.427   -16.746 1.00 26.43 ? 154 ARG A NH1 1 
ATOM   1282 N NH2 . ARG A 1 154 ? 12.134  5.010   -15.738 1.00 33.78 ? 154 ARG A NH2 1 
ATOM   1283 N N   . THR A 1 155 ? 13.662  0.864   -12.058 1.00 12.62 ? 155 THR A N   1 
ATOM   1284 C CA  . THR A 1 155 ? 15.019  1.427   -11.900 1.00 15.08 ? 155 THR A CA  1 
ATOM   1285 C C   . THR A 1 155 ? 15.748  0.987   -10.651 1.00 15.48 ? 155 THR A C   1 
ATOM   1286 O O   . THR A 1 155 ? 16.982  1.026   -10.604 1.00 15.49 ? 155 THR A O   1 
ATOM   1287 C CB  . THR A 1 155 ? 15.003  2.970   -11.853 1.00 14.29 ? 155 THR A CB  1 
ATOM   1288 O OG1 . THR A 1 155 ? 14.316  3.419   -10.656 1.00 14.77 ? 155 THR A OG1 1 
ATOM   1289 C CG2 . THR A 1 155 ? 14.277  3.537   -13.095 1.00 12.39 ? 155 THR A CG2 1 
ATOM   1290 N N   . GLY A 1 156 ? 15.016  0.614   -9.616  1.00 13.96 ? 156 GLY A N   1 
ATOM   1291 C CA  . GLY A 1 156 ? 15.672  0.263   -8.389  1.00 11.70 ? 156 GLY A CA  1 
ATOM   1292 C C   . GLY A 1 156 ? 16.233  1.479   -7.673  1.00 12.63 ? 156 GLY A C   1 
ATOM   1293 O O   . GLY A 1 156 ? 17.140  1.341   -6.846  1.00 13.52 ? 156 GLY A O   1 
ATOM   1294 N N   . THR A 1 157 ? 15.715  2.662   -8.015  1.00 12.58 ? 157 THR A N   1 
ATOM   1295 C CA  . THR A 1 157 ? 16.109  3.920   -7.398  1.00 12.27 ? 157 THR A CA  1 
ATOM   1296 C C   . THR A 1 157 ? 14.871  4.630   -6.888  1.00 11.93 ? 157 THR A C   1 
ATOM   1297 O O   . THR A 1 157 ? 13.751  4.237   -7.186  1.00 13.91 ? 157 THR A O   1 
ATOM   1298 C CB  . THR A 1 157 ? 16.763  4.890   -8.395  1.00 13.12 ? 157 THR A CB  1 
ATOM   1299 O OG1 . THR A 1 157 ? 15.780  5.445   -9.293  1.00 16.01 ? 157 THR A OG1 1 
ATOM   1300 C CG2 . THR A 1 157 ? 17.817  4.176   -9.210  1.00 16.11 ? 157 THR A CG2 1 
ATOM   1301 N N   . TRP A 1 158 ? 15.113  5.687   -6.124  1.00 10.87 ? 158 TRP A N   1 
ATOM   1302 C CA  . TRP A 1 158 ? 14.064  6.515   -5.565  1.00 10.28 ? 158 TRP A CA  1 
ATOM   1303 C C   . TRP A 1 158 ? 13.770  7.730   -6.439  1.00 12.18 ? 158 TRP A C   1 
ATOM   1304 O O   . TRP A 1 158 ? 13.182  8.699   -5.960  1.00 14.64 ? 158 TRP A O   1 
ATOM   1305 C CB  . TRP A 1 158 ? 14.469  6.989   -4.175  1.00 11.03 ? 158 TRP A CB  1 
ATOM   1306 C CG  . TRP A 1 158 ? 14.503  5.912   -3.155  1.00 11.29 ? 158 TRP A CG  1 
ATOM   1307 C CD1 . TRP A 1 158 ? 15.592  5.422   -2.508  1.00 11.02 ? 158 TRP A CD1 1 
ATOM   1308 C CD2 . TRP A 1 158 ? 13.381  5.201   -2.647  1.00 11.60 ? 158 TRP A CD2 1 
ATOM   1309 N NE1 . TRP A 1 158 ? 15.231  4.432   -1.626  1.00 14.52 ? 158 TRP A NE1 1 
ATOM   1310 C CE2 . TRP A 1 158 ? 13.866  4.299   -1.660  1.00 12.01 ? 158 TRP A CE2 1 
ATOM   1311 C CE3 . TRP A 1 158 ? 12.008  5.253   -2.909  1.00 12.69 ? 158 TRP A CE3 1 
ATOM   1312 C CZ2 . TRP A 1 158 ? 13.021  3.428   -0.961  1.00 12.31 ? 158 TRP A CZ2 1 
ATOM   1313 C CZ3 . TRP A 1 158 ? 11.157  4.415   -2.177  1.00 14.66 ? 158 TRP A CZ3 1 
ATOM   1314 C CH2 . TRP A 1 158 ? 11.663  3.521   -1.223  1.00 13.38 ? 158 TRP A CH2 1 
ATOM   1315 N N   . ASP A 1 159 ? 14.132  7.668   -7.713  1.00 13.60 ? 159 ASP A N   1 
ATOM   1316 C CA  . ASP A 1 159 ? 14.002  8.836   -8.585  1.00 15.18 ? 159 ASP A CA  1 
ATOM   1317 C C   . ASP A 1 159 ? 12.575  9.403   -8.638  1.00 16.61 ? 159 ASP A C   1 
ATOM   1318 O O   . ASP A 1 159 ? 12.382  10.630  -8.702  1.00 17.36 ? 159 ASP A O   1 
ATOM   1319 C CB  . ASP A 1 159 ? 14.508  8.527   -9.988  1.00 18.29 ? 159 ASP A CB  1 
ATOM   1320 C CG  . ASP A 1 159 ? 16.026  8.437   -10.060 1.00 27.27 ? 159 ASP A CG  1 
ATOM   1321 O OD1 . ASP A 1 159 ? 16.702  8.645   -9.022  1.00 28.47 ? 159 ASP A OD1 1 
ATOM   1322 O OD2 . ASP A 1 159 ? 16.538  8.173   -11.168 1.00 35.05 ? 159 ASP A OD2 1 
ATOM   1323 N N   . ALA A 1 160 ? 11.566  8.532   -8.572  1.00 14.13 ? 160 ALA A N   1 
ATOM   1324 C CA  . ALA A 1 160 ? 10.189  9.012   -8.657  1.00 13.86 ? 160 ALA A CA  1 
ATOM   1325 C C   . ALA A 1 160 ? 9.705   9.728   -7.409  1.00 15.46 ? 160 ALA A C   1 
ATOM   1326 O O   . ALA A 1 160 ? 8.673   10.399  -7.465  1.00 21.47 ? 160 ALA A O   1 
ATOM   1327 C CB  . ALA A 1 160 ? 9.218   7.830   -8.962  1.00 14.11 ? 160 ALA A CB  1 
ATOM   1328 N N   . TYR A 1 161 ? 10.403  9.558   -6.290  1.00 13.24 ? 161 TYR A N   1 
ATOM   1329 C CA  . TYR A 1 161 ? 9.980   10.130  -5.003  1.00 15.57 ? 161 TYR A CA  1 
ATOM   1330 C C   . TYR A 1 161 ? 10.854  11.300  -4.591  1.00 25.84 ? 161 TYR A C   1 
ATOM   1331 O O   . TYR A 1 161 ? 10.525  12.031  -3.674  1.00 25.29 ? 161 TYR A O   1 
ATOM   1332 C CB  . TYR A 1 161 ? 9.993   9.053   -3.920  1.00 13.97 ? 161 TYR A CB  1 
ATOM   1333 C CG  . TYR A 1 161 ? 8.847   8.072   -4.070  1.00 12.57 ? 161 TYR A CG  1 
ATOM   1334 C CD1 . TYR A 1 161 ? 8.977   6.953   -4.879  1.00 12.32 ? 161 TYR A CD1 1 
ATOM   1335 C CD2 . TYR A 1 161 ? 7.616   8.317   -3.482  1.00 10.09 ? 161 TYR A CD2 1 
ATOM   1336 C CE1 . TYR A 1 161 ? 7.908   6.097   -5.070  1.00 11.90 ? 161 TYR A CE1 1 
ATOM   1337 C CE2 . TYR A 1 161 ? 6.540   7.451   -3.636  1.00 8.90  ? 161 TYR A CE2 1 
ATOM   1338 C CZ  . TYR A 1 161 ? 6.710   6.339   -4.422  1.00 10.62 ? 161 TYR A CZ  1 
ATOM   1339 O OH  . TYR A 1 161 ? 5.688   5.456   -4.598  1.00 11.74 ? 161 TYR A OH  1 
ATOM   1340 N N   . LYS A 1 162 ? 11.984  11.453  -5.266  1.00 25.60 ? 162 LYS A N   1 
ATOM   1341 C CA  . LYS A 1 162 ? 12.811  12.637  -5.091  1.00 36.23 ? 162 LYS A CA  1 
ATOM   1342 C C   . LYS A 1 162 ? 12.359  13.673  -6.118  1.00 36.63 ? 162 LYS A C   1 
ATOM   1343 O O   . LYS A 1 162 ? 12.353  13.393  -7.318  1.00 49.88 ? 162 LYS A O   1 
ATOM   1344 C CB  . LYS A 1 162 ? 14.287  12.273  -5.280  1.00 38.84 ? 162 LYS A CB  1 
ATOM   1345 C CG  . LYS A 1 162 ? 14.795  11.215  -4.293  1.00 29.04 ? 162 LYS A CG  1 
ATOM   1346 N N   . ASN A 1 163 ? 11.938  14.848  -5.659  1.00 38.38 ? 163 ASN A N   1 
ATOM   1347 C CA  . ASN A 1 163 ? 11.848  15.151  -4.241  1.00 39.17 ? 163 ASN A CA  1 
ATOM   1348 C C   . ASN A 1 163 ? 10.395  15.368  -3.808  1.00 48.00 ? 163 ASN A C   1 
ATOM   1349 O O   . ASN A 1 163 ? 9.824   16.444  -4.015  1.00 48.91 ? 163 ASN A O   1 
ATOM   1350 N N   . LEU A 1 164 ? 9.815   14.336  -3.204  0.80 46.03 ? 164 LEU A N   1 
ATOM   1351 C CA  . LEU A 1 164 ? 8.407   14.325  -2.820  0.80 45.19 ? 164 LEU A CA  1 
ATOM   1352 C C   . LEU A 1 164 ? 7.481   14.607  -4.002  0.80 48.65 ? 164 LEU A C   1 
ATOM   1353 O O   . LEU A 1 164 ? 7.936   14.852  -5.123  0.80 53.73 ? 164 LEU A O   1 
ATOM   1354 C CB  . LEU A 1 164 ? 8.139   15.297  -1.664  0.80 41.16 ? 164 LEU A CB  1 
ATOM   1355 C CG  . LEU A 1 164 ? 8.450   14.798  -0.249  0.80 42.60 ? 164 LEU A CG  1 
ATOM   1356 C CD1 . LEU A 1 164 ? 9.857   14.228  -0.151  0.80 45.62 ? 164 LEU A CD1 1 
ATOM   1357 C CD2 . LEU A 1 164 ? 8.246   15.907  0.778   0.80 62.20 ? 164 LEU A CD2 1 
HETATM 1358 C C   . MBN B 2 .   ? 4.920   -6.717  -6.649  0.80 22.81 ? 200 MBN A C   1 
HETATM 1359 C C1  . MBN B 2 .   ? 5.331   -7.576  -5.465  0.80 17.30 ? 200 MBN A C1  1 
HETATM 1360 C C2  . MBN B 2 .   ? 4.584   -7.572  -4.303  0.80 19.02 ? 200 MBN A C2  1 
HETATM 1361 C C3  . MBN B 2 .   ? 4.947   -8.356  -3.217  0.80 15.62 ? 200 MBN A C3  1 
HETATM 1362 C C4  . MBN B 2 .   ? 6.064   -9.165  -3.270  0.80 15.04 ? 200 MBN A C4  1 
HETATM 1363 C C5  . MBN B 2 .   ? 6.799   -9.152  -4.442  0.80 14.97 ? 200 MBN A C5  1 
HETATM 1364 C C6  . MBN B 2 .   ? 6.455   -8.381  -5.532  0.80 18.66 ? 200 MBN A C6  1 
HETATM 1365 N N1  . EPE C 3 .   ? -6.030  -3.344  2.751   1.00 23.81 ? 201 EPE A N1  1 
HETATM 1366 C C2  . EPE C 3 .   ? -6.197  -2.030  2.107   1.00 20.59 ? 201 EPE A C2  1 
HETATM 1367 C C3  . EPE C 3 .   ? -5.632  -0.953  3.042   1.00 18.95 ? 201 EPE A C3  1 
HETATM 1368 N N4  . EPE C 3 .   ? -4.279  -1.243  3.522   1.00 17.31 ? 201 EPE A N4  1 
HETATM 1369 C C5  . EPE C 3 .   ? -4.091  -2.607  3.978   1.00 17.78 ? 201 EPE A C5  1 
HETATM 1370 C C6  . EPE C 3 .   ? -4.585  -3.563  2.896   1.00 20.15 ? 201 EPE A C6  1 
HETATM 1371 C C7  . EPE C 3 .   ? -3.634  -0.202  4.333   1.00 15.29 ? 201 EPE A C7  1 
HETATM 1372 C C8  . EPE C 3 .   ? -3.887  -0.316  5.831   1.00 18.41 ? 201 EPE A C8  1 
HETATM 1373 O O8  . EPE C 3 .   ? -5.277  -0.166  6.064   1.00 13.78 ? 201 EPE A O8  1 
HETATM 1374 C C9  . EPE C 3 .   ? -6.589  -4.449  1.948   1.00 24.59 ? 201 EPE A C9  1 
HETATM 1375 C C10 . EPE C 3 .   ? -7.957  -4.069  1.407   1.00 33.60 ? 201 EPE A C10 1 
HETATM 1376 S S   . EPE C 3 .   ? -8.815  -5.610  1.017   1.00 52.47 ? 201 EPE A S   1 
HETATM 1377 O O1S . EPE C 3 .   ? -8.106  -6.694  1.684   1.00 36.12 ? 201 EPE A O1S 1 
HETATM 1378 O O2S . EPE C 3 .   ? -8.769  -5.773  -0.438  1.00 62.42 ? 201 EPE A O2S 1 
HETATM 1379 O O3S . EPE C 3 .   ? -10.191 -5.549  1.503   1.00 53.06 ? 201 EPE A O3S 1 
HETATM 1380 O O   . HOH D 4 .   ? -0.831  10.086  -14.468 0.50 18.90 ? 301 HOH A O   1 
HETATM 1381 O O   . HOH D 4 .   ? 7.843   -7.442  11.727  1.00 32.35 ? 302 HOH A O   1 
HETATM 1382 O O   . HOH D 4 .   ? 4.781   8.880   16.723  1.00 34.15 ? 303 HOH A O   1 
HETATM 1383 O O   A HOH D 4 .   ? -16.538 7.641   19.199  1.00 30.13 ? 304 HOH A O   1 
HETATM 1384 O O   . HOH D 4 .   ? 14.633  1.098   -17.852 1.00 29.43 ? 305 HOH A O   1 
HETATM 1385 O O   . HOH D 4 .   ? 15.585  8.571   4.119   1.00 27.43 ? 306 HOH A O   1 
HETATM 1386 O O   . HOH D 4 .   ? -11.246 -1.797  10.539  1.00 27.69 ? 307 HOH A O   1 
HETATM 1387 O O   . HOH D 4 .   ? -2.544  -0.659  18.952  1.00 19.21 ? 308 HOH A O   1 
HETATM 1388 O O   . HOH D 4 .   ? 3.096   6.858   17.483  1.00 22.70 ? 309 HOH A O   1 
HETATM 1389 O O   . HOH D 4 .   ? -12.602 14.323  6.285   1.00 32.83 ? 310 HOH A O   1 
HETATM 1390 O O   . HOH D 4 .   ? -6.196  4.734   23.159  1.00 31.18 ? 311 HOH A O   1 
HETATM 1391 O O   . HOH D 4 .   ? -8.713  -1.002  11.870  1.00 30.83 ? 312 HOH A O   1 
HETATM 1392 O O   . HOH D 4 .   ? -9.015  7.984   -10.324 1.00 17.77 ? 313 HOH A O   1 
HETATM 1393 O O   . HOH D 4 .   ? 0.846   -1.996  18.621  1.00 22.75 ? 314 HOH A O   1 
HETATM 1394 O O   . HOH D 4 .   ? 13.582  -16.105 -4.355  1.00 24.02 ? 315 HOH A O   1 
HETATM 1395 O O   . HOH D 4 .   ? -15.066 2.225   -5.444  1.00 36.58 ? 316 HOH A O   1 
HETATM 1396 O O   . HOH D 4 .   ? 16.662  -1.004  -14.822 1.00 19.79 ? 317 HOH A O   1 
HETATM 1397 O O   . HOH D 4 .   ? 18.325  -1.049  -5.913  1.00 16.19 ? 318 HOH A O   1 
HETATM 1398 O O   . HOH D 4 .   ? -20.499 4.248   15.747  1.00 32.24 ? 319 HOH A O   1 
HETATM 1399 O O   . HOH D 4 .   ? 19.296  2.271   -5.449  1.00 19.87 ? 320 HOH A O   1 
HETATM 1400 O O   . HOH D 4 .   ? -3.902  -6.835  -18.007 1.00 24.55 ? 321 HOH A O   1 
HETATM 1401 O O   . HOH D 4 .   ? 15.981  -13.376 -9.029  1.00 19.26 ? 322 HOH A O   1 
HETATM 1402 O O   . HOH D 4 .   ? -13.775 3.698   -7.330  1.00 34.29 ? 323 HOH A O   1 
HETATM 1403 O O   . HOH D 4 .   ? 4.813   5.202   11.728  1.00 20.23 ? 324 HOH A O   1 
HETATM 1404 O O   . HOH D 4 .   ? 17.267  -8.765  -17.035 1.00 21.18 ? 325 HOH A O   1 
HETATM 1405 O O   . HOH D 4 .   ? -7.743  0.921   25.286  1.00 33.99 ? 326 HOH A O   1 
HETATM 1406 O O   . HOH D 4 .   ? 15.300  11.088  5.919   1.00 39.59 ? 327 HOH A O   1 
HETATM 1407 O O   . HOH D 4 .   ? -5.950  6.804   -15.974 1.00 17.40 ? 328 HOH A O   1 
HETATM 1408 O O   . HOH D 4 .   ? -11.431 12.408  0.884   1.00 28.63 ? 329 HOH A O   1 
HETATM 1409 O O   . HOH D 4 .   ? -2.490  2.407   21.324  1.00 31.28 ? 330 HOH A O   1 
HETATM 1410 O O   . HOH D 4 .   ? 18.649  2.015   -12.621 1.00 27.05 ? 331 HOH A O   1 
HETATM 1411 O O   . HOH D 4 .   ? 12.487  8.422   7.929   1.00 18.62 ? 332 HOH A O   1 
HETATM 1412 O O   . HOH D 4 .   ? -18.279 6.500   -0.838  1.00 28.62 ? 333 HOH A O   1 
HETATM 1413 O O   . HOH D 4 .   ? -3.986  -0.231  -19.001 1.00 28.28 ? 334 HOH A O   1 
HETATM 1414 O O   B HOH D 4 .   ? -17.342 3.066   20.060  0.50 25.97 ? 335 HOH A O   1 
HETATM 1415 O O   A HOH D 4 .   ? 15.352  10.567  2.242   0.50 28.78 ? 336 HOH A O   1 
HETATM 1416 O O   . HOH D 4 .   ? -14.085 6.317   -6.244  1.00 17.99 ? 337 HOH A O   1 
HETATM 1417 O O   . HOH D 4 .   ? 19.570  0.553   -9.516  1.00 33.82 ? 338 HOH A O   1 
HETATM 1418 O O   . HOH D 4 .   ? -3.413  -1.245  12.296  1.00 19.96 ? 339 HOH A O   1 
HETATM 1419 O O   . HOH D 4 .   ? -21.449 8.965   2.320   1.00 41.88 ? 340 HOH A O   1 
HETATM 1420 O O   . HOH D 4 .   ? 17.570  3.357   -0.359  1.00 30.56 ? 341 HOH A O   1 
HETATM 1421 O O   . HOH D 4 .   ? -5.045  -1.221  16.185  1.00 14.44 ? 342 HOH A O   1 
HETATM 1422 O O   B HOH D 4 .   ? 6.384   12.668  13.733  0.50 30.54 ? 343 HOH A O   1 
HETATM 1423 O O   . HOH D 4 .   ? -14.098 1.891   -10.691 1.00 29.77 ? 344 HOH A O   1 
HETATM 1424 O O   . HOH D 4 .   ? 4.490   12.770  15.758  1.00 41.92 ? 345 HOH A O   1 
HETATM 1425 O O   . HOH D 4 .   ? -12.717 10.244  -2.022  1.00 19.63 ? 346 HOH A O   1 
HETATM 1426 O O   . HOH D 4 .   ? -16.709 -2.533  15.678  1.00 27.57 ? 347 HOH A O   1 
HETATM 1427 O O   . HOH D 4 .   ? -9.337  -2.458  21.182  1.00 12.80 ? 348 HOH A O   1 
HETATM 1428 O O   . HOH D 4 .   ? 12.597  0.870   3.907   1.00 14.94 ? 349 HOH A O   1 
HETATM 1429 O O   . HOH D 4 .   ? -15.160 -3.739  5.331   1.00 33.78 ? 350 HOH A O   1 
HETATM 1430 O O   . HOH D 4 .   ? -3.790  1.637   18.676  1.00 26.10 ? 351 HOH A O   1 
HETATM 1431 O O   A HOH D 4 .   ? -18.959 1.493   18.651  0.50 28.01 ? 352 HOH A O   1 
HETATM 1432 O O   . HOH D 4 .   ? -4.519  2.930   -20.295 1.00 40.80 ? 353 HOH A O   1 
HETATM 1433 O O   . HOH D 4 .   ? 15.988  6.347   5.821   1.00 22.56 ? 354 HOH A O   1 
HETATM 1434 O O   A HOH D 4 .   ? -8.809  5.975   -7.719  0.50 19.24 ? 355 HOH A O   1 
HETATM 1435 O O   . HOH D 4 .   ? -2.471  8.300   -8.134  1.00 15.62 ? 356 HOH A O   1 
HETATM 1436 O O   A HOH D 4 .   ? -1.325  14.916  3.602   0.50 24.29 ? 357 HOH A O   1 
HETATM 1437 O O   . HOH D 4 .   ? 10.977  12.053  6.918   1.00 31.90 ? 358 HOH A O   1 
HETATM 1438 O O   . HOH D 4 .   ? 17.657  -12.545 -7.001  1.00 16.11 ? 359 HOH A O   1 
HETATM 1439 O O   . HOH D 4 .   ? 17.986  6.243   -5.315  1.00 19.85 ? 360 HOH A O   1 
HETATM 1440 O O   . HOH D 4 .   ? 16.017  -2.126  -17.167 1.00 20.51 ? 361 HOH A O   1 
HETATM 1441 O O   . HOH D 4 .   ? -13.925 12.573  2.558   1.00 33.86 ? 362 HOH A O   1 
HETATM 1442 O O   . HOH D 4 .   ? 3.097   -7.279  -20.767 1.00 23.62 ? 363 HOH A O   1 
HETATM 1443 O O   . HOH D 4 .   ? -12.790 1.062   22.226  1.00 37.67 ? 364 HOH A O   1 
HETATM 1444 O O   . HOH D 4 .   ? -2.696  -3.871  11.075  1.00 36.92 ? 365 HOH A O   1 
HETATM 1445 O O   . HOH D 4 .   ? -7.497  -2.259  -8.210  1.00 38.59 ? 366 HOH A O   1 
HETATM 1446 O O   . HOH D 4 .   ? 7.540   9.074   7.068   1.00 21.22 ? 367 HOH A O   1 
HETATM 1447 O O   . HOH D 4 .   ? 7.466   11.375  3.484   1.00 24.00 ? 368 HOH A O   1 
HETATM 1448 O O   . HOH D 4 .   ? 1.477   13.183  0.613   1.00 35.07 ? 369 HOH A O   1 
HETATM 1449 O O   . HOH D 4 .   ? -0.836  8.796   -4.118  1.00 23.75 ? 370 HOH A O   1 
HETATM 1450 O O   . HOH D 4 .   ? -3.355  6.019   -3.895  1.00 27.49 ? 371 HOH A O   1 
HETATM 1451 O O   . HOH D 4 .   ? -4.149  10.729  4.361   1.00 20.43 ? 372 HOH A O   1 
HETATM 1452 O O   A HOH D 4 .   ? -7.539  16.162  8.575   1.00 38.91 ? 373 HOH A O   1 
HETATM 1453 O O   B HOH D 4 .   ? -5.715  16.361  9.345   1.00 27.94 ? 374 HOH A O   1 
HETATM 1454 O O   . HOH D 4 .   ? -14.572 13.196  9.124   1.00 31.76 ? 375 HOH A O   1 
HETATM 1455 O O   . HOH D 4 .   ? -16.384 2.846   3.562   1.00 18.79 ? 376 HOH A O   1 
HETATM 1456 O O   . HOH D 4 .   ? -8.176  3.105   2.431   1.00 20.35 ? 377 HOH A O   1 
HETATM 1457 O O   . HOH D 4 .   ? -7.868  3.158   -6.433  1.00 30.68 ? 378 HOH A O   1 
HETATM 1458 O O   . HOH D 4 .   ? -17.049 3.086   -2.239  1.00 42.01 ? 379 HOH A O   1 
HETATM 1459 O O   . HOH D 4 .   ? -2.427  5.746   9.939   1.00 11.22 ? 380 HOH A O   1 
HETATM 1460 O O   . HOH D 4 .   ? -1.735  3.522   8.324   1.00 11.87 ? 381 HOH A O   1 
HETATM 1461 O O   . HOH D 4 .   ? -23.809 6.101   9.550   1.00 35.36 ? 382 HOH A O   1 
HETATM 1462 O O   . HOH D 4 .   ? -14.731 7.285   16.248  1.00 18.98 ? 383 HOH A O   1 
HETATM 1463 O O   . HOH D 4 .   ? -4.092  6.574   22.038  1.00 29.62 ? 384 HOH A O   1 
HETATM 1464 O O   . HOH D 4 .   ? -11.211 9.689   23.971  1.00 25.92 ? 385 HOH A O   1 
HETATM 1465 O O   . HOH D 4 .   ? -10.680 12.320  19.631  1.00 21.47 ? 386 HOH A O   1 
HETATM 1466 O O   . HOH D 4 .   ? -8.176  13.389  19.223  1.00 31.15 ? 387 HOH A O   1 
HETATM 1467 O O   . HOH D 4 .   ? -1.957  10.729  21.162  1.00 29.60 ? 388 HOH A O   1 
HETATM 1468 O O   . HOH D 4 .   ? -1.817  15.577  16.670  1.00 25.66 ? 389 HOH A O   1 
HETATM 1469 O O   . HOH D 4 .   ? 0.372   13.372  18.592  1.00 24.90 ? 390 HOH A O   1 
HETATM 1470 O O   . HOH D 4 .   ? -6.085  15.606  16.059  1.00 33.04 ? 391 HOH A O   1 
HETATM 1471 O O   . HOH D 4 .   ? -1.320  -3.203  5.681   1.00 17.53 ? 392 HOH A O   1 
HETATM 1472 O O   . HOH D 4 .   ? -0.343  -9.547  7.798   1.00 29.43 ? 393 HOH A O   1 
HETATM 1473 O O   . HOH D 4 .   ? 5.195   -13.413 8.287   1.00 33.39 ? 394 HOH A O   1 
HETATM 1474 O O   . HOH D 4 .   ? 0.256   -18.752 0.312   1.00 30.95 ? 395 HOH A O   1 
HETATM 1475 O O   . HOH D 4 .   ? 5.579   -16.279 -7.264  1.00 26.98 ? 396 HOH A O   1 
HETATM 1476 O O   . HOH D 4 .   ? 14.122  -10.131 -8.625  1.00 14.93 ? 397 HOH A O   1 
HETATM 1477 O O   . HOH D 4 .   ? 11.515  5.759   -7.814  1.00 14.52 ? 398 HOH A O   1 
HETATM 1478 O O   . HOH D 4 .   ? 7.425   11.402  -9.585  1.00 20.83 ? 399 HOH A O   1 
HETATM 1479 O O   . HOH D 4 .   ? 1.048   0.737   -4.761  1.00 12.04 ? 400 HOH A O   1 
HETATM 1480 O O   . HOH D 4 .   ? -5.925  1.919   -7.906  1.00 19.22 ? 401 HOH A O   1 
HETATM 1481 O O   . HOH D 4 .   ? -1.500  -4.933  3.318   1.00 18.12 ? 402 HOH A O   1 
HETATM 1482 O O   . HOH D 4 .   ? 9.201   -0.165  -19.296 1.00 24.50 ? 403 HOH A O   1 
HETATM 1483 O O   . HOH D 4 .   ? 4.960   1.045   -17.474 1.00 18.71 ? 404 HOH A O   1 
HETATM 1484 O O   . HOH D 4 .   ? 1.952   -0.933  -20.437 1.00 20.74 ? 405 HOH A O   1 
HETATM 1485 O O   . HOH D 4 .   ? 5.695   -6.811  -20.597 1.00 20.15 ? 406 HOH A O   1 
HETATM 1486 O O   . HOH D 4 .   ? 3.882   9.856   -11.144 1.00 16.87 ? 407 HOH A O   1 
HETATM 1487 O O   . HOH D 4 .   ? 6.414   4.672   -14.545 1.00 19.56 ? 408 HOH A O   1 
HETATM 1488 O O   . HOH D 4 .   ? 8.547   3.054   -15.614 1.00 28.12 ? 409 HOH A O   1 
HETATM 1489 O O   . HOH D 4 .   ? 4.730   11.717  -9.169  1.00 16.03 ? 410 HOH A O   1 
HETATM 1490 O O   B HOH D 4 .   ? -5.708  1.197   0.107   0.80 30.10 ? 411 HOH A O   1 
HETATM 1491 O O   A HOH D 4 .   ? -4.205  2.530   0.133   0.50 21.02 ? 412 HOH A O   1 
HETATM 1492 O O   . HOH D 4 .   ? -2.999  4.083   17.750  1.00 24.70 ? 413 HOH A O   1 
HETATM 1493 O O   . HOH D 4 .   ? -9.699  14.289  6.970   1.00 31.64 ? 414 HOH A O   1 
HETATM 1494 O O   . HOH D 4 .   ? -14.228 12.817  11.662  1.00 33.18 ? 415 HOH A O   1 
HETATM 1495 O O   . HOH D 4 .   ? -20.410 6.278   2.362   1.00 37.39 ? 416 HOH A O   1 
HETATM 1496 O O   . HOH D 4 .   ? -9.296  1.143   -1.168  1.00 42.09 ? 417 HOH A O   1 
HETATM 1497 O O   . HOH D 4 .   ? -23.314 6.982   6.705   1.00 37.34 ? 418 HOH A O   1 
HETATM 1498 O O   . HOH D 4 .   ? -21.657 9.737   12.770  0.40 28.83 ? 419 HOH A O   1 
HETATM 1499 O O   . HOH D 4 .   ? -12.729 6.601   25.566  1.00 34.99 ? 420 HOH A O   1 
HETATM 1500 O O   . HOH D 4 .   ? -4.844  10.458  22.450  1.00 31.72 ? 421 HOH A O   1 
HETATM 1501 O O   . HOH D 4 .   ? -1.094  -16.516 2.646   1.00 39.96 ? 422 HOH A O   1 
HETATM 1502 O O   . HOH D 4 .   ? -2.779  -15.076 -2.323  1.00 38.54 ? 423 HOH A O   1 
HETATM 1503 O O   . HOH D 4 .   ? 7.194   -20.225 -1.458  1.00 32.23 ? 424 HOH A O   1 
HETATM 1504 O O   . HOH D 4 .   ? -1.021  -13.295 6.036   1.00 40.10 ? 425 HOH A O   1 
HETATM 1505 O O   . HOH D 4 .   ? -5.654  -9.251  1.159   1.00 35.33 ? 426 HOH A O   1 
HETATM 1506 O O   . HOH D 4 .   ? -6.101  -7.953  -1.360  1.00 30.16 ? 427 HOH A O   1 
HETATM 1507 O O   A HOH D 4 .   ? -2.303  -7.544  3.309   0.50 23.99 ? 428 HOH A O   1 
HETATM 1508 O O   . HOH D 4 .   ? 4.461   -15.663 -11.104 1.00 24.95 ? 429 HOH A O   1 
HETATM 1509 O O   . HOH D 4 .   ? 4.144   -17.478 -13.539 1.00 45.52 ? 430 HOH A O   1 
HETATM 1510 O O   . HOH D 4 .   ? 8.100   8.175   -13.104 1.00 33.92 ? 431 HOH A O   1 
HETATM 1511 O O   A HOH D 4 .   ? -5.602  2.510   2.370   1.00 27.71 ? 432 HOH A O   1 
HETATM 1512 O O   B HOH D 4 .   ? -3.942  2.464   1.984   0.50 22.48 ? 433 HOH A O   1 
HETATM 1513 O O   . HOH D 4 .   ? -4.659  7.851   1.887   1.00 21.37 ? 434 HOH A O   1 
HETATM 1514 O O   . HOH D 4 .   ? -5.915  5.343   1.228   1.00 36.07 ? 435 HOH A O   1 
HETATM 1515 O O   A HOH D 4 .   ? -17.994 4.551   1.924   1.00 25.42 ? 436 HOH A O   1 
HETATM 1516 O O   B HOH D 4 .   ? -18.381 2.443   0.731   1.00 38.60 ? 437 HOH A O   1 
HETATM 1517 O O   . HOH D 4 .   ? 4.062   13.368  8.650   0.50 24.40 ? 438 HOH A O   1 
HETATM 1518 O O   . HOH D 4 .   ? -6.883  -1.276  7.841   1.00 33.54 ? 439 HOH A O   1 
HETATM 1519 O O   A HOH D 4 .   ? 0.224   -15.729 -8.741  0.50 24.10 ? 440 HOH A O   1 
HETATM 1520 O O   B HOH D 4 .   ? 0.034   15.328  3.767   0.50 33.41 ? 441 HOH A O   1 
HETATM 1521 O O   . HOH D 4 .   ? 3.372   5.030   -17.707 1.00 36.83 ? 442 HOH A O   1 
# 
loop_
_pdbx_poly_seq_scheme.asym_id 
_pdbx_poly_seq_scheme.entity_id 
_pdbx_poly_seq_scheme.seq_id 
_pdbx_poly_seq_scheme.mon_id 
_pdbx_poly_seq_scheme.ndb_seq_num 
_pdbx_poly_seq_scheme.pdb_seq_num 
_pdbx_poly_seq_scheme.auth_seq_num 
_pdbx_poly_seq_scheme.pdb_mon_id 
_pdbx_poly_seq_scheme.auth_mon_id 
_pdbx_poly_seq_scheme.pdb_strand_id 
_pdbx_poly_seq_scheme.pdb_ins_code 
_pdbx_poly_seq_scheme.hetero 
A 1 1   MET 1   1   1   MET MET A . n 
A 1 2   ASN 2   2   2   ASN ASN A . n 
A 1 3   ILE 3   3   3   ILE ILE A . n 
A 1 4   PHE 4   4   4   PHE PHE A . n 
A 1 5   GLU 5   5   5   GLU GLU A . n 
A 1 6   MET 6   6   6   MET MET A . n 
A 1 7   LEU 7   7   7   LEU LEU A . n 
A 1 8   ARG 8   8   8   ARG ARG A . n 
A 1 9   ILE 9   9   9   ILE ILE A . n 
A 1 10  ASP 10  10  10  ASP ASP A . n 
A 1 11  GLU 11  11  11  GLU GLU A . n 
A 1 12  GLY 12  12  12  GLY GLY A . n 
A 1 13  LEU 13  13  13  LEU LEU A . n 
A 1 14  ARG 14  14  14  ARG ARG A . n 
A 1 15  LEU 15  15  15  LEU LEU A . n 
A 1 16  LYS 16  16  16  LYS LYS A . n 
A 1 17  ILE 17  17  17  ILE ILE A . n 
A 1 18  TYR 18  18  18  TYR TYR A . n 
A 1 19  LYS 19  19  19  LYS LYS A . n 
A 1 20  ASP 20  20  20  ASP ASP A . n 
A 1 21  THR 21  21  21  THR THR A . n 
A 1 22  GLU 22  22  22  GLU GLU A . n 
A 1 23  GLY 23  23  23  GLY GLY A . n 
A 1 24  TYR 24  24  24  TYR TYR A . n 
A 1 25  TYR 25  25  25  TYR TYR A . n 
A 1 26  THR 26  26  26  THR THR A . n 
A 1 27  ILE 27  27  27  ILE ILE A . n 
A 1 28  GLY 28  28  28  GLY GLY A . n 
A 1 29  ILE 29  29  29  ILE ILE A . n 
A 1 30  GLY 30  30  30  GLY GLY A . n 
A 1 31  HIS 31  31  31  HIS HIS A . n 
A 1 32  LEU 32  32  32  LEU LEU A . n 
A 1 33  LEU 33  33  33  LEU LEU A . n 
A 1 34  THR 34  34  34  THR THR A . n 
A 1 35  LYS 35  35  35  LYS LYS A . n 
A 1 36  SER 36  36  36  SER SER A . n 
A 1 37  PRO 37  37  37  PRO PRO A . n 
A 1 38  SER 38  38  38  SER SER A . n 
A 1 39  LEU 39  39  39  LEU LEU A . n 
A 1 40  ASN 40  40  40  ASN ASN A . n 
A 1 41  ALA 41  41  41  ALA ALA A . n 
A 1 42  ALA 42  42  42  ALA ALA A . n 
A 1 43  LYS 43  43  43  LYS LYS A . n 
A 1 44  SER 44  44  44  SER SER A . n 
A 1 45  GLU 45  45  45  GLU GLU A . n 
A 1 46  LEU 46  46  46  LEU LEU A . n 
A 1 47  ASP 47  47  47  ASP ASP A . n 
A 1 48  LYS 48  48  48  LYS LYS A . n 
A 1 49  ALA 49  49  49  ALA ALA A . n 
A 1 50  ILE 50  50  50  ILE ILE A . n 
A 1 51  GLY 51  51  51  GLY GLY A . n 
A 1 52  ARG 52  52  52  ARG ARG A . n 
A 1 53  ASN 53  53  53  ASN ASN A . n 
A 1 54  CYS 54  54  54  CYS CYS A . n 
A 1 55  ASN 55  55  55  ASN ASN A . n 
A 1 56  GLY 56  56  56  GLY GLY A . n 
A 1 57  VAL 57  57  57  VAL VAL A . n 
A 1 58  ILE 58  58  58  ILE ILE A . n 
A 1 59  THR 59  59  59  THR THR A . n 
A 1 60  LYS 60  60  60  LYS LYS A . n 
A 1 61  ASP 61  61  61  ASP ASP A . n 
A 1 62  GLU 62  62  62  GLU GLU A . n 
A 1 63  ALA 63  63  63  ALA ALA A . n 
A 1 64  GLU 64  64  64  GLU GLU A . n 
A 1 65  LYS 65  65  65  LYS LYS A . n 
A 1 66  LEU 66  66  66  LEU LEU A . n 
A 1 67  PHE 67  67  67  PHE PHE A . n 
A 1 68  ASN 68  68  68  ASN ASN A . n 
A 1 69  GLN 69  69  69  GLN GLN A . n 
A 1 70  ASP 70  70  70  ASP ASP A . n 
A 1 71  VAL 71  71  71  VAL VAL A . n 
A 1 72  ASP 72  72  72  ASP ASP A . n 
A 1 73  ALA 73  73  73  ALA ALA A . n 
A 1 74  ALA 74  74  74  ALA ALA A . n 
A 1 75  VAL 75  75  75  VAL VAL A . n 
A 1 76  ARG 76  76  76  ARG ARG A . n 
A 1 77  GLY 77  77  77  GLY GLY A . n 
A 1 78  ILE 78  78  78  ILE ILE A . n 
A 1 79  LEU 79  79  79  LEU LEU A . n 
A 1 80  ARG 80  80  80  ARG ARG A . n 
A 1 81  ASN 81  81  81  ASN ASN A . n 
A 1 82  ALA 82  82  82  ALA ALA A . n 
A 1 83  LYS 83  83  83  LYS LYS A . n 
A 1 84  LEU 84  84  84  LEU LEU A . n 
A 1 85  LYS 85  85  85  LYS LYS A . n 
A 1 86  PRO 86  86  86  PRO PRO A . n 
A 1 87  VAL 87  87  87  VAL VAL A . n 
A 1 88  TYR 88  88  88  TYR TYR A . n 
A 1 89  ASP 89  89  89  ASP ASP A . n 
A 1 90  SER 90  90  90  SER SER A . n 
A 1 91  LEU 91  91  91  LEU LEU A . n 
A 1 92  ASP 92  92  92  ASP ASP A . n 
A 1 93  ALA 93  93  93  ALA ALA A . n 
A 1 94  VAL 94  94  94  VAL VAL A . n 
A 1 95  ARG 95  95  95  ARG ARG A . n 
A 1 96  ARG 96  96  96  ARG ARG A . n 
A 1 97  CYS 97  97  97  CYS CYS A . n 
A 1 98  ALA 98  98  98  ALA ALA A . n 
A 1 99  ALA 99  99  99  ALA ALA A . n 
A 1 100 ILE 100 100 100 ILE ILE A . n 
A 1 101 ASN 101 101 101 ASN ASN A . n 
A 1 102 MET 102 102 102 MET MET A . n 
A 1 103 VAL 103 103 103 VAL VAL A . n 
A 1 104 PHE 104 104 104 PHE PHE A . n 
A 1 105 GLN 105 105 105 GLN GLN A . n 
A 1 106 MET 106 106 106 MET MET A . n 
A 1 107 GLY 107 107 107 GLY GLY A . n 
A 1 108 GLU 108 108 108 GLU GLU A . n 
A 1 109 THR 109 109 109 THR THR A . n 
A 1 110 GLY 110 110 110 GLY GLY A . n 
A 1 111 VAL 111 111 111 VAL VAL A . n 
A 1 112 ALA 112 112 112 ALA ALA A . n 
A 1 113 GLY 113 113 113 GLY GLY A . n 
A 1 114 PHE 114 114 114 PHE PHE A . n 
A 1 115 THR 115 115 115 THR THR A . n 
A 1 116 ASN 116 116 116 ASN ASN A . n 
A 1 117 SER 117 117 117 SER SER A . n 
A 1 118 LEU 118 118 118 LEU LEU A . n 
A 1 119 ARG 119 119 119 ARG ARG A . n 
A 1 120 MET 120 120 120 MET MET A . n 
A 1 121 LEU 121 121 121 LEU LEU A . n 
A 1 122 GLN 122 122 122 GLN GLN A . n 
A 1 123 GLN 123 123 123 GLN GLN A . n 
A 1 124 LYS 124 124 124 LYS LYS A . n 
A 1 125 ARG 125 125 125 ARG ARG A . n 
A 1 126 TRP 126 126 126 TRP TRP A . n 
A 1 127 ASP 127 127 127 ASP ASP A . n 
A 1 128 GLU 128 128 128 GLU GLU A . n 
A 1 129 ALA 129 129 129 ALA ALA A . n 
A 1 130 ALA 130 130 130 ALA ALA A . n 
A 1 131 VAL 131 131 131 VAL VAL A . n 
A 1 132 ASN 132 132 132 ASN ASN A . n 
A 1 133 LEU 133 133 133 LEU LEU A . n 
A 1 134 ALA 134 134 134 ALA ALA A . n 
A 1 135 LYS 135 135 135 LYS LYS A . n 
A 1 136 SER 136 136 136 SER SER A . n 
A 1 137 ARG 137 137 137 ARG ARG A . n 
A 1 138 TRP 138 138 138 TRP TRP A . n 
A 1 139 TYR 139 139 139 TYR TYR A . n 
A 1 140 ASN 140 140 140 ASN ASN A . n 
A 1 141 GLN 141 141 141 GLN GLN A . n 
A 1 142 THR 142 142 142 THR THR A . n 
A 1 143 PRO 143 143 143 PRO PRO A . n 
A 1 144 ASN 144 144 144 ASN ASN A . n 
A 1 145 ARG 145 145 145 ARG ARG A . n 
A 1 146 ALA 146 146 146 ALA ALA A . n 
A 1 147 LYS 147 147 147 LYS LYS A . n 
A 1 148 ARG 148 148 148 ARG ARG A . n 
A 1 149 VAL 149 149 149 VAL VAL A . n 
A 1 150 ILE 150 150 150 ILE ILE A . n 
A 1 151 THR 151 151 151 THR THR A . n 
A 1 152 THR 152 152 152 THR THR A . n 
A 1 153 PHE 153 153 153 PHE PHE A . n 
A 1 154 ARG 154 154 154 ARG ARG A . n 
A 1 155 THR 155 155 155 THR THR A . n 
A 1 156 GLY 156 156 156 GLY GLY A . n 
A 1 157 THR 157 157 157 THR THR A . n 
A 1 158 TRP 158 158 158 TRP TRP A . n 
A 1 159 ASP 159 159 159 ASP ASP A . n 
A 1 160 ALA 160 160 160 ALA ALA A . n 
A 1 161 TYR 161 161 161 TYR TYR A . n 
A 1 162 LYS 162 162 162 LYS LYS A . n 
A 1 163 ASN 163 163 163 ASN ASN A . n 
A 1 164 LEU 164 164 164 LEU LEU A . n 
A 1 165 LEU 165 165 ?   ?   ?   A . n 
A 1 166 GLU 166 166 ?   ?   ?   A . n 
A 1 167 HIS 167 167 ?   ?   ?   A . n 
A 1 168 HIS 168 168 ?   ?   ?   A . n 
A 1 169 HIS 169 169 ?   ?   ?   A . n 
A 1 170 HIS 170 170 ?   ?   ?   A . n 
A 1 171 HIS 171 171 ?   ?   ?   A . n 
A 1 172 HIS 172 172 ?   ?   ?   A . n 
# 
loop_
_pdbx_nonpoly_scheme.asym_id 
_pdbx_nonpoly_scheme.entity_id 
_pdbx_nonpoly_scheme.mon_id 
_pdbx_nonpoly_scheme.ndb_seq_num 
_pdbx_nonpoly_scheme.pdb_seq_num 
_pdbx_nonpoly_scheme.auth_seq_num 
_pdbx_nonpoly_scheme.pdb_mon_id 
_pdbx_nonpoly_scheme.auth_mon_id 
_pdbx_nonpoly_scheme.pdb_strand_id 
_pdbx_nonpoly_scheme.pdb_ins_code 
B 2 MBN 1   200 200 MBN DRG A . 
C 3 EPE 1   201 201 EPE EPE A . 
D 4 HOH 1   301 99  HOH HOH A . 
D 4 HOH 2   302 60  HOH HOH A . 
D 4 HOH 3   303 2   HOH HOH A . 
D 4 HOH 4   304 44  HOH HOH A . 
D 4 HOH 5   305 94  HOH HOH A . 
D 4 HOH 6   306 1   HOH HOH A . 
D 4 HOH 7   307 39  HOH HOH A . 
D 4 HOH 8   308 37  HOH HOH A . 
D 4 HOH 9   309 58  HOH HOH A . 
D 4 HOH 10  310 22  HOH HOH A . 
D 4 HOH 11  311 48  HOH HOH A . 
D 4 HOH 12  312 41  HOH HOH A . 
D 4 HOH 13  313 66  HOH HOH A . 
D 4 HOH 14  314 38  HOH HOH A . 
D 4 HOH 15  315 15  HOH HOH A . 
D 4 HOH 16  316 29  HOH HOH A . 
D 4 HOH 17  317 73  HOH HOH A . 
D 4 HOH 18  318 67  HOH HOH A . 
D 4 HOH 19  319 91  HOH HOH A . 
D 4 HOH 20  320 69  HOH HOH A . 
D 4 HOH 21  321 40  HOH HOH A . 
D 4 HOH 22  322 77  HOH HOH A . 
D 4 HOH 23  323 106 HOH HOH A . 
D 4 HOH 24  324 4   HOH HOH A . 
D 4 HOH 25  325 18  HOH HOH A . 
D 4 HOH 26  326 56  HOH HOH A . 
D 4 HOH 27  327 97  HOH HOH A . 
D 4 HOH 28  328 68  HOH HOH A . 
D 4 HOH 29  329 17  HOH HOH A . 
D 4 HOH 30  330 130 HOH HOH A . 
D 4 HOH 31  331 89  HOH HOH A . 
D 4 HOH 32  332 6   HOH HOH A . 
D 4 HOH 33  333 23  HOH HOH A . 
D 4 HOH 34  334 83  HOH HOH A . 
D 4 HOH 35  335 136 HOH HOH A . 
D 4 HOH 36  336 100 HOH HOH A . 
D 4 HOH 37  337 28  HOH HOH A . 
D 4 HOH 38  338 88  HOH HOH A . 
D 4 HOH 39  339 35  HOH HOH A . 
D 4 HOH 40  340 126 HOH HOH A . 
D 4 HOH 41  341 5   HOH HOH A . 
D 4 HOH 42  342 36  HOH HOH A . 
D 4 HOH 43  343 111 HOH HOH A . 
D 4 HOH 44  344 31  HOH HOH A . 
D 4 HOH 45  345 129 HOH HOH A . 
D 4 HOH 46  346 26  HOH HOH A . 
D 4 HOH 47  347 45  HOH HOH A . 
D 4 HOH 48  348 46  HOH HOH A . 
D 4 HOH 49  349 7   HOH HOH A . 
D 4 HOH 50  350 90  HOH HOH A . 
D 4 HOH 51  351 47  HOH HOH A . 
D 4 HOH 52  352 135 HOH HOH A . 
D 4 HOH 53  353 131 HOH HOH A . 
D 4 HOH 54  354 3   HOH HOH A . 
D 4 HOH 55  355 105 HOH HOH A . 
D 4 HOH 56  356 13  HOH HOH A . 
D 4 HOH 57  357 139 HOH HOH A . 
D 4 HOH 58  358 137 HOH HOH A . 
D 4 HOH 59  359 14  HOH HOH A . 
D 4 HOH 60  360 70  HOH HOH A . 
D 4 HOH 61  361 95  HOH HOH A . 
D 4 HOH 62  362 27  HOH HOH A . 
D 4 HOH 63  363 81  HOH HOH A . 
D 4 HOH 64  364 138 HOH HOH A . 
D 4 HOH 65  365 142 HOH HOH A . 
D 4 HOH 66  366 96  HOH HOH A . 
D 4 HOH 67  367 8   HOH HOH A . 
D 4 HOH 68  368 9   HOH HOH A . 
D 4 HOH 69  369 10  HOH HOH A . 
D 4 HOH 70  370 11  HOH HOH A . 
D 4 HOH 71  371 12  HOH HOH A . 
D 4 HOH 72  372 16  HOH HOH A . 
D 4 HOH 73  373 19  HOH HOH A . 
D 4 HOH 74  374 20  HOH HOH A . 
D 4 HOH 75  375 21  HOH HOH A . 
D 4 HOH 76  376 24  HOH HOH A . 
D 4 HOH 77  377 25  HOH HOH A . 
D 4 HOH 78  378 30  HOH HOH A . 
D 4 HOH 79  379 32  HOH HOH A . 
D 4 HOH 80  380 33  HOH HOH A . 
D 4 HOH 81  381 34  HOH HOH A . 
D 4 HOH 82  382 42  HOH HOH A . 
D 4 HOH 83  383 43  HOH HOH A . 
D 4 HOH 84  384 49  HOH HOH A . 
D 4 HOH 85  385 50  HOH HOH A . 
D 4 HOH 86  386 51  HOH HOH A . 
D 4 HOH 87  387 52  HOH HOH A . 
D 4 HOH 88  388 53  HOH HOH A . 
D 4 HOH 89  389 54  HOH HOH A . 
D 4 HOH 90  390 55  HOH HOH A . 
D 4 HOH 91  391 57  HOH HOH A . 
D 4 HOH 92  392 59  HOH HOH A . 
D 4 HOH 93  393 61  HOH HOH A . 
D 4 HOH 94  394 62  HOH HOH A . 
D 4 HOH 95  395 63  HOH HOH A . 
D 4 HOH 96  396 64  HOH HOH A . 
D 4 HOH 97  397 65  HOH HOH A . 
D 4 HOH 98  398 71  HOH HOH A . 
D 4 HOH 99  399 72  HOH HOH A . 
D 4 HOH 100 400 74  HOH HOH A . 
D 4 HOH 101 401 75  HOH HOH A . 
D 4 HOH 102 402 76  HOH HOH A . 
D 4 HOH 103 403 78  HOH HOH A . 
D 4 HOH 104 404 79  HOH HOH A . 
D 4 HOH 105 405 80  HOH HOH A . 
D 4 HOH 106 406 82  HOH HOH A . 
D 4 HOH 107 407 84  HOH HOH A . 
D 4 HOH 108 408 85  HOH HOH A . 
D 4 HOH 109 409 86  HOH HOH A . 
D 4 HOH 110 410 87  HOH HOH A . 
D 4 HOH 111 411 92  HOH HOH A . 
D 4 HOH 112 412 93  HOH HOH A . 
D 4 HOH 113 413 98  HOH HOH A . 
D 4 HOH 114 414 101 HOH HOH A . 
D 4 HOH 115 415 102 HOH HOH A . 
D 4 HOH 116 416 103 HOH HOH A . 
D 4 HOH 117 417 104 HOH HOH A . 
D 4 HOH 118 418 107 HOH HOH A . 
D 4 HOH 119 419 108 HOH HOH A . 
D 4 HOH 120 420 109 HOH HOH A . 
D 4 HOH 121 421 110 HOH HOH A . 
D 4 HOH 122 422 112 HOH HOH A . 
D 4 HOH 123 423 113 HOH HOH A . 
D 4 HOH 124 424 114 HOH HOH A . 
D 4 HOH 125 425 115 HOH HOH A . 
D 4 HOH 126 426 116 HOH HOH A . 
D 4 HOH 127 427 117 HOH HOH A . 
D 4 HOH 128 428 118 HOH HOH A . 
D 4 HOH 129 429 119 HOH HOH A . 
D 4 HOH 130 430 120 HOH HOH A . 
D 4 HOH 131 431 121 HOH HOH A . 
D 4 HOH 132 432 122 HOH HOH A . 
D 4 HOH 133 433 123 HOH HOH A . 
D 4 HOH 134 434 124 HOH HOH A . 
D 4 HOH 135 435 125 HOH HOH A . 
D 4 HOH 136 436 127 HOH HOH A . 
D 4 HOH 137 437 128 HOH HOH A . 
D 4 HOH 138 438 132 HOH HOH A . 
D 4 HOH 139 439 133 HOH HOH A . 
D 4 HOH 140 440 134 HOH HOH A . 
D 4 HOH 141 441 140 HOH HOH A . 
D 4 HOH 142 442 141 HOH HOH A . 
# 
_pdbx_struct_assembly.id                   1 
_pdbx_struct_assembly.details              author_and_software_defined_assembly 
_pdbx_struct_assembly.method_details       PISA 
_pdbx_struct_assembly.oligomeric_details   monomeric 
_pdbx_struct_assembly.oligomeric_count     1 
# 
_pdbx_struct_assembly_gen.assembly_id       1 
_pdbx_struct_assembly_gen.oper_expression   1 
_pdbx_struct_assembly_gen.asym_id_list      A,B,C,D 
# 
loop_
_pdbx_struct_assembly_prop.biol_id 
_pdbx_struct_assembly_prop.type 
_pdbx_struct_assembly_prop.value 
_pdbx_struct_assembly_prop.details 
1 'ABSA (A^2)' 760  ? 
1 MORE         10   ? 
1 'SSA (A^2)'  8500 ? 
# 
_pdbx_struct_oper_list.id                   1 
_pdbx_struct_oper_list.type                 'identity operation' 
_pdbx_struct_oper_list.name                 1_555 
_pdbx_struct_oper_list.symmetry_operation   x,y,z 
_pdbx_struct_oper_list.matrix[1][1]         1.0000000000 
_pdbx_struct_oper_list.matrix[1][2]         0.0000000000 
_pdbx_struct_oper_list.matrix[1][3]         0.0000000000 
_pdbx_struct_oper_list.vector[1]            0.0000000000 
_pdbx_struct_oper_list.matrix[2][1]         0.0000000000 
_pdbx_struct_oper_list.matrix[2][2]         1.0000000000 
_pdbx_struct_oper_list.matrix[2][3]         0.0000000000 
_pdbx_struct_oper_list.vector[2]            0.0000000000 
_pdbx_struct_oper_list.matrix[3][1]         0.0000000000 
_pdbx_struct_oper_list.matrix[3][2]         0.0000000000 
_pdbx_struct_oper_list.matrix[3][3]         1.0000000000 
_pdbx_struct_oper_list.vector[3]            0.0000000000 
# 
loop_
_pdbx_audit_revision_history.ordinal 
_pdbx_audit_revision_history.data_content_type 
_pdbx_audit_revision_history.major_revision 
_pdbx_audit_revision_history.minor_revision 
_pdbx_audit_revision_history.revision_date 
1 'Structure model' 1 0 2015-04-01 
2 'Structure model' 1 1 2015-04-22 
3 'Structure model' 1 2 2015-05-06 
4 'Structure model' 1 3 2017-09-06 
5 'Structure model' 1 4 2017-11-22 
6 'Structure model' 1 5 2019-12-25 
7 'Structure model' 1 6 2023-09-27 
# 
_pdbx_audit_revision_details.ordinal             1 
_pdbx_audit_revision_details.revision_ordinal    1 
_pdbx_audit_revision_details.data_content_type   'Structure model' 
_pdbx_audit_revision_details.provider            repository 
_pdbx_audit_revision_details.type                'Initial release' 
_pdbx_audit_revision_details.description         ? 
_pdbx_audit_revision_details.details             ? 
# 
loop_
_pdbx_audit_revision_group.ordinal 
_pdbx_audit_revision_group.revision_ordinal 
_pdbx_audit_revision_group.data_content_type 
_pdbx_audit_revision_group.group 
1  2 'Structure model' 'Database references'        
2  3 'Structure model' 'Database references'        
3  4 'Structure model' 'Author supporting evidence' 
4  4 'Structure model' 'Database references'        
5  4 'Structure model' 'Derived calculations'       
6  4 'Structure model' Other                        
7  4 'Structure model' 'Source and taxonomy'        
8  5 'Structure model' 'Refinement description'     
9  6 'Structure model' 'Author supporting evidence' 
10 7 'Structure model' 'Data collection'            
11 7 'Structure model' 'Database references'        
12 7 'Structure model' 'Refinement description'     
# 
loop_
_pdbx_audit_revision_category.ordinal 
_pdbx_audit_revision_category.revision_ordinal 
_pdbx_audit_revision_category.data_content_type 
_pdbx_audit_revision_category.category 
1  4 'Structure model' citation                      
2  4 'Structure model' entity_src_gen                
3  4 'Structure model' pdbx_audit_support            
4  4 'Structure model' pdbx_database_status          
5  4 'Structure model' pdbx_struct_assembly          
6  4 'Structure model' pdbx_struct_assembly_prop     
7  4 'Structure model' pdbx_struct_oper_list         
8  5 'Structure model' software                      
9  6 'Structure model' pdbx_audit_support            
10 7 'Structure model' chem_comp_atom                
11 7 'Structure model' chem_comp_bond                
12 7 'Structure model' database_2                    
13 7 'Structure model' pdbx_initial_refinement_model 
14 7 'Structure model' refine_hist                   
# 
loop_
_pdbx_audit_revision_item.ordinal 
_pdbx_audit_revision_item.revision_ordinal 
_pdbx_audit_revision_item.data_content_type 
_pdbx_audit_revision_item.item 
1  4 'Structure model' '_citation.journal_id_CSD'                    
2  4 'Structure model' '_entity_src_gen.pdbx_alt_source_flag'        
3  4 'Structure model' '_pdbx_audit_support.funding_organization'    
4  4 'Structure model' '_pdbx_database_status.pdb_format_compatible' 
5  4 'Structure model' '_pdbx_struct_assembly.oligomeric_details'    
6  4 'Structure model' '_pdbx_struct_assembly_prop.type'             
7  4 'Structure model' '_pdbx_struct_assembly_prop.value'            
8  4 'Structure model' '_pdbx_struct_oper_list.symmetry_operation'   
9  6 'Structure model' '_pdbx_audit_support.funding_organization'    
10 7 'Structure model' '_database_2.pdbx_DOI'                        
11 7 'Structure model' '_database_2.pdbx_database_accession'         
12 7 'Structure model' '_refine_hist.number_atoms_total'             
13 7 'Structure model' '_refine_hist.pdbx_number_atoms_nucleic_acid' 
14 7 'Structure model' '_refine_hist.pdbx_number_atoms_protein'      
# 
loop_
_software.citation_id 
_software.classification 
_software.compiler_name 
_software.compiler_version 
_software.contact_author 
_software.contact_author_email 
_software.date 
_software.description 
_software.dependencies 
_software.hardware 
_software.language 
_software.location 
_software.mods 
_software.name 
_software.os 
_software.os_version 
_software.type 
_software.version 
_software.pdbx_ordinal 
? 'data scaling'    ? ? ? ? ? ? ? ? ? ? ? XSCALE      ? ? ? .                            1 
? 'data extraction' ? ? ? ? ? ? ? ? ? ? ? PDB_EXTRACT ? ? ? 3.15                         2 
? refinement        ? ? ? ? ? ? ? ? ? ? ? PHENIX      ? ? ? '(phenix.refine: 1.7.1_743)' 3 
? 'model building'  ? ? ? ? ? ? ? ? ? ? ? Coot        ? ? ? .                            4 
# 
loop_
_pdbx_validate_torsion.id 
_pdbx_validate_torsion.PDB_model_num 
_pdbx_validate_torsion.auth_comp_id 
_pdbx_validate_torsion.auth_asym_id 
_pdbx_validate_torsion.auth_seq_id 
_pdbx_validate_torsion.PDB_ins_code 
_pdbx_validate_torsion.label_alt_id 
_pdbx_validate_torsion.phi 
_pdbx_validate_torsion.psi 
1 1 VAL A 111 ? B -68.03 -114.69 
2 1 ALA A 112 ? B 88.31  -85.30  
3 1 PHE A 114 ? B -84.15 41.14   
# 
_pdbx_validate_peptide_omega.id               1 
_pdbx_validate_peptide_omega.PDB_model_num    1 
_pdbx_validate_peptide_omega.auth_comp_id_1   GLY 
_pdbx_validate_peptide_omega.auth_asym_id_1   A 
_pdbx_validate_peptide_omega.auth_seq_id_1    113 
_pdbx_validate_peptide_omega.PDB_ins_code_1   ? 
_pdbx_validate_peptide_omega.label_alt_id_1   B 
_pdbx_validate_peptide_omega.auth_comp_id_2   PHE 
_pdbx_validate_peptide_omega.auth_asym_id_2   A 
_pdbx_validate_peptide_omega.auth_seq_id_2    114 
_pdbx_validate_peptide_omega.PDB_ins_code_2   ? 
_pdbx_validate_peptide_omega.label_alt_id_2   B 
_pdbx_validate_peptide_omega.omega            138.92 
# 
loop_
_pdbx_unobs_or_zero_occ_atoms.id 
_pdbx_unobs_or_zero_occ_atoms.PDB_model_num 
_pdbx_unobs_or_zero_occ_atoms.polymer_flag 
_pdbx_unobs_or_zero_occ_atoms.occupancy_flag 
_pdbx_unobs_or_zero_occ_atoms.auth_asym_id 
_pdbx_unobs_or_zero_occ_atoms.auth_comp_id 
_pdbx_unobs_or_zero_occ_atoms.auth_seq_id 
_pdbx_unobs_or_zero_occ_atoms.PDB_ins_code 
_pdbx_unobs_or_zero_occ_atoms.auth_atom_id 
_pdbx_unobs_or_zero_occ_atoms.label_alt_id 
_pdbx_unobs_or_zero_occ_atoms.label_asym_id 
_pdbx_unobs_or_zero_occ_atoms.label_comp_id 
_pdbx_unobs_or_zero_occ_atoms.label_seq_id 
_pdbx_unobs_or_zero_occ_atoms.label_atom_id 
1  1 Y 1 A LYS 16  ? CE  ? A LYS 16  CE  
2  1 Y 1 A LYS 16  ? NZ  ? A LYS 16  NZ  
3  1 Y 1 A LYS 60  ? NZ  ? A LYS 60  NZ  
4  1 Y 1 A ARG 80  ? CG  ? A ARG 80  CG  
5  1 Y 1 A ARG 80  ? CD  ? A ARG 80  CD  
6  1 Y 1 A ARG 80  ? NE  ? A ARG 80  NE  
7  1 Y 1 A ARG 80  ? CZ  ? A ARG 80  CZ  
8  1 Y 1 A ARG 80  ? NH1 ? A ARG 80  NH1 
9  1 Y 1 A ARG 80  ? NH2 ? A ARG 80  NH2 
10 1 Y 1 A LYS 83  ? CD  ? A LYS 83  CD  
11 1 Y 1 A LYS 83  ? CE  ? A LYS 83  CE  
12 1 Y 1 A LYS 83  ? NZ  ? A LYS 83  NZ  
13 1 Y 1 A GLN 122 ? OE1 ? A GLN 122 OE1 
14 1 Y 1 A GLN 122 ? NE2 ? A GLN 122 NE2 
15 1 Y 1 A LYS 147 ? NZ  ? A LYS 147 NZ  
16 1 Y 1 A LYS 162 ? CD  ? A LYS 162 CD  
17 1 Y 1 A LYS 162 ? CE  ? A LYS 162 CE  
18 1 Y 1 A LYS 162 ? NZ  ? A LYS 162 NZ  
19 1 Y 1 A ASN 163 ? CB  ? A ASN 163 CB  
20 1 Y 1 A ASN 163 ? CG  ? A ASN 163 CG  
21 1 Y 1 A ASN 163 ? OD1 ? A ASN 163 OD1 
22 1 Y 1 A ASN 163 ? ND2 ? A ASN 163 ND2 
# 
loop_
_pdbx_unobs_or_zero_occ_residues.id 
_pdbx_unobs_or_zero_occ_residues.PDB_model_num 
_pdbx_unobs_or_zero_occ_residues.polymer_flag 
_pdbx_unobs_or_zero_occ_residues.occupancy_flag 
_pdbx_unobs_or_zero_occ_residues.auth_asym_id 
_pdbx_unobs_or_zero_occ_residues.auth_comp_id 
_pdbx_unobs_or_zero_occ_residues.auth_seq_id 
_pdbx_unobs_or_zero_occ_residues.PDB_ins_code 
_pdbx_unobs_or_zero_occ_residues.label_asym_id 
_pdbx_unobs_or_zero_occ_residues.label_comp_id 
_pdbx_unobs_or_zero_occ_residues.label_seq_id 
1 1 Y 1 A LEU 165 ? A LEU 165 
2 1 Y 1 A GLU 166 ? A GLU 166 
3 1 Y 1 A HIS 167 ? A HIS 167 
4 1 Y 1 A HIS 168 ? A HIS 168 
5 1 Y 1 A HIS 169 ? A HIS 169 
6 1 Y 1 A HIS 170 ? A HIS 170 
7 1 Y 1 A HIS 171 ? A HIS 171 
8 1 Y 1 A HIS 172 ? A HIS 172 
# 
loop_
_chem_comp_atom.comp_id 
_chem_comp_atom.atom_id 
_chem_comp_atom.type_symbol 
_chem_comp_atom.pdbx_aromatic_flag 
_chem_comp_atom.pdbx_stereo_config 
_chem_comp_atom.pdbx_ordinal 
ALA N    N N N 1   
ALA CA   C N S 2   
ALA C    C N N 3   
ALA O    O N N 4   
ALA CB   C N N 5   
ALA OXT  O N N 6   
ALA H    H N N 7   
ALA H2   H N N 8   
ALA HA   H N N 9   
ALA HB1  H N N 10  
ALA HB2  H N N 11  
ALA HB3  H N N 12  
ALA HXT  H N N 13  
ARG N    N N N 14  
ARG CA   C N S 15  
ARG C    C N N 16  
ARG O    O N N 17  
ARG CB   C N N 18  
ARG CG   C N N 19  
ARG CD   C N N 20  
ARG NE   N N N 21  
ARG CZ   C N N 22  
ARG NH1  N N N 23  
ARG NH2  N N N 24  
ARG OXT  O N N 25  
ARG H    H N N 26  
ARG H2   H N N 27  
ARG HA   H N N 28  
ARG HB2  H N N 29  
ARG HB3  H N N 30  
ARG HG2  H N N 31  
ARG HG3  H N N 32  
ARG HD2  H N N 33  
ARG HD3  H N N 34  
ARG HE   H N N 35  
ARG HH11 H N N 36  
ARG HH12 H N N 37  
ARG HH21 H N N 38  
ARG HH22 H N N 39  
ARG HXT  H N N 40  
ASN N    N N N 41  
ASN CA   C N S 42  
ASN C    C N N 43  
ASN O    O N N 44  
ASN CB   C N N 45  
ASN CG   C N N 46  
ASN OD1  O N N 47  
ASN ND2  N N N 48  
ASN OXT  O N N 49  
ASN H    H N N 50  
ASN H2   H N N 51  
ASN HA   H N N 52  
ASN HB2  H N N 53  
ASN HB3  H N N 54  
ASN HD21 H N N 55  
ASN HD22 H N N 56  
ASN HXT  H N N 57  
ASP N    N N N 58  
ASP CA   C N S 59  
ASP C    C N N 60  
ASP O    O N N 61  
ASP CB   C N N 62  
ASP CG   C N N 63  
ASP OD1  O N N 64  
ASP OD2  O N N 65  
ASP OXT  O N N 66  
ASP H    H N N 67  
ASP H2   H N N 68  
ASP HA   H N N 69  
ASP HB2  H N N 70  
ASP HB3  H N N 71  
ASP HD2  H N N 72  
ASP HXT  H N N 73  
CYS N    N N N 74  
CYS CA   C N R 75  
CYS C    C N N 76  
CYS O    O N N 77  
CYS CB   C N N 78  
CYS SG   S N N 79  
CYS OXT  O N N 80  
CYS H    H N N 81  
CYS H2   H N N 82  
CYS HA   H N N 83  
CYS HB2  H N N 84  
CYS HB3  H N N 85  
CYS HG   H N N 86  
CYS HXT  H N N 87  
EPE N1   N N N 88  
EPE C2   C N N 89  
EPE C3   C N N 90  
EPE N4   N N N 91  
EPE C5   C N N 92  
EPE C6   C N N 93  
EPE C7   C N N 94  
EPE C8   C N N 95  
EPE O8   O N N 96  
EPE C9   C N N 97  
EPE C10  C N N 98  
EPE S    S N N 99  
EPE O1S  O N N 100 
EPE O2S  O N N 101 
EPE O3S  O N N 102 
EPE H21  H N N 103 
EPE H22  H N N 104 
EPE H31  H N N 105 
EPE H32  H N N 106 
EPE H51  H N N 107 
EPE H52  H N N 108 
EPE H61  H N N 109 
EPE H62  H N N 110 
EPE H71  H N N 111 
EPE H72  H N N 112 
EPE H81  H N N 113 
EPE H82  H N N 114 
EPE HO8  H N N 115 
EPE H91  H N N 116 
EPE H92  H N N 117 
EPE H101 H N N 118 
EPE H102 H N N 119 
EPE HOS3 H N N 120 
GLN N    N N N 121 
GLN CA   C N S 122 
GLN C    C N N 123 
GLN O    O N N 124 
GLN CB   C N N 125 
GLN CG   C N N 126 
GLN CD   C N N 127 
GLN OE1  O N N 128 
GLN NE2  N N N 129 
GLN OXT  O N N 130 
GLN H    H N N 131 
GLN H2   H N N 132 
GLN HA   H N N 133 
GLN HB2  H N N 134 
GLN HB3  H N N 135 
GLN HG2  H N N 136 
GLN HG3  H N N 137 
GLN HE21 H N N 138 
GLN HE22 H N N 139 
GLN HXT  H N N 140 
GLU N    N N N 141 
GLU CA   C N S 142 
GLU C    C N N 143 
GLU O    O N N 144 
GLU CB   C N N 145 
GLU CG   C N N 146 
GLU CD   C N N 147 
GLU OE1  O N N 148 
GLU OE2  O N N 149 
GLU OXT  O N N 150 
GLU H    H N N 151 
GLU H2   H N N 152 
GLU HA   H N N 153 
GLU HB2  H N N 154 
GLU HB3  H N N 155 
GLU HG2  H N N 156 
GLU HG3  H N N 157 
GLU HE2  H N N 158 
GLU HXT  H N N 159 
GLY N    N N N 160 
GLY CA   C N N 161 
GLY C    C N N 162 
GLY O    O N N 163 
GLY OXT  O N N 164 
GLY H    H N N 165 
GLY H2   H N N 166 
GLY HA2  H N N 167 
GLY HA3  H N N 168 
GLY HXT  H N N 169 
HIS N    N N N 170 
HIS CA   C N S 171 
HIS C    C N N 172 
HIS O    O N N 173 
HIS CB   C N N 174 
HIS CG   C Y N 175 
HIS ND1  N Y N 176 
HIS CD2  C Y N 177 
HIS CE1  C Y N 178 
HIS NE2  N Y N 179 
HIS OXT  O N N 180 
HIS H    H N N 181 
HIS H2   H N N 182 
HIS HA   H N N 183 
HIS HB2  H N N 184 
HIS HB3  H N N 185 
HIS HD1  H N N 186 
HIS HD2  H N N 187 
HIS HE1  H N N 188 
HIS HE2  H N N 189 
HIS HXT  H N N 190 
HOH O    O N N 191 
HOH H1   H N N 192 
HOH H2   H N N 193 
ILE N    N N N 194 
ILE CA   C N S 195 
ILE C    C N N 196 
ILE O    O N N 197 
ILE CB   C N S 198 
ILE CG1  C N N 199 
ILE CG2  C N N 200 
ILE CD1  C N N 201 
ILE OXT  O N N 202 
ILE H    H N N 203 
ILE H2   H N N 204 
ILE HA   H N N 205 
ILE HB   H N N 206 
ILE HG12 H N N 207 
ILE HG13 H N N 208 
ILE HG21 H N N 209 
ILE HG22 H N N 210 
ILE HG23 H N N 211 
ILE HD11 H N N 212 
ILE HD12 H N N 213 
ILE HD13 H N N 214 
ILE HXT  H N N 215 
LEU N    N N N 216 
LEU CA   C N S 217 
LEU C    C N N 218 
LEU O    O N N 219 
LEU CB   C N N 220 
LEU CG   C N N 221 
LEU CD1  C N N 222 
LEU CD2  C N N 223 
LEU OXT  O N N 224 
LEU H    H N N 225 
LEU H2   H N N 226 
LEU HA   H N N 227 
LEU HB2  H N N 228 
LEU HB3  H N N 229 
LEU HG   H N N 230 
LEU HD11 H N N 231 
LEU HD12 H N N 232 
LEU HD13 H N N 233 
LEU HD21 H N N 234 
LEU HD22 H N N 235 
LEU HD23 H N N 236 
LEU HXT  H N N 237 
LYS N    N N N 238 
LYS CA   C N S 239 
LYS C    C N N 240 
LYS O    O N N 241 
LYS CB   C N N 242 
LYS CG   C N N 243 
LYS CD   C N N 244 
LYS CE   C N N 245 
LYS NZ   N N N 246 
LYS OXT  O N N 247 
LYS H    H N N 248 
LYS H2   H N N 249 
LYS HA   H N N 250 
LYS HB2  H N N 251 
LYS HB3  H N N 252 
LYS HG2  H N N 253 
LYS HG3  H N N 254 
LYS HD2  H N N 255 
LYS HD3  H N N 256 
LYS HE2  H N N 257 
LYS HE3  H N N 258 
LYS HZ1  H N N 259 
LYS HZ2  H N N 260 
LYS HZ3  H N N 261 
LYS HXT  H N N 262 
MBN C    C N N 263 
MBN C1   C Y N 264 
MBN C2   C Y N 265 
MBN C3   C Y N 266 
MBN C4   C Y N 267 
MBN C5   C Y N 268 
MBN C6   C Y N 269 
MBN H1   H N N 270 
MBN H2A  H N N 271 
MBN H3A  H N N 272 
MBN H2   H N N 273 
MBN H3   H N N 274 
MBN H4   H N N 275 
MBN H5   H N N 276 
MBN H6   H N N 277 
MET N    N N N 278 
MET CA   C N S 279 
MET C    C N N 280 
MET O    O N N 281 
MET CB   C N N 282 
MET CG   C N N 283 
MET SD   S N N 284 
MET CE   C N N 285 
MET OXT  O N N 286 
MET H    H N N 287 
MET H2   H N N 288 
MET HA   H N N 289 
MET HB2  H N N 290 
MET HB3  H N N 291 
MET HG2  H N N 292 
MET HG3  H N N 293 
MET HE1  H N N 294 
MET HE2  H N N 295 
MET HE3  H N N 296 
MET HXT  H N N 297 
PHE N    N N N 298 
PHE CA   C N S 299 
PHE C    C N N 300 
PHE O    O N N 301 
PHE CB   C N N 302 
PHE CG   C Y N 303 
PHE CD1  C Y N 304 
PHE CD2  C Y N 305 
PHE CE1  C Y N 306 
PHE CE2  C Y N 307 
PHE CZ   C Y N 308 
PHE OXT  O N N 309 
PHE H    H N N 310 
PHE H2   H N N 311 
PHE HA   H N N 312 
PHE HB2  H N N 313 
PHE HB3  H N N 314 
PHE HD1  H N N 315 
PHE HD2  H N N 316 
PHE HE1  H N N 317 
PHE HE2  H N N 318 
PHE HZ   H N N 319 
PHE HXT  H N N 320 
PRO N    N N N 321 
PRO CA   C N S 322 
PRO C    C N N 323 
PRO O    O N N 324 
PRO CB   C N N 325 
PRO CG   C N N 326 
PRO CD   C N N 327 
PRO OXT  O N N 328 
PRO H    H N N 329 
PRO HA   H N N 330 
PRO HB2  H N N 331 
PRO HB3  H N N 332 
PRO HG2  H N N 333 
PRO HG3  H N N 334 
PRO HD2  H N N 335 
PRO HD3  H N N 336 
PRO HXT  H N N 337 
SER N    N N N 338 
SER CA   C N S 339 
SER C    C N N 340 
SER O    O N N 341 
SER CB   C N N 342 
SER OG   O N N 343 
SER OXT  O N N 344 
SER H    H N N 345 
SER H2   H N N 346 
SER HA   H N N 347 
SER HB2  H N N 348 
SER HB3  H N N 349 
SER HG   H N N 350 
SER HXT  H N N 351 
THR N    N N N 352 
THR CA   C N S 353 
THR C    C N N 354 
THR O    O N N 355 
THR CB   C N R 356 
THR OG1  O N N 357 
THR CG2  C N N 358 
THR OXT  O N N 359 
THR H    H N N 360 
THR H2   H N N 361 
THR HA   H N N 362 
THR HB   H N N 363 
THR HG1  H N N 364 
THR HG21 H N N 365 
THR HG22 H N N 366 
THR HG23 H N N 367 
THR HXT  H N N 368 
TRP N    N N N 369 
TRP CA   C N S 370 
TRP C    C N N 371 
TRP O    O N N 372 
TRP CB   C N N 373 
TRP CG   C Y N 374 
TRP CD1  C Y N 375 
TRP CD2  C Y N 376 
TRP NE1  N Y N 377 
TRP CE2  C Y N 378 
TRP CE3  C Y N 379 
TRP CZ2  C Y N 380 
TRP CZ3  C Y N 381 
TRP CH2  C Y N 382 
TRP OXT  O N N 383 
TRP H    H N N 384 
TRP H2   H N N 385 
TRP HA   H N N 386 
TRP HB2  H N N 387 
TRP HB3  H N N 388 
TRP HD1  H N N 389 
TRP HE1  H N N 390 
TRP HE3  H N N 391 
TRP HZ2  H N N 392 
TRP HZ3  H N N 393 
TRP HH2  H N N 394 
TRP HXT  H N N 395 
TYR N    N N N 396 
TYR CA   C N S 397 
TYR C    C N N 398 
TYR O    O N N 399 
TYR CB   C N N 400 
TYR CG   C Y N 401 
TYR CD1  C Y N 402 
TYR CD2  C Y N 403 
TYR CE1  C Y N 404 
TYR CE2  C Y N 405 
TYR CZ   C Y N 406 
TYR OH   O N N 407 
TYR OXT  O N N 408 
TYR H    H N N 409 
TYR H2   H N N 410 
TYR HA   H N N 411 
TYR HB2  H N N 412 
TYR HB3  H N N 413 
TYR HD1  H N N 414 
TYR HD2  H N N 415 
TYR HE1  H N N 416 
TYR HE2  H N N 417 
TYR HH   H N N 418 
TYR HXT  H N N 419 
VAL N    N N N 420 
VAL CA   C N S 421 
VAL C    C N N 422 
VAL O    O N N 423 
VAL CB   C N N 424 
VAL CG1  C N N 425 
VAL CG2  C N N 426 
VAL OXT  O N N 427 
VAL H    H N N 428 
VAL H2   H N N 429 
VAL HA   H N N 430 
VAL HB   H N N 431 
VAL HG11 H N N 432 
VAL HG12 H N N 433 
VAL HG13 H N N 434 
VAL HG21 H N N 435 
VAL HG22 H N N 436 
VAL HG23 H N N 437 
VAL HXT  H N N 438 
# 
loop_
_chem_comp_bond.comp_id 
_chem_comp_bond.atom_id_1 
_chem_comp_bond.atom_id_2 
_chem_comp_bond.value_order 
_chem_comp_bond.pdbx_aromatic_flag 
_chem_comp_bond.pdbx_stereo_config 
_chem_comp_bond.pdbx_ordinal 
ALA N   CA   sing N N 1   
ALA N   H    sing N N 2   
ALA N   H2   sing N N 3   
ALA CA  C    sing N N 4   
ALA CA  CB   sing N N 5   
ALA CA  HA   sing N N 6   
ALA C   O    doub N N 7   
ALA C   OXT  sing N N 8   
ALA CB  HB1  sing N N 9   
ALA CB  HB2  sing N N 10  
ALA CB  HB3  sing N N 11  
ALA OXT HXT  sing N N 12  
ARG N   CA   sing N N 13  
ARG N   H    sing N N 14  
ARG N   H2   sing N N 15  
ARG CA  C    sing N N 16  
ARG CA  CB   sing N N 17  
ARG CA  HA   sing N N 18  
ARG C   O    doub N N 19  
ARG C   OXT  sing N N 20  
ARG CB  CG   sing N N 21  
ARG CB  HB2  sing N N 22  
ARG CB  HB3  sing N N 23  
ARG CG  CD   sing N N 24  
ARG CG  HG2  sing N N 25  
ARG CG  HG3  sing N N 26  
ARG CD  NE   sing N N 27  
ARG CD  HD2  sing N N 28  
ARG CD  HD3  sing N N 29  
ARG NE  CZ   sing N N 30  
ARG NE  HE   sing N N 31  
ARG CZ  NH1  sing N N 32  
ARG CZ  NH2  doub N N 33  
ARG NH1 HH11 sing N N 34  
ARG NH1 HH12 sing N N 35  
ARG NH2 HH21 sing N N 36  
ARG NH2 HH22 sing N N 37  
ARG OXT HXT  sing N N 38  
ASN N   CA   sing N N 39  
ASN N   H    sing N N 40  
ASN N   H2   sing N N 41  
ASN CA  C    sing N N 42  
ASN CA  CB   sing N N 43  
ASN CA  HA   sing N N 44  
ASN C   O    doub N N 45  
ASN C   OXT  sing N N 46  
ASN CB  CG   sing N N 47  
ASN CB  HB2  sing N N 48  
ASN CB  HB3  sing N N 49  
ASN CG  OD1  doub N N 50  
ASN CG  ND2  sing N N 51  
ASN ND2 HD21 sing N N 52  
ASN ND2 HD22 sing N N 53  
ASN OXT HXT  sing N N 54  
ASP N   CA   sing N N 55  
ASP N   H    sing N N 56  
ASP N   H2   sing N N 57  
ASP CA  C    sing N N 58  
ASP CA  CB   sing N N 59  
ASP CA  HA   sing N N 60  
ASP C   O    doub N N 61  
ASP C   OXT  sing N N 62  
ASP CB  CG   sing N N 63  
ASP CB  HB2  sing N N 64  
ASP CB  HB3  sing N N 65  
ASP CG  OD1  doub N N 66  
ASP CG  OD2  sing N N 67  
ASP OD2 HD2  sing N N 68  
ASP OXT HXT  sing N N 69  
CYS N   CA   sing N N 70  
CYS N   H    sing N N 71  
CYS N   H2   sing N N 72  
CYS CA  C    sing N N 73  
CYS CA  CB   sing N N 74  
CYS CA  HA   sing N N 75  
CYS C   O    doub N N 76  
CYS C   OXT  sing N N 77  
CYS CB  SG   sing N N 78  
CYS CB  HB2  sing N N 79  
CYS CB  HB3  sing N N 80  
CYS SG  HG   sing N N 81  
CYS OXT HXT  sing N N 82  
EPE N1  C2   sing N N 83  
EPE N1  C6   sing N N 84  
EPE N1  C9   sing N N 85  
EPE C2  C3   sing N N 86  
EPE C2  H21  sing N N 87  
EPE C2  H22  sing N N 88  
EPE C3  N4   sing N N 89  
EPE C3  H31  sing N N 90  
EPE C3  H32  sing N N 91  
EPE N4  C5   sing N N 92  
EPE N4  C7   sing N N 93  
EPE C5  C6   sing N N 94  
EPE C5  H51  sing N N 95  
EPE C5  H52  sing N N 96  
EPE C6  H61  sing N N 97  
EPE C6  H62  sing N N 98  
EPE C7  C8   sing N N 99  
EPE C7  H71  sing N N 100 
EPE C7  H72  sing N N 101 
EPE C8  O8   sing N N 102 
EPE C8  H81  sing N N 103 
EPE C8  H82  sing N N 104 
EPE O8  HO8  sing N N 105 
EPE C9  C10  sing N N 106 
EPE C9  H91  sing N N 107 
EPE C9  H92  sing N N 108 
EPE C10 S    sing N N 109 
EPE C10 H101 sing N N 110 
EPE C10 H102 sing N N 111 
EPE S   O1S  doub N N 112 
EPE S   O2S  doub N N 113 
EPE S   O3S  sing N N 114 
EPE O3S HOS3 sing N N 115 
GLN N   CA   sing N N 116 
GLN N   H    sing N N 117 
GLN N   H2   sing N N 118 
GLN CA  C    sing N N 119 
GLN CA  CB   sing N N 120 
GLN CA  HA   sing N N 121 
GLN C   O    doub N N 122 
GLN C   OXT  sing N N 123 
GLN CB  CG   sing N N 124 
GLN CB  HB2  sing N N 125 
GLN CB  HB3  sing N N 126 
GLN CG  CD   sing N N 127 
GLN CG  HG2  sing N N 128 
GLN CG  HG3  sing N N 129 
GLN CD  OE1  doub N N 130 
GLN CD  NE2  sing N N 131 
GLN NE2 HE21 sing N N 132 
GLN NE2 HE22 sing N N 133 
GLN OXT HXT  sing N N 134 
GLU N   CA   sing N N 135 
GLU N   H    sing N N 136 
GLU N   H2   sing N N 137 
GLU CA  C    sing N N 138 
GLU CA  CB   sing N N 139 
GLU CA  HA   sing N N 140 
GLU C   O    doub N N 141 
GLU C   OXT  sing N N 142 
GLU CB  CG   sing N N 143 
GLU CB  HB2  sing N N 144 
GLU CB  HB3  sing N N 145 
GLU CG  CD   sing N N 146 
GLU CG  HG2  sing N N 147 
GLU CG  HG3  sing N N 148 
GLU CD  OE1  doub N N 149 
GLU CD  OE2  sing N N 150 
GLU OE2 HE2  sing N N 151 
GLU OXT HXT  sing N N 152 
GLY N   CA   sing N N 153 
GLY N   H    sing N N 154 
GLY N   H2   sing N N 155 
GLY CA  C    sing N N 156 
GLY CA  HA2  sing N N 157 
GLY CA  HA3  sing N N 158 
GLY C   O    doub N N 159 
GLY C   OXT  sing N N 160 
GLY OXT HXT  sing N N 161 
HIS N   CA   sing N N 162 
HIS N   H    sing N N 163 
HIS N   H2   sing N N 164 
HIS CA  C    sing N N 165 
HIS CA  CB   sing N N 166 
HIS CA  HA   sing N N 167 
HIS C   O    doub N N 168 
HIS C   OXT  sing N N 169 
HIS CB  CG   sing N N 170 
HIS CB  HB2  sing N N 171 
HIS CB  HB3  sing N N 172 
HIS CG  ND1  sing Y N 173 
HIS CG  CD2  doub Y N 174 
HIS ND1 CE1  doub Y N 175 
HIS ND1 HD1  sing N N 176 
HIS CD2 NE2  sing Y N 177 
HIS CD2 HD2  sing N N 178 
HIS CE1 NE2  sing Y N 179 
HIS CE1 HE1  sing N N 180 
HIS NE2 HE2  sing N N 181 
HIS OXT HXT  sing N N 182 
HOH O   H1   sing N N 183 
HOH O   H2   sing N N 184 
ILE N   CA   sing N N 185 
ILE N   H    sing N N 186 
ILE N   H2   sing N N 187 
ILE CA  C    sing N N 188 
ILE CA  CB   sing N N 189 
ILE CA  HA   sing N N 190 
ILE C   O    doub N N 191 
ILE C   OXT  sing N N 192 
ILE CB  CG1  sing N N 193 
ILE CB  CG2  sing N N 194 
ILE CB  HB   sing N N 195 
ILE CG1 CD1  sing N N 196 
ILE CG1 HG12 sing N N 197 
ILE CG1 HG13 sing N N 198 
ILE CG2 HG21 sing N N 199 
ILE CG2 HG22 sing N N 200 
ILE CG2 HG23 sing N N 201 
ILE CD1 HD11 sing N N 202 
ILE CD1 HD12 sing N N 203 
ILE CD1 HD13 sing N N 204 
ILE OXT HXT  sing N N 205 
LEU N   CA   sing N N 206 
LEU N   H    sing N N 207 
LEU N   H2   sing N N 208 
LEU CA  C    sing N N 209 
LEU CA  CB   sing N N 210 
LEU CA  HA   sing N N 211 
LEU C   O    doub N N 212 
LEU C   OXT  sing N N 213 
LEU CB  CG   sing N N 214 
LEU CB  HB2  sing N N 215 
LEU CB  HB3  sing N N 216 
LEU CG  CD1  sing N N 217 
LEU CG  CD2  sing N N 218 
LEU CG  HG   sing N N 219 
LEU CD1 HD11 sing N N 220 
LEU CD1 HD12 sing N N 221 
LEU CD1 HD13 sing N N 222 
LEU CD2 HD21 sing N N 223 
LEU CD2 HD22 sing N N 224 
LEU CD2 HD23 sing N N 225 
LEU OXT HXT  sing N N 226 
LYS N   CA   sing N N 227 
LYS N   H    sing N N 228 
LYS N   H2   sing N N 229 
LYS CA  C    sing N N 230 
LYS CA  CB   sing N N 231 
LYS CA  HA   sing N N 232 
LYS C   O    doub N N 233 
LYS C   OXT  sing N N 234 
LYS CB  CG   sing N N 235 
LYS CB  HB2  sing N N 236 
LYS CB  HB3  sing N N 237 
LYS CG  CD   sing N N 238 
LYS CG  HG2  sing N N 239 
LYS CG  HG3  sing N N 240 
LYS CD  CE   sing N N 241 
LYS CD  HD2  sing N N 242 
LYS CD  HD3  sing N N 243 
LYS CE  NZ   sing N N 244 
LYS CE  HE2  sing N N 245 
LYS CE  HE3  sing N N 246 
LYS NZ  HZ1  sing N N 247 
LYS NZ  HZ2  sing N N 248 
LYS NZ  HZ3  sing N N 249 
LYS OXT HXT  sing N N 250 
MBN C   C1   sing N N 251 
MBN C   H1   sing N N 252 
MBN C   H2A  sing N N 253 
MBN C   H3A  sing N N 254 
MBN C1  C2   doub Y N 255 
MBN C1  C6   sing Y N 256 
MBN C2  C3   sing Y N 257 
MBN C2  H2   sing N N 258 
MBN C3  C4   doub Y N 259 
MBN C3  H3   sing N N 260 
MBN C4  C5   sing Y N 261 
MBN C4  H4   sing N N 262 
MBN C5  C6   doub Y N 263 
MBN C5  H5   sing N N 264 
MBN C6  H6   sing N N 265 
MET N   CA   sing N N 266 
MET N   H    sing N N 267 
MET N   H2   sing N N 268 
MET CA  C    sing N N 269 
MET CA  CB   sing N N 270 
MET CA  HA   sing N N 271 
MET C   O    doub N N 272 
MET C   OXT  sing N N 273 
MET CB  CG   sing N N 274 
MET CB  HB2  sing N N 275 
MET CB  HB3  sing N N 276 
MET CG  SD   sing N N 277 
MET CG  HG2  sing N N 278 
MET CG  HG3  sing N N 279 
MET SD  CE   sing N N 280 
MET CE  HE1  sing N N 281 
MET CE  HE2  sing N N 282 
MET CE  HE3  sing N N 283 
MET OXT HXT  sing N N 284 
PHE N   CA   sing N N 285 
PHE N   H    sing N N 286 
PHE N   H2   sing N N 287 
PHE CA  C    sing N N 288 
PHE CA  CB   sing N N 289 
PHE CA  HA   sing N N 290 
PHE C   O    doub N N 291 
PHE C   OXT  sing N N 292 
PHE CB  CG   sing N N 293 
PHE CB  HB2  sing N N 294 
PHE CB  HB3  sing N N 295 
PHE CG  CD1  doub Y N 296 
PHE CG  CD2  sing Y N 297 
PHE CD1 CE1  sing Y N 298 
PHE CD1 HD1  sing N N 299 
PHE CD2 CE2  doub Y N 300 
PHE CD2 HD2  sing N N 301 
PHE CE1 CZ   doub Y N 302 
PHE CE1 HE1  sing N N 303 
PHE CE2 CZ   sing Y N 304 
PHE CE2 HE2  sing N N 305 
PHE CZ  HZ   sing N N 306 
PHE OXT HXT  sing N N 307 
PRO N   CA   sing N N 308 
PRO N   CD   sing N N 309 
PRO N   H    sing N N 310 
PRO CA  C    sing N N 311 
PRO CA  CB   sing N N 312 
PRO CA  HA   sing N N 313 
PRO C   O    doub N N 314 
PRO C   OXT  sing N N 315 
PRO CB  CG   sing N N 316 
PRO CB  HB2  sing N N 317 
PRO CB  HB3  sing N N 318 
PRO CG  CD   sing N N 319 
PRO CG  HG2  sing N N 320 
PRO CG  HG3  sing N N 321 
PRO CD  HD2  sing N N 322 
PRO CD  HD3  sing N N 323 
PRO OXT HXT  sing N N 324 
SER N   CA   sing N N 325 
SER N   H    sing N N 326 
SER N   H2   sing N N 327 
SER CA  C    sing N N 328 
SER CA  CB   sing N N 329 
SER CA  HA   sing N N 330 
SER C   O    doub N N 331 
SER C   OXT  sing N N 332 
SER CB  OG   sing N N 333 
SER CB  HB2  sing N N 334 
SER CB  HB3  sing N N 335 
SER OG  HG   sing N N 336 
SER OXT HXT  sing N N 337 
THR N   CA   sing N N 338 
THR N   H    sing N N 339 
THR N   H2   sing N N 340 
THR CA  C    sing N N 341 
THR CA  CB   sing N N 342 
THR CA  HA   sing N N 343 
THR C   O    doub N N 344 
THR C   OXT  sing N N 345 
THR CB  OG1  sing N N 346 
THR CB  CG2  sing N N 347 
THR CB  HB   sing N N 348 
THR OG1 HG1  sing N N 349 
THR CG2 HG21 sing N N 350 
THR CG2 HG22 sing N N 351 
THR CG2 HG23 sing N N 352 
THR OXT HXT  sing N N 353 
TRP N   CA   sing N N 354 
TRP N   H    sing N N 355 
TRP N   H2   sing N N 356 
TRP CA  C    sing N N 357 
TRP CA  CB   sing N N 358 
TRP CA  HA   sing N N 359 
TRP C   O    doub N N 360 
TRP C   OXT  sing N N 361 
TRP CB  CG   sing N N 362 
TRP CB  HB2  sing N N 363 
TRP CB  HB3  sing N N 364 
TRP CG  CD1  doub Y N 365 
TRP CG  CD2  sing Y N 366 
TRP CD1 NE1  sing Y N 367 
TRP CD1 HD1  sing N N 368 
TRP CD2 CE2  doub Y N 369 
TRP CD2 CE3  sing Y N 370 
TRP NE1 CE2  sing Y N 371 
TRP NE1 HE1  sing N N 372 
TRP CE2 CZ2  sing Y N 373 
TRP CE3 CZ3  doub Y N 374 
TRP CE3 HE3  sing N N 375 
TRP CZ2 CH2  doub Y N 376 
TRP CZ2 HZ2  sing N N 377 
TRP CZ3 CH2  sing Y N 378 
TRP CZ3 HZ3  sing N N 379 
TRP CH2 HH2  sing N N 380 
TRP OXT HXT  sing N N 381 
TYR N   CA   sing N N 382 
TYR N   H    sing N N 383 
TYR N   H2   sing N N 384 
TYR CA  C    sing N N 385 
TYR CA  CB   sing N N 386 
TYR CA  HA   sing N N 387 
TYR C   O    doub N N 388 
TYR C   OXT  sing N N 389 
TYR CB  CG   sing N N 390 
TYR CB  HB2  sing N N 391 
TYR CB  HB3  sing N N 392 
TYR CG  CD1  doub Y N 393 
TYR CG  CD2  sing Y N 394 
TYR CD1 CE1  sing Y N 395 
TYR CD1 HD1  sing N N 396 
TYR CD2 CE2  doub Y N 397 
TYR CD2 HD2  sing N N 398 
TYR CE1 CZ   doub Y N 399 
TYR CE1 HE1  sing N N 400 
TYR CE2 CZ   sing Y N 401 
TYR CE2 HE2  sing N N 402 
TYR CZ  OH   sing N N 403 
TYR OH  HH   sing N N 404 
TYR OXT HXT  sing N N 405 
VAL N   CA   sing N N 406 
VAL N   H    sing N N 407 
VAL N   H2   sing N N 408 
VAL CA  C    sing N N 409 
VAL CA  CB   sing N N 410 
VAL CA  HA   sing N N 411 
VAL C   O    doub N N 412 
VAL C   OXT  sing N N 413 
VAL CB  CG1  sing N N 414 
VAL CB  CG2  sing N N 415 
VAL CB  HB   sing N N 416 
VAL CG1 HG11 sing N N 417 
VAL CG1 HG12 sing N N 418 
VAL CG1 HG13 sing N N 419 
VAL CG2 HG21 sing N N 420 
VAL CG2 HG22 sing N N 421 
VAL CG2 HG23 sing N N 422 
VAL OXT HXT  sing N N 423 
# 
_pdbx_audit_support.funding_organization   
'National Institutes of Health/National Institute of General Medical Sciences (NIH/NIGMS)' 
_pdbx_audit_support.country                'United States' 
_pdbx_audit_support.grant_number           GM59957 
_pdbx_audit_support.ordinal                1 
# 
loop_
_pdbx_entity_nonpoly.entity_id 
_pdbx_entity_nonpoly.name 
_pdbx_entity_nonpoly.comp_id 
2 TOLUENE                                               MBN 
3 '4-(2-HYDROXYETHYL)-1-PIPERAZINE ETHANESULFONIC ACID' EPE 
4 water                                                 HOH 
# 
_pdbx_initial_refinement_model.id               1 
_pdbx_initial_refinement_model.entity_id_list   ? 
_pdbx_initial_refinement_model.type             'experimental model' 
_pdbx_initial_refinement_model.source_name      PDB 
_pdbx_initial_refinement_model.accession_code   181L 
_pdbx_initial_refinement_model.details          ? 
# 
